data_7DG9
# 
_entry.id   7DG9 
# 
_audit_conform.dict_name       mmcif_pdbx.dic 
_audit_conform.dict_version    5.392 
_audit_conform.dict_location   http://mmcif.pdb.org/dictionaries/ascii/mmcif_pdbx.dic 
# 
loop_
_database_2.database_id 
_database_2.database_code 
_database_2.pdbx_database_accession 
_database_2.pdbx_DOI 
PDB   7DG9         pdb_00007dg9 10.2210/pdb7dg9/pdb 
WWPDB D_1300019340 ?            ?                   
# 
loop_
_pdbx_audit_revision_history.ordinal 
_pdbx_audit_revision_history.data_content_type 
_pdbx_audit_revision_history.major_revision 
_pdbx_audit_revision_history.minor_revision 
_pdbx_audit_revision_history.revision_date 
1 'Structure model' 1 0 2021-09-29 
2 'Structure model' 1 1 2021-11-17 
3 'Structure model' 1 2 2024-05-29 
# 
_pdbx_audit_revision_details.ordinal             1 
_pdbx_audit_revision_details.revision_ordinal    1 
_pdbx_audit_revision_details.data_content_type   'Structure model' 
_pdbx_audit_revision_details.provider            repository 
_pdbx_audit_revision_details.type                'Initial release' 
_pdbx_audit_revision_details.description         ? 
_pdbx_audit_revision_details.details             ? 
# 
loop_
_pdbx_audit_revision_group.ordinal 
_pdbx_audit_revision_group.revision_ordinal 
_pdbx_audit_revision_group.data_content_type 
_pdbx_audit_revision_group.group 
1 2 'Structure model' 'Database references' 
2 3 'Structure model' 'Data collection'     
3 3 'Structure model' 'Database references' 
# 
loop_
_pdbx_audit_revision_category.ordinal 
_pdbx_audit_revision_category.revision_ordinal 
_pdbx_audit_revision_category.data_content_type 
_pdbx_audit_revision_category.category 
1 2 'Structure model' citation        
2 2 'Structure model' citation_author 
3 3 'Structure model' chem_comp_atom  
4 3 'Structure model' chem_comp_bond  
5 3 'Structure model' citation        
# 
_pdbx_audit_revision_item.ordinal             1 
_pdbx_audit_revision_item.revision_ordinal    3 
_pdbx_audit_revision_item.data_content_type   'Structure model' 
_pdbx_audit_revision_item.item                '_citation.journal_id_ISSN' 
# 
_pdbx_database_status.status_code                     REL 
_pdbx_database_status.status_code_sf                  REL 
_pdbx_database_status.status_code_mr                  ? 
_pdbx_database_status.entry_id                        7DG9 
_pdbx_database_status.recvd_initial_deposition_date   2020-11-11 
_pdbx_database_status.SG_entry                        N 
_pdbx_database_status.deposit_site                    PDBJ 
_pdbx_database_status.process_site                    PDBJ 
_pdbx_database_status.status_code_cs                  ? 
_pdbx_database_status.status_code_nmr_data            ? 
_pdbx_database_status.methods_development_category    ? 
_pdbx_database_status.pdb_format_compatible           Y 
# 
loop_
_audit_author.name 
_audit_author.pdbx_ordinal 
_audit_author.identifier_ORCID 
'Yagi, S.'   1 0000-0002-7117-3318 
'Tagami, S.' 2 0000-0002-1720-3627 
# 
loop_
_citation.abstract 
_citation.abstract_id_CAS 
_citation.book_id_ISBN 
_citation.book_publisher 
_citation.book_publisher_city 
_citation.book_title 
_citation.coordinate_linkage 
_citation.country 
_citation.database_id_Medline 
_citation.details 
_citation.id 
_citation.journal_abbrev 
_citation.journal_id_ASTM 
_citation.journal_id_CSD 
_citation.journal_id_ISSN 
_citation.journal_full 
_citation.journal_issue 
_citation.journal_volume 
_citation.language 
_citation.page_first 
_citation.page_last 
_citation.title 
_citation.year 
_citation.database_id_CSD 
_citation.pdbx_database_id_DOI 
_citation.pdbx_database_id_PubMed 
_citation.unpublished_flag 
? ? ? ? ? ? ? US ? ? primary J.Am.Chem.Soc. JACSAT ? 1520-5126 ? ? 143 ? 15998 16006 
'Seven Amino Acid Types Suffice to Create the Core Fold of RNA Polymerase.'     2021 ? 10.1021/jacs.1c05367      34559526 ? 
? ? ? ? ? ? ? US ? ? 1       Biorxiv        ?      ? 2692-8205 ? ? ?   ? ?     ?     
'Seven amino acid types suffice to reconstruct the core fold of RNA polymerase' 2021 ? 10.1101/2021.02.22.432383 ?        ? 
# 
loop_
_citation_author.citation_id 
_citation_author.name 
_citation_author.ordinal 
_citation_author.identifier_ORCID 
primary 'Yagi, S.'      1  ?                   
primary 'Padhi, A.K.'   2  ?                   
primary 'Vucinic, J.'   3  ?                   
primary 'Barbe, S.'     4  ?                   
primary 'Schiex, T.'    5  ?                   
primary 'Nakagawa, R.'  6  0000-0002-6178-2945 
primary 'Simoncini, D.' 7  ?                   
primary 'Zhang, K.Y.J.' 8  0000-0002-9282-8045 
primary 'Tagami, S.'    9  0000-0002-1720-3627 
1       'Yagi, S.'      10 ?                   
1       'Padhi, A.K.'   11 ?                   
1       'Vucinic, J.'   12 ?                   
1       'Barbe, S.'     13 ?                   
1       'Schiex, T.'    14 ?                   
1       'Nakagawa, R.'  15 ?                   
1       'Simoncini, D.' 16 ?                   
1       'Zhang, K.Y.J.' 17 ?                   
1       'Tagami, S.'    18 ?                   
# 
loop_
_entity.id 
_entity.type 
_entity.src_method 
_entity.pdbx_description 
_entity.formula_weight 
_entity.pdbx_number_of_molecules 
_entity.pdbx_ec 
_entity.pdbx_mutation 
_entity.pdbx_fragment 
_entity.details 
1 polymer     man 'Cell division control protein 48, AAA family' 10095.523 1   ? ? 'DPBB domain' ? 
2 non-polymer syn 'ZINC ION'                                     65.409    5   ? ? ?             ? 
3 water       nat water                                          18.015    138 ? ? ?             ? 
# 
_entity_name_com.entity_id   1 
_entity_name_com.name        'VCP-like ATPase' 
# 
_entity_poly.entity_id                      1 
_entity_poly.type                           'polypeptide(L)' 
_entity_poly.nstd_linkage                   no 
_entity_poly.nstd_monomer                   no 
_entity_poly.pdbx_seq_one_letter_code       
;GPMANSSVELRVSEAYPRDVGRKIVRIDRQTAARLGVEVGDFVKVSKGDRSVVAVVWPLRPDDEGRGIIRMDGYLRAALG
VTVGDTVTVEKAE
;
_entity_poly.pdbx_seq_one_letter_code_can   
;GPMANSSVELRVSEAYPRDVGRKIVRIDRQTAARLGVEVGDFVKVSKGDRSVVAVVWPLRPDDEGRGIIRMDGYLRAALG
VTVGDTVTVEKAE
;
_entity_poly.pdbx_strand_id                 A 
_entity_poly.pdbx_target_identifier         ? 
# 
loop_
_pdbx_entity_nonpoly.entity_id 
_pdbx_entity_nonpoly.name 
_pdbx_entity_nonpoly.comp_id 
2 'ZINC ION' ZN  
3 water      HOH 
# 
loop_
_entity_poly_seq.entity_id 
_entity_poly_seq.num 
_entity_poly_seq.mon_id 
_entity_poly_seq.hetero 
1 1  GLY n 
1 2  PRO n 
1 3  MET n 
1 4  ALA n 
1 5  ASN n 
1 6  SER n 
1 7  SER n 
1 8  VAL n 
1 9  GLU n 
1 10 LEU n 
1 11 ARG n 
1 12 VAL n 
1 13 SER n 
1 14 GLU n 
1 15 ALA n 
1 16 TYR n 
1 17 PRO n 
1 18 ARG n 
1 19 ASP n 
1 20 VAL n 
1 21 GLY n 
1 22 ARG n 
1 23 LYS n 
1 24 ILE n 
1 25 VAL n 
1 26 ARG n 
1 27 ILE n 
1 28 ASP n 
1 29 ARG n 
1 30 GLN n 
1 31 THR n 
1 32 ALA n 
1 33 ALA n 
1 34 ARG n 
1 35 LEU n 
1 36 GLY n 
1 37 VAL n 
1 38 GLU n 
1 39 VAL n 
1 40 GLY n 
1 41 ASP n 
1 42 PHE n 
1 43 VAL n 
1 44 LYS n 
1 45 VAL n 
1 46 SER n 
1 47 LYS n 
1 48 GLY n 
1 49 ASP n 
1 50 ARG n 
1 51 SER n 
1 52 VAL n 
1 53 VAL n 
1 54 ALA n 
1 55 VAL n 
1 56 VAL n 
1 57 TRP n 
1 58 PRO n 
1 59 LEU n 
1 60 ARG n 
1 61 PRO n 
1 62 ASP n 
1 63 ASP n 
1 64 GLU n 
1 65 GLY n 
1 66 ARG n 
1 67 GLY n 
1 68 ILE n 
1 69 ILE n 
1 70 ARG n 
1 71 MET n 
1 72 ASP n 
1 73 GLY n 
1 74 TYR n 
1 75 LEU n 
1 76 ARG n 
1 77 ALA n 
1 78 ALA n 
1 79 LEU n 
1 80 GLY n 
1 81 VAL n 
1 82 THR n 
1 83 VAL n 
1 84 GLY n 
1 85 ASP n 
1 86 THR n 
1 87 VAL n 
1 88 THR n 
1 89 VAL n 
1 90 GLU n 
1 91 LYS n 
1 92 ALA n 
1 93 GLU n 
# 
_entity_src_gen.entity_id                          1 
_entity_src_gen.pdbx_src_id                        1 
_entity_src_gen.pdbx_alt_source_flag               sample 
_entity_src_gen.pdbx_seq_type                      'Biological sequence' 
_entity_src_gen.pdbx_beg_seq_num                   1 
_entity_src_gen.pdbx_end_seq_num                   93 
_entity_src_gen.gene_src_common_name               ? 
_entity_src_gen.gene_src_genus                     ? 
_entity_src_gen.pdbx_gene_src_gene                 APE_1367 
_entity_src_gen.gene_src_species                   ? 
_entity_src_gen.gene_src_strain                    ? 
_entity_src_gen.gene_src_tissue                    ? 
_entity_src_gen.gene_src_tissue_fraction           ? 
_entity_src_gen.gene_src_details                   ? 
_entity_src_gen.pdbx_gene_src_fragment             ? 
_entity_src_gen.pdbx_gene_src_scientific_name      
'Aeropyrum pernix (strain ATCC 700893 / DSM 11879 / JCM 9820 / NBRC 100138 / K1)' 
_entity_src_gen.pdbx_gene_src_ncbi_taxonomy_id     272557 
_entity_src_gen.pdbx_gene_src_variant              ? 
_entity_src_gen.pdbx_gene_src_cell_line            ? 
_entity_src_gen.pdbx_gene_src_atcc                 ? 
_entity_src_gen.pdbx_gene_src_organ                ? 
_entity_src_gen.pdbx_gene_src_organelle            ? 
_entity_src_gen.pdbx_gene_src_cell                 ? 
_entity_src_gen.pdbx_gene_src_cellular_location    ? 
_entity_src_gen.host_org_common_name               ? 
_entity_src_gen.pdbx_host_org_scientific_name      'Escherichia coli BL21(DE3)' 
_entity_src_gen.pdbx_host_org_ncbi_taxonomy_id     469008 
_entity_src_gen.host_org_genus                     ? 
_entity_src_gen.pdbx_host_org_gene                 ? 
_entity_src_gen.pdbx_host_org_organ                ? 
_entity_src_gen.host_org_species                   ? 
_entity_src_gen.pdbx_host_org_tissue               ? 
_entity_src_gen.pdbx_host_org_tissue_fraction      ? 
_entity_src_gen.pdbx_host_org_strain               ? 
_entity_src_gen.pdbx_host_org_variant              ? 
_entity_src_gen.pdbx_host_org_cell_line            ? 
_entity_src_gen.pdbx_host_org_atcc                 ? 
_entity_src_gen.pdbx_host_org_culture_collection   ? 
_entity_src_gen.pdbx_host_org_cell                 ? 
_entity_src_gen.pdbx_host_org_organelle            ? 
_entity_src_gen.pdbx_host_org_cellular_location    ? 
_entity_src_gen.pdbx_host_org_vector_type          ? 
_entity_src_gen.pdbx_host_org_vector               ? 
_entity_src_gen.host_org_details                   ? 
_entity_src_gen.expression_system_id               ? 
_entity_src_gen.plasmid_name                       ? 
_entity_src_gen.plasmid_details                    ? 
_entity_src_gen.pdbx_description                   ? 
# 
loop_
_chem_comp.id 
_chem_comp.type 
_chem_comp.mon_nstd_flag 
_chem_comp.name 
_chem_comp.pdbx_synonyms 
_chem_comp.formula 
_chem_comp.formula_weight 
ALA 'L-peptide linking' y ALANINE         ? 'C3 H7 N O2'     89.093  
ARG 'L-peptide linking' y ARGININE        ? 'C6 H15 N4 O2 1' 175.209 
ASN 'L-peptide linking' y ASPARAGINE      ? 'C4 H8 N2 O3'    132.118 
ASP 'L-peptide linking' y 'ASPARTIC ACID' ? 'C4 H7 N O4'     133.103 
GLN 'L-peptide linking' y GLUTAMINE       ? 'C5 H10 N2 O3'   146.144 
GLU 'L-peptide linking' y 'GLUTAMIC ACID' ? 'C5 H9 N O4'     147.129 
GLY 'peptide linking'   y GLYCINE         ? 'C2 H5 N O2'     75.067  
HOH non-polymer         . WATER           ? 'H2 O'           18.015  
ILE 'L-peptide linking' y ISOLEUCINE      ? 'C6 H13 N O2'    131.173 
LEU 'L-peptide linking' y LEUCINE         ? 'C6 H13 N O2'    131.173 
LYS 'L-peptide linking' y LYSINE          ? 'C6 H15 N2 O2 1' 147.195 
MET 'L-peptide linking' y METHIONINE      ? 'C5 H11 N O2 S'  149.211 
PHE 'L-peptide linking' y PHENYLALANINE   ? 'C9 H11 N O2'    165.189 
PRO 'L-peptide linking' y PROLINE         ? 'C5 H9 N O2'     115.130 
SER 'L-peptide linking' y SERINE          ? 'C3 H7 N O3'     105.093 
THR 'L-peptide linking' y THREONINE       ? 'C4 H9 N O3'     119.119 
TRP 'L-peptide linking' y TRYPTOPHAN      ? 'C11 H12 N2 O2'  204.225 
TYR 'L-peptide linking' y TYROSINE        ? 'C9 H11 N O3'    181.189 
VAL 'L-peptide linking' y VALINE          ? 'C5 H11 N O2'    117.146 
ZN  non-polymer         . 'ZINC ION'      ? 'Zn 2'           65.409  
# 
loop_
_pdbx_poly_seq_scheme.asym_id 
_pdbx_poly_seq_scheme.entity_id 
_pdbx_poly_seq_scheme.seq_id 
_pdbx_poly_seq_scheme.mon_id 
_pdbx_poly_seq_scheme.ndb_seq_num 
_pdbx_poly_seq_scheme.pdb_seq_num 
_pdbx_poly_seq_scheme.auth_seq_num 
_pdbx_poly_seq_scheme.pdb_mon_id 
_pdbx_poly_seq_scheme.auth_mon_id 
_pdbx_poly_seq_scheme.pdb_strand_id 
_pdbx_poly_seq_scheme.pdb_ins_code 
_pdbx_poly_seq_scheme.hetero 
A 1 1  GLY 1  1  ?  ?   ?   A . n 
A 1 2  PRO 2  2  ?  ?   ?   A . n 
A 1 3  MET 3  3  3  MET MET A . n 
A 1 4  ALA 4  4  4  ALA ALA A . n 
A 1 5  ASN 5  5  5  ASN ASN A . n 
A 1 6  SER 6  6  6  SER SER A . n 
A 1 7  SER 7  7  7  SER SER A . n 
A 1 8  VAL 8  8  8  VAL VAL A . n 
A 1 9  GLU 9  9  9  GLU GLU A . n 
A 1 10 LEU 10 10 10 LEU LEU A . n 
A 1 11 ARG 11 11 11 ARG ARG A . n 
A 1 12 VAL 12 12 12 VAL VAL A . n 
A 1 13 SER 13 13 13 SER SER A . n 
A 1 14 GLU 14 14 14 GLU GLU A . n 
A 1 15 ALA 15 15 15 ALA ALA A . n 
A 1 16 TYR 16 16 16 TYR TYR A . n 
A 1 17 PRO 17 17 17 PRO PRO A . n 
A 1 18 ARG 18 18 18 ARG ARG A . n 
A 1 19 ASP 19 19 19 ASP ASP A . n 
A 1 20 VAL 20 20 20 VAL VAL A . n 
A 1 21 GLY 21 21 21 GLY GLY A . n 
A 1 22 ARG 22 22 22 ARG ARG A . n 
A 1 23 LYS 23 23 23 LYS LYS A . n 
A 1 24 ILE 24 24 24 ILE ILE A . n 
A 1 25 VAL 25 25 25 VAL VAL A . n 
A 1 26 ARG 26 26 26 ARG ARG A . n 
A 1 27 ILE 27 27 27 ILE ILE A . n 
A 1 28 ASP 28 28 28 ASP ASP A . n 
A 1 29 ARG 29 29 29 ARG ARG A . n 
A 1 30 GLN 30 30 30 GLN GLN A . n 
A 1 31 THR 31 31 31 THR THR A . n 
A 1 32 ALA 32 32 32 ALA ALA A . n 
A 1 33 ALA 33 33 33 ALA ALA A . n 
A 1 34 ARG 34 34 34 ARG ARG A . n 
A 1 35 LEU 35 35 35 LEU LEU A . n 
A 1 36 GLY 36 36 36 GLY GLY A . n 
A 1 37 VAL 37 37 37 VAL VAL A . n 
A 1 38 GLU 38 38 38 GLU GLU A . n 
A 1 39 VAL 39 39 39 VAL VAL A . n 
A 1 40 GLY 40 40 40 GLY GLY A . n 
A 1 41 ASP 41 41 41 ASP ASP A . n 
A 1 42 PHE 42 42 42 PHE PHE A . n 
A 1 43 VAL 43 43 43 VAL VAL A . n 
A 1 44 LYS 44 44 44 LYS LYS A . n 
A 1 45 VAL 45 45 45 VAL VAL A . n 
A 1 46 SER 46 46 46 SER SER A . n 
A 1 47 LYS 47 47 47 LYS LYS A . n 
A 1 48 GLY 48 48 48 GLY GLY A . n 
A 1 49 ASP 49 49 49 ASP ASP A . n 
A 1 50 ARG 50 50 50 ARG ARG A . n 
A 1 51 SER 51 51 51 SER SER A . n 
A 1 52 VAL 52 52 52 VAL VAL A . n 
A 1 53 VAL 53 53 53 VAL VAL A . n 
A 1 54 ALA 54 54 54 ALA ALA A . n 
A 1 55 VAL 55 55 55 VAL VAL A . n 
A 1 56 VAL 56 56 56 VAL VAL A . n 
A 1 57 TRP 57 57 57 TRP TRP A . n 
A 1 58 PRO 58 58 58 PRO PRO A . n 
A 1 59 LEU 59 59 59 LEU LEU A . n 
A 1 60 ARG 60 60 60 ARG ARG A . n 
A 1 61 PRO 61 61 61 PRO PRO A . n 
A 1 62 ASP 62 62 62 ASP ASP A . n 
A 1 63 ASP 63 63 63 ASP ASP A . n 
A 1 64 GLU 64 64 64 GLU GLU A . n 
A 1 65 GLY 65 65 65 GLY GLY A . n 
A 1 66 ARG 66 66 66 ARG ARG A . n 
A 1 67 GLY 67 67 67 GLY GLY A . n 
A 1 68 ILE 68 68 68 ILE ILE A . n 
A 1 69 ILE 69 69 69 ILE ILE A . n 
A 1 70 ARG 70 70 70 ARG ARG A . n 
A 1 71 MET 71 71 71 MET MET A . n 
A 1 72 ASP 72 72 72 ASP ASP A . n 
A 1 73 GLY 73 73 73 GLY GLY A . n 
A 1 74 TYR 74 74 74 TYR TYR A . n 
A 1 75 LEU 75 75 75 LEU LEU A . n 
A 1 76 ARG 76 76 76 ARG ARG A . n 
A 1 77 ALA 77 77 77 ALA ALA A . n 
A 1 78 ALA 78 78 78 ALA ALA A . n 
A 1 79 LEU 79 79 79 LEU LEU A . n 
A 1 80 GLY 80 80 80 GLY GLY A . n 
A 1 81 VAL 81 81 81 VAL VAL A . n 
A 1 82 THR 82 82 82 THR THR A . n 
A 1 83 VAL 83 83 83 VAL VAL A . n 
A 1 84 GLY 84 84 84 GLY GLY A . n 
A 1 85 ASP 85 85 85 ASP ASP A . n 
A 1 86 THR 86 86 86 THR THR A . n 
A 1 87 VAL 87 87 87 VAL VAL A . n 
A 1 88 THR 88 88 88 THR THR A . n 
A 1 89 VAL 89 89 89 VAL VAL A . n 
A 1 90 GLU 90 90 90 GLU GLU A . n 
A 1 91 LYS 91 91 91 LYS LYS A . n 
A 1 92 ALA 92 92 92 ALA ALA A . n 
A 1 93 GLU 93 93 ?  ?   ?   A . n 
# 
loop_
_pdbx_nonpoly_scheme.asym_id 
_pdbx_nonpoly_scheme.entity_id 
_pdbx_nonpoly_scheme.mon_id 
_pdbx_nonpoly_scheme.ndb_seq_num 
_pdbx_nonpoly_scheme.pdb_seq_num 
_pdbx_nonpoly_scheme.auth_seq_num 
_pdbx_nonpoly_scheme.pdb_mon_id 
_pdbx_nonpoly_scheme.auth_mon_id 
_pdbx_nonpoly_scheme.pdb_strand_id 
_pdbx_nonpoly_scheme.pdb_ins_code 
B 2 ZN  1   101 2   ZN  ZN  A . 
C 2 ZN  1   102 5   ZN  ZN  A . 
D 2 ZN  1   103 4   ZN  ZN  A . 
E 2 ZN  1   104 1   ZN  ZN  A . 
F 2 ZN  1   105 3   ZN  ZN  A . 
G 3 HOH 1   201 104 HOH HOH A . 
G 3 HOH 2   202 105 HOH HOH A . 
G 3 HOH 3   203 35  HOH HOH A . 
G 3 HOH 4   204 37  HOH HOH A . 
G 3 HOH 5   205 126 HOH HOH A . 
G 3 HOH 6   206 87  HOH HOH A . 
G 3 HOH 7   207 121 HOH HOH A . 
G 3 HOH 8   208 131 HOH HOH A . 
G 3 HOH 9   209 138 HOH HOH A . 
G 3 HOH 10  210 97  HOH HOH A . 
G 3 HOH 11  211 59  HOH HOH A . 
G 3 HOH 12  212 5   HOH HOH A . 
G 3 HOH 13  213 118 HOH HOH A . 
G 3 HOH 14  214 8   HOH HOH A . 
G 3 HOH 15  215 47  HOH HOH A . 
G 3 HOH 16  216 92  HOH HOH A . 
G 3 HOH 17  217 20  HOH HOH A . 
G 3 HOH 18  218 66  HOH HOH A . 
G 3 HOH 19  219 95  HOH HOH A . 
G 3 HOH 20  220 50  HOH HOH A . 
G 3 HOH 21  221 13  HOH HOH A . 
G 3 HOH 22  222 22  HOH HOH A . 
G 3 HOH 23  223 67  HOH HOH A . 
G 3 HOH 24  224 123 HOH HOH A . 
G 3 HOH 25  225 23  HOH HOH A . 
G 3 HOH 26  226 89  HOH HOH A . 
G 3 HOH 27  227 28  HOH HOH A . 
G 3 HOH 28  228 113 HOH HOH A . 
G 3 HOH 29  229 73  HOH HOH A . 
G 3 HOH 30  230 6   HOH HOH A . 
G 3 HOH 31  231 134 HOH HOH A . 
G 3 HOH 32  232 31  HOH HOH A . 
G 3 HOH 33  233 91  HOH HOH A . 
G 3 HOH 34  234 107 HOH HOH A . 
G 3 HOH 35  235 109 HOH HOH A . 
G 3 HOH 36  236 43  HOH HOH A . 
G 3 HOH 37  237 17  HOH HOH A . 
G 3 HOH 38  238 27  HOH HOH A . 
G 3 HOH 39  239 12  HOH HOH A . 
G 3 HOH 40  240 115 HOH HOH A . 
G 3 HOH 41  241 83  HOH HOH A . 
G 3 HOH 42  242 16  HOH HOH A . 
G 3 HOH 43  243 74  HOH HOH A . 
G 3 HOH 44  244 2   HOH HOH A . 
G 3 HOH 45  245 143 HOH HOH A . 
G 3 HOH 46  246 64  HOH HOH A . 
G 3 HOH 47  247 116 HOH HOH A . 
G 3 HOH 48  248 41  HOH HOH A . 
G 3 HOH 49  249 30  HOH HOH A . 
G 3 HOH 50  250 11  HOH HOH A . 
G 3 HOH 51  251 10  HOH HOH A . 
G 3 HOH 52  252 1   HOH HOH A . 
G 3 HOH 53  253 3   HOH HOH A . 
G 3 HOH 54  254 70  HOH HOH A . 
G 3 HOH 55  255 82  HOH HOH A . 
G 3 HOH 56  256 36  HOH HOH A . 
G 3 HOH 57  257 114 HOH HOH A . 
G 3 HOH 58  258 139 HOH HOH A . 
G 3 HOH 59  259 21  HOH HOH A . 
G 3 HOH 60  260 56  HOH HOH A . 
G 3 HOH 61  261 48  HOH HOH A . 
G 3 HOH 62  262 88  HOH HOH A . 
G 3 HOH 63  263 112 HOH HOH A . 
G 3 HOH 64  264 44  HOH HOH A . 
G 3 HOH 65  265 98  HOH HOH A . 
G 3 HOH 66  266 62  HOH HOH A . 
G 3 HOH 67  267 110 HOH HOH A . 
G 3 HOH 68  268 133 HOH HOH A . 
G 3 HOH 69  269 80  HOH HOH A . 
G 3 HOH 70  270 135 HOH HOH A . 
G 3 HOH 71  271 38  HOH HOH A . 
G 3 HOH 72  272 101 HOH HOH A . 
G 3 HOH 73  273 24  HOH HOH A . 
G 3 HOH 74  274 55  HOH HOH A . 
G 3 HOH 75  275 33  HOH HOH A . 
G 3 HOH 76  276 102 HOH HOH A . 
G 3 HOH 77  277 15  HOH HOH A . 
G 3 HOH 78  278 4   HOH HOH A . 
G 3 HOH 79  279 26  HOH HOH A . 
G 3 HOH 80  280 71  HOH HOH A . 
G 3 HOH 81  281 51  HOH HOH A . 
G 3 HOH 82  282 61  HOH HOH A . 
G 3 HOH 83  283 120 HOH HOH A . 
G 3 HOH 84  284 14  HOH HOH A . 
G 3 HOH 85  285 7   HOH HOH A . 
G 3 HOH 86  286 32  HOH HOH A . 
G 3 HOH 87  287 19  HOH HOH A . 
G 3 HOH 88  288 106 HOH HOH A . 
G 3 HOH 89  289 132 HOH HOH A . 
G 3 HOH 90  290 69  HOH HOH A . 
G 3 HOH 91  291 9   HOH HOH A . 
G 3 HOH 92  292 40  HOH HOH A . 
G 3 HOH 93  293 45  HOH HOH A . 
G 3 HOH 94  294 39  HOH HOH A . 
G 3 HOH 95  295 53  HOH HOH A . 
G 3 HOH 96  296 111 HOH HOH A . 
G 3 HOH 97  297 57  HOH HOH A . 
G 3 HOH 98  298 52  HOH HOH A . 
G 3 HOH 99  299 128 HOH HOH A . 
G 3 HOH 100 300 119 HOH HOH A . 
G 3 HOH 101 301 49  HOH HOH A . 
G 3 HOH 102 302 117 HOH HOH A . 
G 3 HOH 103 303 124 HOH HOH A . 
G 3 HOH 104 304 136 HOH HOH A . 
G 3 HOH 105 305 29  HOH HOH A . 
G 3 HOH 106 306 60  HOH HOH A . 
G 3 HOH 107 307 96  HOH HOH A . 
G 3 HOH 108 308 142 HOH HOH A . 
G 3 HOH 109 309 58  HOH HOH A . 
G 3 HOH 110 310 125 HOH HOH A . 
G 3 HOH 111 311 141 HOH HOH A . 
G 3 HOH 112 312 42  HOH HOH A . 
G 3 HOH 113 313 108 HOH HOH A . 
G 3 HOH 114 314 84  HOH HOH A . 
G 3 HOH 115 315 46  HOH HOH A . 
G 3 HOH 116 316 85  HOH HOH A . 
G 3 HOH 117 317 79  HOH HOH A . 
G 3 HOH 118 318 75  HOH HOH A . 
G 3 HOH 119 319 99  HOH HOH A . 
G 3 HOH 120 320 78  HOH HOH A . 
G 3 HOH 121 321 86  HOH HOH A . 
G 3 HOH 122 322 72  HOH HOH A . 
G 3 HOH 123 323 25  HOH HOH A . 
G 3 HOH 124 324 54  HOH HOH A . 
G 3 HOH 125 325 77  HOH HOH A . 
G 3 HOH 126 326 65  HOH HOH A . 
G 3 HOH 127 327 103 HOH HOH A . 
G 3 HOH 128 328 68  HOH HOH A . 
G 3 HOH 129 329 130 HOH HOH A . 
G 3 HOH 130 330 127 HOH HOH A . 
G 3 HOH 131 331 90  HOH HOH A . 
G 3 HOH 132 332 140 HOH HOH A . 
G 3 HOH 133 333 81  HOH HOH A . 
G 3 HOH 134 334 122 HOH HOH A . 
G 3 HOH 135 335 94  HOH HOH A . 
G 3 HOH 136 336 100 HOH HOH A . 
G 3 HOH 137 337 137 HOH HOH A . 
G 3 HOH 138 338 93  HOH HOH A . 
# 
loop_
_software.citation_id 
_software.classification 
_software.compiler_name 
_software.compiler_version 
_software.contact_author 
_software.contact_author_email 
_software.date 
_software.description 
_software.dependencies 
_software.hardware 
_software.language 
_software.location 
_software.mods 
_software.name 
_software.os 
_software.os_version 
_software.type 
_software.version 
_software.pdbx_ordinal 
? refinement        ? ? ? ? ? ? ? ? ? ? ? PHENIX      ? ? ? 1.14_3260 1 
? 'data extraction' ? ? ? ? ? ? ? ? ? ? ? PDB_EXTRACT ? ? ? 3.27      2 
? 'data reduction'  ? ? ? ? ? ? ? ? ? ? ? XDS         ? ? ? .         3 
? 'data scaling'    ? ? ? ? ? ? ? ? ? ? ? XDS         ? ? ? .         4 
? phasing           ? ? ? ? ? ? ? ? ? ? ? AutoSol     ? ? ? .         5 
# 
_cell.angle_alpha                  90.000 
_cell.angle_alpha_esd              ? 
_cell.angle_beta                   90.000 
_cell.angle_beta_esd               ? 
_cell.angle_gamma                  90.000 
_cell.angle_gamma_esd              ? 
_cell.entry_id                     7DG9 
_cell.details                      ? 
_cell.formula_units_Z              ? 
_cell.length_a                     26.040 
_cell.length_a_esd                 ? 
_cell.length_b                     31.066 
_cell.length_b_esd                 ? 
_cell.length_c                     94.156 
_cell.length_c_esd                 ? 
_cell.volume                       ? 
_cell.volume_esd                   ? 
_cell.Z_PDB                        4 
_cell.reciprocal_angle_alpha       ? 
_cell.reciprocal_angle_beta        ? 
_cell.reciprocal_angle_gamma       ? 
_cell.reciprocal_angle_alpha_esd   ? 
_cell.reciprocal_angle_beta_esd    ? 
_cell.reciprocal_angle_gamma_esd   ? 
_cell.reciprocal_length_a          ? 
_cell.reciprocal_length_b          ? 
_cell.reciprocal_length_c          ? 
_cell.reciprocal_length_a_esd      ? 
_cell.reciprocal_length_b_esd      ? 
_cell.reciprocal_length_c_esd      ? 
_cell.pdbx_unique_axis             ? 
# 
_symmetry.entry_id                         7DG9 
_symmetry.cell_setting                     ? 
_symmetry.Int_Tables_number                19 
_symmetry.space_group_name_Hall            ? 
_symmetry.space_group_name_H-M             'P 21 21 21' 
_symmetry.pdbx_full_space_group_name_H-M   ? 
# 
_exptl.absorpt_coefficient_mu     ? 
_exptl.absorpt_correction_T_max   ? 
_exptl.absorpt_correction_T_min   ? 
_exptl.absorpt_correction_type    ? 
_exptl.absorpt_process_details    ? 
_exptl.entry_id                   7DG9 
_exptl.crystals_number            1 
_exptl.details                    ? 
_exptl.method                     'X-RAY DIFFRACTION' 
_exptl.method_details             ? 
# 
_exptl_crystal.colour                      ? 
_exptl_crystal.density_diffrn              ? 
_exptl_crystal.density_Matthews            1.89 
_exptl_crystal.density_method              ? 
_exptl_crystal.density_percent_sol         34.79 
_exptl_crystal.description                 ? 
_exptl_crystal.F_000                       ? 
_exptl_crystal.id                          1 
_exptl_crystal.preparation                 ? 
_exptl_crystal.size_max                    ? 
_exptl_crystal.size_mid                    ? 
_exptl_crystal.size_min                    ? 
_exptl_crystal.size_rad                    ? 
_exptl_crystal.colour_lustre               ? 
_exptl_crystal.colour_modifier             ? 
_exptl_crystal.colour_primary              ? 
_exptl_crystal.density_meas                ? 
_exptl_crystal.density_meas_esd            ? 
_exptl_crystal.density_meas_gt             ? 
_exptl_crystal.density_meas_lt             ? 
_exptl_crystal.density_meas_temp           ? 
_exptl_crystal.density_meas_temp_esd       ? 
_exptl_crystal.density_meas_temp_gt        ? 
_exptl_crystal.density_meas_temp_lt        ? 
_exptl_crystal.pdbx_crystal_image_url      ? 
_exptl_crystal.pdbx_crystal_image_format   ? 
_exptl_crystal.pdbx_mosaicity              ? 
_exptl_crystal.pdbx_mosaicity_esd          ? 
# 
_exptl_crystal_grow.apparatus       ? 
_exptl_crystal_grow.atmosphere      ? 
_exptl_crystal_grow.crystal_id      1 
_exptl_crystal_grow.details         ? 
_exptl_crystal_grow.method          'VAPOR DIFFUSION, SITTING DROP' 
_exptl_crystal_grow.method_ref      ? 
_exptl_crystal_grow.pH              ? 
_exptl_crystal_grow.pressure        ? 
_exptl_crystal_grow.pressure_esd    ? 
_exptl_crystal_grow.seeding         ? 
_exptl_crystal_grow.seeding_ref     ? 
_exptl_crystal_grow.temp            293 
_exptl_crystal_grow.temp_details    ? 
_exptl_crystal_grow.temp_esd        ? 
_exptl_crystal_grow.time            ? 
_exptl_crystal_grow.pdbx_details    '100mM Sodium acetate pH4.5, 20% PEG 1000, 200mM Zinc acetate' 
_exptl_crystal_grow.pdbx_pH_range   ? 
# 
_diffrn.ambient_environment              ? 
_diffrn.ambient_temp                     100 
_diffrn.ambient_temp_details             ? 
_diffrn.ambient_temp_esd                 ? 
_diffrn.crystal_id                       1 
_diffrn.crystal_support                  ? 
_diffrn.crystal_treatment                ? 
_diffrn.details                          ? 
_diffrn.id                               1 
_diffrn.ambient_pressure                 ? 
_diffrn.ambient_pressure_esd             ? 
_diffrn.ambient_pressure_gt              ? 
_diffrn.ambient_pressure_lt              ? 
_diffrn.ambient_temp_gt                  ? 
_diffrn.ambient_temp_lt                  ? 
_diffrn.pdbx_serial_crystal_experiment   N 
# 
_diffrn_detector.details                      ? 
_diffrn_detector.detector                     CCD 
_diffrn_detector.diffrn_id                    1 
_diffrn_detector.type                         'RAYONIX MX225-HS' 
_diffrn_detector.area_resol_mean              ? 
_diffrn_detector.dtime                        ? 
_diffrn_detector.pdbx_frames_total            ? 
_diffrn_detector.pdbx_collection_time_total   ? 
_diffrn_detector.pdbx_collection_date         2019-10-31 
_diffrn_detector.pdbx_frequency               ? 
# 
_diffrn_radiation.collimation                      ? 
_diffrn_radiation.diffrn_id                        1 
_diffrn_radiation.filter_edge                      ? 
_diffrn_radiation.inhomogeneity                    ? 
_diffrn_radiation.monochromator                    ? 
_diffrn_radiation.polarisn_norm                    ? 
_diffrn_radiation.polarisn_ratio                   ? 
_diffrn_radiation.probe                            ? 
_diffrn_radiation.type                             ? 
_diffrn_radiation.xray_symbol                      ? 
_diffrn_radiation.wavelength_id                    1 
_diffrn_radiation.pdbx_monochromatic_or_laue_m_l   M 
_diffrn_radiation.pdbx_wavelength_list             ? 
_diffrn_radiation.pdbx_wavelength                  ? 
_diffrn_radiation.pdbx_diffrn_protocol             'SINGLE WAVELENGTH' 
_diffrn_radiation.pdbx_analyzer                    ? 
_diffrn_radiation.pdbx_scattering_type             x-ray 
# 
_diffrn_radiation_wavelength.id           1 
_diffrn_radiation_wavelength.wavelength   1 
_diffrn_radiation_wavelength.wt           1.0 
# 
_diffrn_source.current                     ? 
_diffrn_source.details                     ? 
_diffrn_source.diffrn_id                   1 
_diffrn_source.power                       ? 
_diffrn_source.size                        ? 
_diffrn_source.source                      SYNCHROTRON 
_diffrn_source.target                      ? 
_diffrn_source.type                        'SPRING-8 BEAMLINE BL26B2' 
_diffrn_source.voltage                     ? 
_diffrn_source.take-off_angle              ? 
_diffrn_source.pdbx_wavelength_list        1 
_diffrn_source.pdbx_wavelength             ? 
_diffrn_source.pdbx_synchrotron_beamline   BL26B2 
_diffrn_source.pdbx_synchrotron_site       SPring-8 
# 
_reflns.B_iso_Wilson_estimate            ? 
_reflns.entry_id                         7DG9 
_reflns.data_reduction_details           ? 
_reflns.data_reduction_method            ? 
_reflns.d_resolution_high                1.60 
_reflns.d_resolution_low                 50 
_reflns.details                          ? 
_reflns.limit_h_max                      ? 
_reflns.limit_h_min                      ? 
_reflns.limit_k_max                      ? 
_reflns.limit_k_min                      ? 
_reflns.limit_l_max                      ? 
_reflns.limit_l_min                      ? 
_reflns.number_all                       ? 
_reflns.number_obs                       19200 
_reflns.observed_criterion               ? 
_reflns.observed_criterion_F_max         ? 
_reflns.observed_criterion_F_min         ? 
_reflns.observed_criterion_I_max         ? 
_reflns.observed_criterion_I_min         ? 
_reflns.observed_criterion_sigma_F       ? 
_reflns.observed_criterion_sigma_I       ? 
_reflns.percent_possible_obs             98.8 
_reflns.R_free_details                   ? 
_reflns.Rmerge_F_all                     ? 
_reflns.Rmerge_F_obs                     ? 
_reflns.Friedel_coverage                 ? 
_reflns.number_gt                        ? 
_reflns.threshold_expression             ? 
_reflns.pdbx_redundancy                  7.21 
_reflns.pdbx_Rmerge_I_obs                ? 
_reflns.pdbx_Rmerge_I_all                ? 
_reflns.pdbx_Rsym_value                  ? 
_reflns.pdbx_netI_over_av_sigmaI         ? 
_reflns.pdbx_netI_over_sigmaI            33.41 
_reflns.pdbx_res_netI_over_av_sigmaI_2   ? 
_reflns.pdbx_res_netI_over_sigmaI_2      ? 
_reflns.pdbx_chi_squared                 ? 
_reflns.pdbx_scaling_rejects             ? 
_reflns.pdbx_d_res_high_opt              ? 
_reflns.pdbx_d_res_low_opt               ? 
_reflns.pdbx_d_res_opt_method            ? 
_reflns.phase_calculation_details        ? 
_reflns.pdbx_Rrim_I_all                  ? 
_reflns.pdbx_Rpim_I_all                  ? 
_reflns.pdbx_d_opt                       ? 
_reflns.pdbx_number_measured_all         ? 
_reflns.pdbx_diffrn_id                   1 
_reflns.pdbx_ordinal                     1 
_reflns.pdbx_CC_half                     0.999 
_reflns.pdbx_CC_star                     ? 
_reflns.pdbx_R_split                     ? 
# 
_reflns_shell.d_res_high                  1.60 
_reflns_shell.d_res_low                   1.70 
_reflns_shell.meanI_over_sigI_all         ? 
_reflns_shell.meanI_over_sigI_obs         ? 
_reflns_shell.number_measured_all         ? 
_reflns_shell.number_measured_obs         ? 
_reflns_shell.number_possible             ? 
_reflns_shell.number_unique_all           ? 
_reflns_shell.number_unique_obs           1569 
_reflns_shell.percent_possible_all        ? 
_reflns_shell.percent_possible_obs        ? 
_reflns_shell.Rmerge_F_all                ? 
_reflns_shell.Rmerge_F_obs                ? 
_reflns_shell.Rmerge_I_all                ? 
_reflns_shell.Rmerge_I_obs                ? 
_reflns_shell.meanI_over_sigI_gt          ? 
_reflns_shell.meanI_over_uI_all           ? 
_reflns_shell.meanI_over_uI_gt            ? 
_reflns_shell.number_measured_gt          ? 
_reflns_shell.number_unique_gt            ? 
_reflns_shell.percent_possible_gt         ? 
_reflns_shell.Rmerge_F_gt                 ? 
_reflns_shell.Rmerge_I_gt                 ? 
_reflns_shell.pdbx_redundancy             ? 
_reflns_shell.pdbx_Rsym_value             ? 
_reflns_shell.pdbx_chi_squared            ? 
_reflns_shell.pdbx_netI_over_sigmaI_all   ? 
_reflns_shell.pdbx_netI_over_sigmaI_obs   ? 
_reflns_shell.pdbx_Rrim_I_all             ? 
_reflns_shell.pdbx_Rpim_I_all             ? 
_reflns_shell.pdbx_rejects                ? 
_reflns_shell.pdbx_ordinal                1 
_reflns_shell.pdbx_diffrn_id              1 
_reflns_shell.pdbx_CC_half                0.979 
_reflns_shell.pdbx_CC_star                ? 
_reflns_shell.pdbx_R_split                ? 
# 
_refine.aniso_B[1][1]                            ? 
_refine.aniso_B[1][2]                            ? 
_refine.aniso_B[1][3]                            ? 
_refine.aniso_B[2][2]                            ? 
_refine.aniso_B[2][3]                            ? 
_refine.aniso_B[3][3]                            ? 
_refine.B_iso_max                                50.080 
_refine.B_iso_mean                               14.9658 
_refine.B_iso_min                                4.230 
_refine.correlation_coeff_Fo_to_Fc               ? 
_refine.correlation_coeff_Fo_to_Fc_free          ? 
_refine.details                                  ? 
_refine.diff_density_max                         ? 
_refine.diff_density_max_esd                     ? 
_refine.diff_density_min                         ? 
_refine.diff_density_min_esd                     ? 
_refine.diff_density_rms                         ? 
_refine.diff_density_rms_esd                     ? 
_refine.entry_id                                 7DG9 
_refine.pdbx_refine_id                           'X-RAY DIFFRACTION' 
_refine.ls_abs_structure_details                 ? 
_refine.ls_abs_structure_Flack                   ? 
_refine.ls_abs_structure_Flack_esd               ? 
_refine.ls_abs_structure_Rogers                  ? 
_refine.ls_abs_structure_Rogers_esd              ? 
_refine.ls_d_res_high                            1.6020 
_refine.ls_d_res_low                             47.0780 
_refine.ls_extinction_coef                       ? 
_refine.ls_extinction_coef_esd                   ? 
_refine.ls_extinction_expression                 ? 
_refine.ls_extinction_method                     ? 
_refine.ls_goodness_of_fit_all                   ? 
_refine.ls_goodness_of_fit_all_esd               ? 
_refine.ls_goodness_of_fit_obs                   ? 
_refine.ls_goodness_of_fit_obs_esd               ? 
_refine.ls_hydrogen_treatment                    ? 
_refine.ls_matrix_type                           ? 
_refine.ls_number_constraints                    ? 
_refine.ls_number_parameters                     ? 
_refine.ls_number_reflns_all                     ? 
_refine.ls_number_reflns_obs                     19198 
_refine.ls_number_reflns_R_free                  1922 
_refine.ls_number_reflns_R_work                  17276 
_refine.ls_number_restraints                     ? 
_refine.ls_percent_reflns_obs                    98.8200 
_refine.ls_percent_reflns_R_free                 10.0100 
_refine.ls_R_factor_all                          ? 
_refine.ls_R_factor_obs                          0.1728 
_refine.ls_R_factor_R_free                       0.2068 
_refine.ls_R_factor_R_free_error                 ? 
_refine.ls_R_factor_R_free_error_details         ? 
_refine.ls_R_factor_R_work                       0.1691 
_refine.ls_R_Fsqd_factor_obs                     ? 
_refine.ls_R_I_factor_obs                        ? 
_refine.ls_redundancy_reflns_all                 ? 
_refine.ls_redundancy_reflns_obs                 ? 
_refine.ls_restrained_S_all                      ? 
_refine.ls_restrained_S_obs                      ? 
_refine.ls_shift_over_esd_max                    ? 
_refine.ls_shift_over_esd_mean                   ? 
_refine.ls_structure_factor_coef                 ? 
_refine.ls_weighting_details                     ? 
_refine.ls_weighting_scheme                      ? 
_refine.ls_wR_factor_all                         ? 
_refine.ls_wR_factor_obs                         ? 
_refine.ls_wR_factor_R_free                      ? 
_refine.ls_wR_factor_R_work                      ? 
_refine.occupancy_max                            ? 
_refine.occupancy_min                            ? 
_refine.solvent_model_details                    'FLAT BULK SOLVENT MODEL' 
_refine.solvent_model_param_bsol                 ? 
_refine.solvent_model_param_ksol                 ? 
_refine.pdbx_R_complete                          ? 
_refine.ls_R_factor_gt                           ? 
_refine.ls_goodness_of_fit_gt                    ? 
_refine.ls_goodness_of_fit_ref                   ? 
_refine.ls_shift_over_su_max                     ? 
_refine.ls_shift_over_su_max_lt                  ? 
_refine.ls_shift_over_su_mean                    ? 
_refine.ls_shift_over_su_mean_lt                 ? 
_refine.pdbx_ls_sigma_I                          ? 
_refine.pdbx_ls_sigma_F                          1.360 
_refine.pdbx_ls_sigma_Fsqd                       ? 
_refine.pdbx_data_cutoff_high_absF               ? 
_refine.pdbx_data_cutoff_high_rms_absF           ? 
_refine.pdbx_data_cutoff_low_absF                ? 
_refine.pdbx_isotropic_thermal_model             ? 
_refine.pdbx_ls_cross_valid_method               THROUGHOUT 
_refine.pdbx_method_to_determine_struct          SAD 
_refine.pdbx_starting_model                      ? 
_refine.pdbx_stereochemistry_target_values       ML 
_refine.pdbx_R_Free_selection_details            ? 
_refine.pdbx_stereochem_target_val_spec_case     ? 
_refine.pdbx_overall_ESU_R                       ? 
_refine.pdbx_overall_ESU_R_Free                  ? 
_refine.pdbx_solvent_vdw_probe_radii             1.1100 
_refine.pdbx_solvent_ion_probe_radii             ? 
_refine.pdbx_solvent_shrinkage_radii             0.9000 
_refine.pdbx_real_space_R                        ? 
_refine.pdbx_density_correlation                 ? 
_refine.pdbx_pd_number_of_powder_patterns        ? 
_refine.pdbx_pd_number_of_points                 ? 
_refine.pdbx_pd_meas_number_of_points            ? 
_refine.pdbx_pd_proc_ls_prof_R_factor            ? 
_refine.pdbx_pd_proc_ls_prof_wR_factor           ? 
_refine.pdbx_pd_Marquardt_correlation_coeff      ? 
_refine.pdbx_pd_Fsqrd_R_factor                   ? 
_refine.pdbx_pd_ls_matrix_band_width             ? 
_refine.pdbx_overall_phase_error                 18.3000 
_refine.pdbx_overall_SU_R_free_Cruickshank_DPI   ? 
_refine.pdbx_overall_SU_R_free_Blow_DPI          ? 
_refine.pdbx_overall_SU_R_Blow_DPI               ? 
_refine.pdbx_TLS_residual_ADP_flag               ? 
_refine.pdbx_diffrn_id                           1 
_refine.overall_SU_B                             ? 
_refine.overall_SU_ML                            0.1400 
_refine.overall_SU_R_Cruickshank_DPI             ? 
_refine.overall_SU_R_free                        ? 
_refine.overall_FOM_free_R_set                   ? 
_refine.overall_FOM_work_R_set                   ? 
_refine.pdbx_average_fsc_overall                 ? 
_refine.pdbx_average_fsc_work                    ? 
_refine.pdbx_average_fsc_free                    ? 
# 
_refine_hist.pdbx_refine_id                   'X-RAY DIFFRACTION' 
_refine_hist.cycle_id                         final 
_refine_hist.details                          ? 
_refine_hist.d_res_high                       1.6020 
_refine_hist.d_res_low                        47.0780 
_refine_hist.number_atoms_solvent             138 
_refine_hist.number_atoms_total               830 
_refine_hist.number_reflns_all                ? 
_refine_hist.number_reflns_obs                ? 
_refine_hist.number_reflns_R_free             ? 
_refine_hist.number_reflns_R_work             ? 
_refine_hist.R_factor_all                     ? 
_refine_hist.R_factor_obs                     ? 
_refine_hist.R_factor_R_free                  ? 
_refine_hist.R_factor_R_work                  ? 
_refine_hist.pdbx_number_residues_total       90 
_refine_hist.pdbx_B_iso_mean_ligand           24.79 
_refine_hist.pdbx_B_iso_mean_solvent          26.85 
_refine_hist.pdbx_number_atoms_protein        687 
_refine_hist.pdbx_number_atoms_nucleic_acid   0 
_refine_hist.pdbx_number_atoms_ligand         5 
_refine_hist.pdbx_number_atoms_lipid          ? 
_refine_hist.pdbx_number_atoms_carb           ? 
_refine_hist.pdbx_pseudo_atom_details         ? 
# 
loop_
_refine_ls_shell.pdbx_refine_id 
_refine_ls_shell.d_res_high 
_refine_ls_shell.d_res_low 
_refine_ls_shell.number_reflns_all 
_refine_ls_shell.number_reflns_obs 
_refine_ls_shell.number_reflns_R_free 
_refine_ls_shell.number_reflns_R_work 
_refine_ls_shell.percent_reflns_obs 
_refine_ls_shell.percent_reflns_R_free 
_refine_ls_shell.R_factor_all 
_refine_ls_shell.R_factor_obs 
_refine_ls_shell.R_factor_R_free 
_refine_ls_shell.R_factor_R_free_error 
_refine_ls_shell.R_factor_R_work 
_refine_ls_shell.redundancy_reflns_all 
_refine_ls_shell.redundancy_reflns_obs 
_refine_ls_shell.wR_factor_all 
_refine_ls_shell.wR_factor_obs 
_refine_ls_shell.wR_factor_R_free 
_refine_ls_shell.wR_factor_R_work 
_refine_ls_shell.pdbx_R_complete 
_refine_ls_shell.pdbx_total_number_of_bins_used 
_refine_ls_shell.pdbx_phase_error 
_refine_ls_shell.pdbx_fsc_work 
_refine_ls_shell.pdbx_fsc_free 
'X-RAY DIFFRACTION' 1.6020 1.6417  . . 140 1256 100.0000 . . . 0.2120 0.0000 0.1868 . . . . . . . . . . . 
'X-RAY DIFFRACTION' 1.6417 1.6861  . . 139 1250 100.0000 . . . 0.2337 0.0000 0.1748 . . . . . . . . . . . 
'X-RAY DIFFRACTION' 1.6861 1.7357  . . 141 1268 100.0000 . . . 0.1698 0.0000 0.1700 . . . . . . . . . . . 
'X-RAY DIFFRACTION' 1.7357 1.7917  . . 133 1194 100.0000 . . . 0.1962 0.0000 0.1702 . . . . . . . . . . . 
'X-RAY DIFFRACTION' 1.7917 1.8558  . . 147 1282 100.0000 . . . 0.2262 0.0000 0.1735 . . . . . . . . . . . 
'X-RAY DIFFRACTION' 1.8558 1.9301  . . 133 1257 100.0000 . . . 0.2100 0.0000 0.1688 . . . . . . . . . . . 
'X-RAY DIFFRACTION' 1.9301 2.0179  . . 138 1237 100.0000 . . . 0.2309 0.0000 0.1692 . . . . . . . . . . . 
'X-RAY DIFFRACTION' 2.0179 2.1243  . . 139 1239 100.0000 . . . 0.1874 0.0000 0.1617 . . . . . . . . . . . 
'X-RAY DIFFRACTION' 2.1243 2.2574  . . 142 1256 100.0000 . . . 0.2128 0.0000 0.1596 . . . . . . . . . . . 
'X-RAY DIFFRACTION' 2.2574 2.4317  . . 138 1243 100.0000 . . . 0.2647 0.0000 0.1662 . . . . . . . . . . . 
'X-RAY DIFFRACTION' 2.4317 2.6764  . . 142 1241 100.0000 . . . 0.2074 0.0000 0.1680 . . . . . . . . . . . 
'X-RAY DIFFRACTION' 2.6764 3.0636  . . 137 1249 100.0000 . . . 0.1969 0.0000 0.1754 . . . . . . . . . . . 
'X-RAY DIFFRACTION' 3.0636 3.8595  . . 138 1224 98.0000  . . . 0.1749 0.0000 0.1586 . . . . . . . . . . . 
'X-RAY DIFFRACTION' 3.8595 47.0780 . . 115 1080 86.0000  . . . 0.2143 0.0000 0.1799 . . . . . . . . . . . 
# 
_struct.entry_id                     7DG9 
_struct.title                        'DPBB domain of VCP-like ATPase from Aeropyrum pernix' 
_struct.pdbx_model_details           ? 
_struct.pdbx_formula_weight          ? 
_struct.pdbx_formula_weight_method   ? 
_struct.pdbx_model_type_details      ? 
_struct.pdbx_CASP_flag               N 
# 
_struct_keywords.entry_id        7DG9 
_struct_keywords.text            'Double psi beta barrel, CHAPERONE' 
_struct_keywords.pdbx_keywords   CHAPERONE 
# 
loop_
_struct_asym.id 
_struct_asym.pdbx_blank_PDB_chainid_flag 
_struct_asym.pdbx_modified 
_struct_asym.entity_id 
_struct_asym.details 
A N N 1 ? 
B N N 2 ? 
C N N 2 ? 
D N N 2 ? 
E N N 2 ? 
F N N 2 ? 
G N N 3 ? 
# 
_struct_ref.id                         1 
_struct_ref.db_name                    UNP 
_struct_ref.db_code                    Q9YC86_AERPE 
_struct_ref.pdbx_db_accession          Q9YC86 
_struct_ref.pdbx_db_isoform            ? 
_struct_ref.entity_id                  1 
_struct_ref.pdbx_seq_one_letter_code   
;MANSSVELRVSEAYPRDVGRKIVRIDRQTAARLGVEVGDFVKVSKGDRSVVAVVWPLRPDDEGRGIIRMDGYLRAALGVT
VGDTVTVEKAE
;
_struct_ref.pdbx_align_begin           1 
# 
_struct_ref_seq.align_id                      1 
_struct_ref_seq.ref_id                        1 
_struct_ref_seq.pdbx_PDB_id_code              7DG9 
_struct_ref_seq.pdbx_strand_id                A 
_struct_ref_seq.seq_align_beg                 3 
_struct_ref_seq.pdbx_seq_align_beg_ins_code   ? 
_struct_ref_seq.seq_align_end                 93 
_struct_ref_seq.pdbx_seq_align_end_ins_code   ? 
_struct_ref_seq.pdbx_db_accession             Q9YC86 
_struct_ref_seq.db_align_beg                  1 
_struct_ref_seq.pdbx_db_align_beg_ins_code    ? 
_struct_ref_seq.db_align_end                  91 
_struct_ref_seq.pdbx_db_align_end_ins_code    ? 
_struct_ref_seq.pdbx_auth_seq_align_beg       3 
_struct_ref_seq.pdbx_auth_seq_align_end       93 
# 
loop_
_struct_ref_seq_dif.align_id 
_struct_ref_seq_dif.pdbx_pdb_id_code 
_struct_ref_seq_dif.mon_id 
_struct_ref_seq_dif.pdbx_pdb_strand_id 
_struct_ref_seq_dif.seq_num 
_struct_ref_seq_dif.pdbx_pdb_ins_code 
_struct_ref_seq_dif.pdbx_seq_db_name 
_struct_ref_seq_dif.pdbx_seq_db_accession_code 
_struct_ref_seq_dif.db_mon_id 
_struct_ref_seq_dif.pdbx_seq_db_seq_num 
_struct_ref_seq_dif.details 
_struct_ref_seq_dif.pdbx_auth_seq_num 
_struct_ref_seq_dif.pdbx_ordinal 
1 7DG9 GLY A 1 ? UNP Q9YC86 ? ? 'expression tag' 1 1 
1 7DG9 PRO A 2 ? UNP Q9YC86 ? ? 'expression tag' 2 2 
# 
_pdbx_struct_assembly.id                   1 
_pdbx_struct_assembly.details              author_and_software_defined_assembly 
_pdbx_struct_assembly.method_details       PISA 
_pdbx_struct_assembly.oligomeric_details   monomeric 
_pdbx_struct_assembly.oligomeric_count     1 
# 
loop_
_pdbx_struct_assembly_prop.biol_id 
_pdbx_struct_assembly_prop.type 
_pdbx_struct_assembly_prop.value 
_pdbx_struct_assembly_prop.details 
1 'ABSA (A^2)' 200  ? 
1 MORE         -56  ? 
1 'SSA (A^2)'  5340 ? 
# 
_pdbx_struct_assembly_gen.assembly_id       1 
_pdbx_struct_assembly_gen.oper_expression   1 
_pdbx_struct_assembly_gen.asym_id_list      A,B,C,D,E,F,G 
# 
_pdbx_struct_assembly_auth_evidence.id                     1 
_pdbx_struct_assembly_auth_evidence.assembly_id            1 
_pdbx_struct_assembly_auth_evidence.experimental_support   'gel filtration' 
_pdbx_struct_assembly_auth_evidence.details                ? 
# 
_pdbx_struct_oper_list.id                   1 
_pdbx_struct_oper_list.type                 'identity operation' 
_pdbx_struct_oper_list.name                 1_555 
_pdbx_struct_oper_list.symmetry_operation   x,y,z 
_pdbx_struct_oper_list.matrix[1][1]         1.0000000000 
_pdbx_struct_oper_list.matrix[1][2]         0.0000000000 
_pdbx_struct_oper_list.matrix[1][3]         0.0000000000 
_pdbx_struct_oper_list.vector[1]            0.0000000000 
_pdbx_struct_oper_list.matrix[2][1]         0.0000000000 
_pdbx_struct_oper_list.matrix[2][2]         1.0000000000 
_pdbx_struct_oper_list.matrix[2][3]         0.0000000000 
_pdbx_struct_oper_list.vector[2]            0.0000000000 
_pdbx_struct_oper_list.matrix[3][1]         0.0000000000 
_pdbx_struct_oper_list.matrix[3][2]         0.0000000000 
_pdbx_struct_oper_list.matrix[3][3]         1.0000000000 
_pdbx_struct_oper_list.vector[3]            0.0000000000 
# 
loop_
_struct_conf.conf_type_id 
_struct_conf.id 
_struct_conf.pdbx_PDB_helix_id 
_struct_conf.beg_label_comp_id 
_struct_conf.beg_label_asym_id 
_struct_conf.beg_label_seq_id 
_struct_conf.pdbx_beg_PDB_ins_code 
_struct_conf.end_label_comp_id 
_struct_conf.end_label_asym_id 
_struct_conf.end_label_seq_id 
_struct_conf.pdbx_end_PDB_ins_code 
_struct_conf.beg_auth_comp_id 
_struct_conf.beg_auth_asym_id 
_struct_conf.beg_auth_seq_id 
_struct_conf.end_auth_comp_id 
_struct_conf.end_auth_asym_id 
_struct_conf.end_auth_seq_id 
_struct_conf.pdbx_PDB_helix_class 
_struct_conf.details 
_struct_conf.pdbx_PDB_helix_length 
HELX_P HELX_P1 AA1 TYR A 16 ? VAL A 20 ? TYR A 16 VAL A 20 5 ? 5 
HELX_P HELX_P2 AA2 ASP A 28 ? GLY A 36 ? ASP A 28 GLY A 36 1 ? 9 
HELX_P HELX_P3 AA3 ARG A 60 ? GLU A 64 ? ARG A 60 GLU A 64 5 ? 5 
HELX_P HELX_P4 AA4 ASP A 72 ? GLY A 80 ? ASP A 72 GLY A 80 1 ? 9 
# 
_struct_conf_type.id          HELX_P 
_struct_conf_type.criteria    ? 
_struct_conf_type.reference   ? 
# 
loop_
_struct_conn.id 
_struct_conn.conn_type_id 
_struct_conn.pdbx_leaving_atom_flag 
_struct_conn.pdbx_PDB_id 
_struct_conn.ptnr1_label_asym_id 
_struct_conn.ptnr1_label_comp_id 
_struct_conn.ptnr1_label_seq_id 
_struct_conn.ptnr1_label_atom_id 
_struct_conn.pdbx_ptnr1_label_alt_id 
_struct_conn.pdbx_ptnr1_PDB_ins_code 
_struct_conn.pdbx_ptnr1_standard_comp_id 
_struct_conn.ptnr1_symmetry 
_struct_conn.ptnr2_label_asym_id 
_struct_conn.ptnr2_label_comp_id 
_struct_conn.ptnr2_label_seq_id 
_struct_conn.ptnr2_label_atom_id 
_struct_conn.pdbx_ptnr2_label_alt_id 
_struct_conn.pdbx_ptnr2_PDB_ins_code 
_struct_conn.ptnr1_auth_asym_id 
_struct_conn.ptnr1_auth_comp_id 
_struct_conn.ptnr1_auth_seq_id 
_struct_conn.ptnr2_auth_asym_id 
_struct_conn.ptnr2_auth_comp_id 
_struct_conn.ptnr2_auth_seq_id 
_struct_conn.ptnr2_symmetry 
_struct_conn.pdbx_ptnr3_label_atom_id 
_struct_conn.pdbx_ptnr3_label_seq_id 
_struct_conn.pdbx_ptnr3_label_comp_id 
_struct_conn.pdbx_ptnr3_label_asym_id 
_struct_conn.pdbx_ptnr3_label_alt_id 
_struct_conn.pdbx_ptnr3_PDB_ins_code 
_struct_conn.details 
_struct_conn.pdbx_dist_value 
_struct_conn.pdbx_value_order 
_struct_conn.pdbx_role 
metalc1  metalc ? ? A GLU 9  OE1 ? ? ? 1_555 C ZN  . ZN L ? A GLU 9   A ZN  102 1_555 ? ? ? ? ? ? ? 2.481 ? ? 
metalc2  metalc ? ? A ASP 85 OD1 ? ? ? 1_555 E ZN  . ZN L ? A ASP 85  A ZN  104 1_555 ? ? ? ? ? ? ? 2.220 ? ? 
metalc3  metalc ? ? A ASP 85 OD2 ? ? ? 1_555 F ZN  . ZN L ? A ASP 85  A ZN  105 1_555 ? ? ? ? ? ? ? 2.299 ? ? 
metalc4  metalc ? ? A GLU 90 OE2 ? ? ? 1_555 B ZN  . ZN L ? A GLU 90  A ZN  101 4_556 ? ? ? ? ? ? ? 2.019 ? ? 
metalc5  metalc ? ? B ZN  .  ZN  L ? ? 1_555 G HOH . O  ? ? A ZN  101 A HOH 229 4_456 ? ? ? ? ? ? ? 2.300 ? ? 
metalc6  metalc ? ? B ZN  .  ZN  L ? ? 1_555 G HOH . O  ? ? A ZN  101 A HOH 233 4_456 ? ? ? ? ? ? ? 2.249 ? ? 
metalc7  metalc ? ? D ZN  .  ZN  L ? ? 1_555 G HOH . O  ? ? A ZN  103 A HOH 243 1_565 ? ? ? ? ? ? ? 2.246 ? ? 
metalc8  metalc ? ? D ZN  .  ZN  L ? ? 1_555 G HOH . O  ? ? A ZN  103 A HOH 316 1_555 ? ? ? ? ? ? ? 2.364 ? ? 
metalc9  metalc ? ? D ZN  .  ZN  L ? ? 1_555 G HOH . O  ? ? A ZN  103 A HOH 330 4_566 ? ? ? ? ? ? ? 2.409 ? ? 
metalc10 metalc ? ? E ZN  .  ZN  L ? ? 1_555 G HOH . O  ? ? A ZN  104 A HOH 235 1_555 ? ? ? ? ? ? ? 2.220 ? ? 
metalc11 metalc ? ? E ZN  .  ZN  L ? ? 1_555 G HOH . O  ? ? A ZN  104 A HOH 296 1_555 ? ? ? ? ? ? ? 2.025 ? ? 
metalc12 metalc ? ? E ZN  .  ZN  L ? ? 1_555 G HOH . O  ? ? A ZN  104 A HOH 299 1_545 ? ? ? ? ? ? ? 2.284 ? ? 
metalc13 metalc ? ? E ZN  .  ZN  L ? ? 1_555 G HOH . O  ? ? A ZN  104 A HOH 310 1_555 ? ? ? ? ? ? ? 2.158 ? ? 
metalc14 metalc ? ? F ZN  .  ZN  L ? ? 1_555 G HOH . O  ? ? A ZN  105 A HOH 335 1_545 ? ? ? ? ? ? ? 2.656 ? ? 
# 
_struct_conn_type.id          metalc 
_struct_conn_type.criteria    ? 
_struct_conn_type.reference   ? 
# 
loop_
_pdbx_struct_conn_angle.id 
_pdbx_struct_conn_angle.ptnr1_label_atom_id 
_pdbx_struct_conn_angle.ptnr1_label_alt_id 
_pdbx_struct_conn_angle.ptnr1_label_asym_id 
_pdbx_struct_conn_angle.ptnr1_label_comp_id 
_pdbx_struct_conn_angle.ptnr1_label_seq_id 
_pdbx_struct_conn_angle.ptnr1_auth_atom_id 
_pdbx_struct_conn_angle.ptnr1_auth_asym_id 
_pdbx_struct_conn_angle.ptnr1_auth_comp_id 
_pdbx_struct_conn_angle.ptnr1_auth_seq_id 
_pdbx_struct_conn_angle.ptnr1_PDB_ins_code 
_pdbx_struct_conn_angle.ptnr1_symmetry 
_pdbx_struct_conn_angle.ptnr2_label_atom_id 
_pdbx_struct_conn_angle.ptnr2_label_alt_id 
_pdbx_struct_conn_angle.ptnr2_label_asym_id 
_pdbx_struct_conn_angle.ptnr2_label_comp_id 
_pdbx_struct_conn_angle.ptnr2_label_seq_id 
_pdbx_struct_conn_angle.ptnr2_auth_atom_id 
_pdbx_struct_conn_angle.ptnr2_auth_asym_id 
_pdbx_struct_conn_angle.ptnr2_auth_comp_id 
_pdbx_struct_conn_angle.ptnr2_auth_seq_id 
_pdbx_struct_conn_angle.ptnr2_PDB_ins_code 
_pdbx_struct_conn_angle.ptnr2_symmetry 
_pdbx_struct_conn_angle.ptnr3_label_atom_id 
_pdbx_struct_conn_angle.ptnr3_label_alt_id 
_pdbx_struct_conn_angle.ptnr3_label_asym_id 
_pdbx_struct_conn_angle.ptnr3_label_comp_id 
_pdbx_struct_conn_angle.ptnr3_label_seq_id 
_pdbx_struct_conn_angle.ptnr3_auth_atom_id 
_pdbx_struct_conn_angle.ptnr3_auth_asym_id 
_pdbx_struct_conn_angle.ptnr3_auth_comp_id 
_pdbx_struct_conn_angle.ptnr3_auth_seq_id 
_pdbx_struct_conn_angle.ptnr3_PDB_ins_code 
_pdbx_struct_conn_angle.ptnr3_symmetry 
_pdbx_struct_conn_angle.value 
_pdbx_struct_conn_angle.value_esd 
1  OD1 ? A ASP 85 ? A ASP 85  ? 1_555 ZN L E ZN . ? A ZN 104 ? 1_555 O ? G HOH . ? A HOH 235 ? 1_555 89.5  ? 
2  OD1 ? A ASP 85 ? A ASP 85  ? 1_555 ZN L E ZN . ? A ZN 104 ? 1_555 O ? G HOH . ? A HOH 296 ? 1_555 93.4  ? 
3  O   ? G HOH .  ? A HOH 235 ? 1_555 ZN L E ZN . ? A ZN 104 ? 1_555 O ? G HOH . ? A HOH 296 ? 1_555 173.1 ? 
4  OD1 ? A ASP 85 ? A ASP 85  ? 1_555 ZN L E ZN . ? A ZN 104 ? 1_555 O ? G HOH . ? A HOH 299 ? 1_545 176.7 ? 
5  O   ? G HOH .  ? A HOH 235 ? 1_555 ZN L E ZN . ? A ZN 104 ? 1_555 O ? G HOH . ? A HOH 299 ? 1_545 93.8  ? 
6  O   ? G HOH .  ? A HOH 296 ? 1_555 ZN L E ZN . ? A ZN 104 ? 1_555 O ? G HOH . ? A HOH 299 ? 1_545 83.4  ? 
7  OD1 ? A ASP 85 ? A ASP 85  ? 1_555 ZN L E ZN . ? A ZN 104 ? 1_555 O ? G HOH . ? A HOH 310 ? 1_555 102.6 ? 
8  O   ? G HOH .  ? A HOH 235 ? 1_555 ZN L E ZN . ? A ZN 104 ? 1_555 O ? G HOH . ? A HOH 310 ? 1_555 91.0  ? 
9  O   ? G HOH .  ? A HOH 296 ? 1_555 ZN L E ZN . ? A ZN 104 ? 1_555 O ? G HOH . ? A HOH 310 ? 1_555 82.3  ? 
10 O   ? G HOH .  ? A HOH 299 ? 1_545 ZN L E ZN . ? A ZN 104 ? 1_555 O ? G HOH . ? A HOH 310 ? 1_555 78.1  ? 
11 OD2 ? A ASP 85 ? A ASP 85  ? 1_555 ZN L F ZN . ? A ZN 105 ? 1_555 O ? G HOH . ? A HOH 335 ? 1_545 139.5 ? 
12 OE2 ? A GLU 90 ? A GLU 90  ? 1_555 ZN L B ZN . ? A ZN 101 ? 4_556 O ? G HOH . ? A HOH 229 ? 4_456 76.5  ? 
13 OE2 ? A GLU 90 ? A GLU 90  ? 1_555 ZN L B ZN . ? A ZN 101 ? 4_556 O ? G HOH . ? A HOH 233 ? 4_456 78.2  ? 
14 O   ? G HOH .  ? A HOH 229 ? 4_456 ZN L B ZN . ? A ZN 101 ? 4_556 O ? G HOH . ? A HOH 233 ? 4_456 9.5   ? 
15 O   ? G HOH .  ? A HOH 243 ? 1_565 ZN L D ZN . ? A ZN 103 ? 1_555 O ? G HOH . ? A HOH 316 ? 1_555 108.7 ? 
16 O   ? G HOH .  ? A HOH 243 ? 1_565 ZN L D ZN . ? A ZN 103 ? 1_555 O ? G HOH . ? A HOH 330 ? 4_566 90.8  ? 
17 O   ? G HOH .  ? A HOH 316 ? 1_555 ZN L D ZN . ? A ZN 103 ? 1_555 O ? G HOH . ? A HOH 330 ? 4_566 64.6  ? 
# 
_struct_sheet.id               AA1 
_struct_sheet.type             ? 
_struct_sheet.number_strands   7 
_struct_sheet.details          ? 
# 
loop_
_struct_sheet_order.sheet_id 
_struct_sheet_order.range_id_1 
_struct_sheet_order.range_id_2 
_struct_sheet_order.offset 
_struct_sheet_order.sense 
AA1 1 2 ? parallel      
AA1 2 3 ? anti-parallel 
AA1 3 4 ? parallel      
AA1 4 5 ? anti-parallel 
AA1 5 6 ? anti-parallel 
AA1 6 7 ? anti-parallel 
# 
loop_
_struct_sheet_range.sheet_id 
_struct_sheet_range.id 
_struct_sheet_range.beg_label_comp_id 
_struct_sheet_range.beg_label_asym_id 
_struct_sheet_range.beg_label_seq_id 
_struct_sheet_range.pdbx_beg_PDB_ins_code 
_struct_sheet_range.end_label_comp_id 
_struct_sheet_range.end_label_asym_id 
_struct_sheet_range.end_label_seq_id 
_struct_sheet_range.pdbx_end_PDB_ins_code 
_struct_sheet_range.beg_auth_comp_id 
_struct_sheet_range.beg_auth_asym_id 
_struct_sheet_range.beg_auth_seq_id 
_struct_sheet_range.end_auth_comp_id 
_struct_sheet_range.end_auth_asym_id 
_struct_sheet_range.end_auth_seq_id 
AA1 1 SER A 7  ? SER A 13 ? SER A 7  SER A 13 
AA1 2 ILE A 68 ? ARG A 70 ? ILE A 68 ARG A 70 
AA1 3 ILE A 24 ? ILE A 27 ? ILE A 24 ILE A 27 
AA1 4 ARG A 50 ? PRO A 58 ? ARG A 50 PRO A 58 
AA1 5 PHE A 42 ? LYS A 47 ? PHE A 42 LYS A 47 
AA1 6 THR A 86 ? LYS A 91 ? THR A 86 LYS A 91 
AA1 7 SER A 7  ? SER A 13 ? SER A 7  SER A 13 
# 
loop_
_pdbx_struct_sheet_hbond.sheet_id 
_pdbx_struct_sheet_hbond.range_id_1 
_pdbx_struct_sheet_hbond.range_id_2 
_pdbx_struct_sheet_hbond.range_1_label_atom_id 
_pdbx_struct_sheet_hbond.range_1_label_comp_id 
_pdbx_struct_sheet_hbond.range_1_label_asym_id 
_pdbx_struct_sheet_hbond.range_1_label_seq_id 
_pdbx_struct_sheet_hbond.range_1_PDB_ins_code 
_pdbx_struct_sheet_hbond.range_1_auth_atom_id 
_pdbx_struct_sheet_hbond.range_1_auth_comp_id 
_pdbx_struct_sheet_hbond.range_1_auth_asym_id 
_pdbx_struct_sheet_hbond.range_1_auth_seq_id 
_pdbx_struct_sheet_hbond.range_2_label_atom_id 
_pdbx_struct_sheet_hbond.range_2_label_comp_id 
_pdbx_struct_sheet_hbond.range_2_label_asym_id 
_pdbx_struct_sheet_hbond.range_2_label_seq_id 
_pdbx_struct_sheet_hbond.range_2_PDB_ins_code 
_pdbx_struct_sheet_hbond.range_2_auth_atom_id 
_pdbx_struct_sheet_hbond.range_2_auth_comp_id 
_pdbx_struct_sheet_hbond.range_2_auth_asym_id 
_pdbx_struct_sheet_hbond.range_2_auth_seq_id 
AA1 1 2 N SER A 13 ? N SER A 13 O ILE A 69 ? O ILE A 69 
AA1 2 3 O ARG A 70 ? O ARG A 70 N ARG A 26 ? N ARG A 26 
AA1 3 4 N VAL A 25 ? N VAL A 25 O TRP A 57 ? O TRP A 57 
AA1 4 5 O VAL A 52 ? O VAL A 52 N VAL A 45 ? N VAL A 45 
AA1 5 6 N LYS A 44 ? N LYS A 44 O GLU A 90 ? O GLU A 90 
AA1 6 7 O VAL A 87 ? O VAL A 87 N LEU A 10 ? N LEU A 10 
# 
loop_
_pdbx_validate_close_contact.id 
_pdbx_validate_close_contact.PDB_model_num 
_pdbx_validate_close_contact.auth_atom_id_1 
_pdbx_validate_close_contact.auth_asym_id_1 
_pdbx_validate_close_contact.auth_comp_id_1 
_pdbx_validate_close_contact.auth_seq_id_1 
_pdbx_validate_close_contact.PDB_ins_code_1 
_pdbx_validate_close_contact.label_alt_id_1 
_pdbx_validate_close_contact.auth_atom_id_2 
_pdbx_validate_close_contact.auth_asym_id_2 
_pdbx_validate_close_contact.auth_comp_id_2 
_pdbx_validate_close_contact.auth_seq_id_2 
_pdbx_validate_close_contact.PDB_ins_code_2 
_pdbx_validate_close_contact.label_alt_id_2 
_pdbx_validate_close_contact.dist 
1 1 O   A HOH 224 ? ? O A HOH 302 ? ? 1.51 
2 1 O   A HOH 209 ? ? O A HOH 268 ? ? 1.74 
3 1 O   A HOH 286 ? ? O A HOH 319 ? ? 1.96 
4 1 NZ  A LYS 23  ? ? O A HOH 201 ? ? 1.99 
5 1 OE2 A GLU 90  ? ? O A HOH 202 ? ? 2.13 
6 1 O   A HOH 308 ? ? O A HOH 311 ? ? 2.14 
7 1 O   A HOH 213 ? ? O A HOH 240 ? ? 2.15 
8 1 O   A HOH 261 ? ? O A HOH 312 ? ? 2.18 
# 
loop_
_pdbx_validate_symm_contact.id 
_pdbx_validate_symm_contact.PDB_model_num 
_pdbx_validate_symm_contact.auth_atom_id_1 
_pdbx_validate_symm_contact.auth_asym_id_1 
_pdbx_validate_symm_contact.auth_comp_id_1 
_pdbx_validate_symm_contact.auth_seq_id_1 
_pdbx_validate_symm_contact.PDB_ins_code_1 
_pdbx_validate_symm_contact.label_alt_id_1 
_pdbx_validate_symm_contact.site_symmetry_1 
_pdbx_validate_symm_contact.auth_atom_id_2 
_pdbx_validate_symm_contact.auth_asym_id_2 
_pdbx_validate_symm_contact.auth_comp_id_2 
_pdbx_validate_symm_contact.auth_seq_id_2 
_pdbx_validate_symm_contact.PDB_ins_code_2 
_pdbx_validate_symm_contact.label_alt_id_2 
_pdbx_validate_symm_contact.site_symmetry_2 
_pdbx_validate_symm_contact.dist 
1 1 O A HOH 270 ? ? 1_555 O A HOH 334 ? ? 4_556 2.03 
2 1 O A HOH 231 ? ? 1_555 O A HOH 298 ? ? 1_655 2.17 
# 
_pdbx_entry_details.entry_id                 7DG9 
_pdbx_entry_details.has_ligand_of_interest   N 
_pdbx_entry_details.compound_details         ? 
_pdbx_entry_details.source_details           ? 
_pdbx_entry_details.nonpolymer_details       ? 
_pdbx_entry_details.sequence_details         ? 
# 
loop_
_pdbx_unobs_or_zero_occ_residues.id 
_pdbx_unobs_or_zero_occ_residues.PDB_model_num 
_pdbx_unobs_or_zero_occ_residues.polymer_flag 
_pdbx_unobs_or_zero_occ_residues.occupancy_flag 
_pdbx_unobs_or_zero_occ_residues.auth_asym_id 
_pdbx_unobs_or_zero_occ_residues.auth_comp_id 
_pdbx_unobs_or_zero_occ_residues.auth_seq_id 
_pdbx_unobs_or_zero_occ_residues.PDB_ins_code 
_pdbx_unobs_or_zero_occ_residues.label_asym_id 
_pdbx_unobs_or_zero_occ_residues.label_comp_id 
_pdbx_unobs_or_zero_occ_residues.label_seq_id 
1 1 Y 1 A GLY 1  ? A GLY 1  
2 1 Y 1 A PRO 2  ? A PRO 2  
3 1 Y 1 A GLU 93 ? A GLU 93 
# 
loop_
_chem_comp_atom.comp_id 
_chem_comp_atom.atom_id 
_chem_comp_atom.type_symbol 
_chem_comp_atom.pdbx_aromatic_flag 
_chem_comp_atom.pdbx_stereo_config 
_chem_comp_atom.pdbx_ordinal 
ALA N    N  N N 1   
ALA CA   C  N S 2   
ALA C    C  N N 3   
ALA O    O  N N 4   
ALA CB   C  N N 5   
ALA OXT  O  N N 6   
ALA H    H  N N 7   
ALA H2   H  N N 8   
ALA HA   H  N N 9   
ALA HB1  H  N N 10  
ALA HB2  H  N N 11  
ALA HB3  H  N N 12  
ALA HXT  H  N N 13  
ARG N    N  N N 14  
ARG CA   C  N S 15  
ARG C    C  N N 16  
ARG O    O  N N 17  
ARG CB   C  N N 18  
ARG CG   C  N N 19  
ARG CD   C  N N 20  
ARG NE   N  N N 21  
ARG CZ   C  N N 22  
ARG NH1  N  N N 23  
ARG NH2  N  N N 24  
ARG OXT  O  N N 25  
ARG H    H  N N 26  
ARG H2   H  N N 27  
ARG HA   H  N N 28  
ARG HB2  H  N N 29  
ARG HB3  H  N N 30  
ARG HG2  H  N N 31  
ARG HG3  H  N N 32  
ARG HD2  H  N N 33  
ARG HD3  H  N N 34  
ARG HE   H  N N 35  
ARG HH11 H  N N 36  
ARG HH12 H  N N 37  
ARG HH21 H  N N 38  
ARG HH22 H  N N 39  
ARG HXT  H  N N 40  
ASN N    N  N N 41  
ASN CA   C  N S 42  
ASN C    C  N N 43  
ASN O    O  N N 44  
ASN CB   C  N N 45  
ASN CG   C  N N 46  
ASN OD1  O  N N 47  
ASN ND2  N  N N 48  
ASN OXT  O  N N 49  
ASN H    H  N N 50  
ASN H2   H  N N 51  
ASN HA   H  N N 52  
ASN HB2  H  N N 53  
ASN HB3  H  N N 54  
ASN HD21 H  N N 55  
ASN HD22 H  N N 56  
ASN HXT  H  N N 57  
ASP N    N  N N 58  
ASP CA   C  N S 59  
ASP C    C  N N 60  
ASP O    O  N N 61  
ASP CB   C  N N 62  
ASP CG   C  N N 63  
ASP OD1  O  N N 64  
ASP OD2  O  N N 65  
ASP OXT  O  N N 66  
ASP H    H  N N 67  
ASP H2   H  N N 68  
ASP HA   H  N N 69  
ASP HB2  H  N N 70  
ASP HB3  H  N N 71  
ASP HD2  H  N N 72  
ASP HXT  H  N N 73  
GLN N    N  N N 74  
GLN CA   C  N S 75  
GLN C    C  N N 76  
GLN O    O  N N 77  
GLN CB   C  N N 78  
GLN CG   C  N N 79  
GLN CD   C  N N 80  
GLN OE1  O  N N 81  
GLN NE2  N  N N 82  
GLN OXT  O  N N 83  
GLN H    H  N N 84  
GLN H2   H  N N 85  
GLN HA   H  N N 86  
GLN HB2  H  N N 87  
GLN HB3  H  N N 88  
GLN HG2  H  N N 89  
GLN HG3  H  N N 90  
GLN HE21 H  N N 91  
GLN HE22 H  N N 92  
GLN HXT  H  N N 93  
GLU N    N  N N 94  
GLU CA   C  N S 95  
GLU C    C  N N 96  
GLU O    O  N N 97  
GLU CB   C  N N 98  
GLU CG   C  N N 99  
GLU CD   C  N N 100 
GLU OE1  O  N N 101 
GLU OE2  O  N N 102 
GLU OXT  O  N N 103 
GLU H    H  N N 104 
GLU H2   H  N N 105 
GLU HA   H  N N 106 
GLU HB2  H  N N 107 
GLU HB3  H  N N 108 
GLU HG2  H  N N 109 
GLU HG3  H  N N 110 
GLU HE2  H  N N 111 
GLU HXT  H  N N 112 
GLY N    N  N N 113 
GLY CA   C  N N 114 
GLY C    C  N N 115 
GLY O    O  N N 116 
GLY OXT  O  N N 117 
GLY H    H  N N 118 
GLY H2   H  N N 119 
GLY HA2  H  N N 120 
GLY HA3  H  N N 121 
GLY HXT  H  N N 122 
HOH O    O  N N 123 
HOH H1   H  N N 124 
HOH H2   H  N N 125 
ILE N    N  N N 126 
ILE CA   C  N S 127 
ILE C    C  N N 128 
ILE O    O  N N 129 
ILE CB   C  N S 130 
ILE CG1  C  N N 131 
ILE CG2  C  N N 132 
ILE CD1  C  N N 133 
ILE OXT  O  N N 134 
ILE H    H  N N 135 
ILE H2   H  N N 136 
ILE HA   H  N N 137 
ILE HB   H  N N 138 
ILE HG12 H  N N 139 
ILE HG13 H  N N 140 
ILE HG21 H  N N 141 
ILE HG22 H  N N 142 
ILE HG23 H  N N 143 
ILE HD11 H  N N 144 
ILE HD12 H  N N 145 
ILE HD13 H  N N 146 
ILE HXT  H  N N 147 
LEU N    N  N N 148 
LEU CA   C  N S 149 
LEU C    C  N N 150 
LEU O    O  N N 151 
LEU CB   C  N N 152 
LEU CG   C  N N 153 
LEU CD1  C  N N 154 
LEU CD2  C  N N 155 
LEU OXT  O  N N 156 
LEU H    H  N N 157 
LEU H2   H  N N 158 
LEU HA   H  N N 159 
LEU HB2  H  N N 160 
LEU HB3  H  N N 161 
LEU HG   H  N N 162 
LEU HD11 H  N N 163 
LEU HD12 H  N N 164 
LEU HD13 H  N N 165 
LEU HD21 H  N N 166 
LEU HD22 H  N N 167 
LEU HD23 H  N N 168 
LEU HXT  H  N N 169 
LYS N    N  N N 170 
LYS CA   C  N S 171 
LYS C    C  N N 172 
LYS O    O  N N 173 
LYS CB   C  N N 174 
LYS CG   C  N N 175 
LYS CD   C  N N 176 
LYS CE   C  N N 177 
LYS NZ   N  N N 178 
LYS OXT  O  N N 179 
LYS H    H  N N 180 
LYS H2   H  N N 181 
LYS HA   H  N N 182 
LYS HB2  H  N N 183 
LYS HB3  H  N N 184 
LYS HG2  H  N N 185 
LYS HG3  H  N N 186 
LYS HD2  H  N N 187 
LYS HD3  H  N N 188 
LYS HE2  H  N N 189 
LYS HE3  H  N N 190 
LYS HZ1  H  N N 191 
LYS HZ2  H  N N 192 
LYS HZ3  H  N N 193 
LYS HXT  H  N N 194 
MET N    N  N N 195 
MET CA   C  N S 196 
MET C    C  N N 197 
MET O    O  N N 198 
MET CB   C  N N 199 
MET CG   C  N N 200 
MET SD   S  N N 201 
MET CE   C  N N 202 
MET OXT  O  N N 203 
MET H    H  N N 204 
MET H2   H  N N 205 
MET HA   H  N N 206 
MET HB2  H  N N 207 
MET HB3  H  N N 208 
MET HG2  H  N N 209 
MET HG3  H  N N 210 
MET HE1  H  N N 211 
MET HE2  H  N N 212 
MET HE3  H  N N 213 
MET HXT  H  N N 214 
PHE N    N  N N 215 
PHE CA   C  N S 216 
PHE C    C  N N 217 
PHE O    O  N N 218 
PHE CB   C  N N 219 
PHE CG   C  Y N 220 
PHE CD1  C  Y N 221 
PHE CD2  C  Y N 222 
PHE CE1  C  Y N 223 
PHE CE2  C  Y N 224 
PHE CZ   C  Y N 225 
PHE OXT  O  N N 226 
PHE H    H  N N 227 
PHE H2   H  N N 228 
PHE HA   H  N N 229 
PHE HB2  H  N N 230 
PHE HB3  H  N N 231 
PHE HD1  H  N N 232 
PHE HD2  H  N N 233 
PHE HE1  H  N N 234 
PHE HE2  H  N N 235 
PHE HZ   H  N N 236 
PHE HXT  H  N N 237 
PRO N    N  N N 238 
PRO CA   C  N S 239 
PRO C    C  N N 240 
PRO O    O  N N 241 
PRO CB   C  N N 242 
PRO CG   C  N N 243 
PRO CD   C  N N 244 
PRO OXT  O  N N 245 
PRO H    H  N N 246 
PRO HA   H  N N 247 
PRO HB2  H  N N 248 
PRO HB3  H  N N 249 
PRO HG2  H  N N 250 
PRO HG3  H  N N 251 
PRO HD2  H  N N 252 
PRO HD3  H  N N 253 
PRO HXT  H  N N 254 
SER N    N  N N 255 
SER CA   C  N S 256 
SER C    C  N N 257 
SER O    O  N N 258 
SER CB   C  N N 259 
SER OG   O  N N 260 
SER OXT  O  N N 261 
SER H    H  N N 262 
SER H2   H  N N 263 
SER HA   H  N N 264 
SER HB2  H  N N 265 
SER HB3  H  N N 266 
SER HG   H  N N 267 
SER HXT  H  N N 268 
THR N    N  N N 269 
THR CA   C  N S 270 
THR C    C  N N 271 
THR O    O  N N 272 
THR CB   C  N R 273 
THR OG1  O  N N 274 
THR CG2  C  N N 275 
THR OXT  O  N N 276 
THR H    H  N N 277 
THR H2   H  N N 278 
THR HA   H  N N 279 
THR HB   H  N N 280 
THR HG1  H  N N 281 
THR HG21 H  N N 282 
THR HG22 H  N N 283 
THR HG23 H  N N 284 
THR HXT  H  N N 285 
TRP N    N  N N 286 
TRP CA   C  N S 287 
TRP C    C  N N 288 
TRP O    O  N N 289 
TRP CB   C  N N 290 
TRP CG   C  Y N 291 
TRP CD1  C  Y N 292 
TRP CD2  C  Y N 293 
TRP NE1  N  Y N 294 
TRP CE2  C  Y N 295 
TRP CE3  C  Y N 296 
TRP CZ2  C  Y N 297 
TRP CZ3  C  Y N 298 
TRP CH2  C  Y N 299 
TRP OXT  O  N N 300 
TRP H    H  N N 301 
TRP H2   H  N N 302 
TRP HA   H  N N 303 
TRP HB2  H  N N 304 
TRP HB3  H  N N 305 
TRP HD1  H  N N 306 
TRP HE1  H  N N 307 
TRP HE3  H  N N 308 
TRP HZ2  H  N N 309 
TRP HZ3  H  N N 310 
TRP HH2  H  N N 311 
TRP HXT  H  N N 312 
TYR N    N  N N 313 
TYR CA   C  N S 314 
TYR C    C  N N 315 
TYR O    O  N N 316 
TYR CB   C  N N 317 
TYR CG   C  Y N 318 
TYR CD1  C  Y N 319 
TYR CD2  C  Y N 320 
TYR CE1  C  Y N 321 
TYR CE2  C  Y N 322 
TYR CZ   C  Y N 323 
TYR OH   O  N N 324 
TYR OXT  O  N N 325 
TYR H    H  N N 326 
TYR H2   H  N N 327 
TYR HA   H  N N 328 
TYR HB2  H  N N 329 
TYR HB3  H  N N 330 
TYR HD1  H  N N 331 
TYR HD2  H  N N 332 
TYR HE1  H  N N 333 
TYR HE2  H  N N 334 
TYR HH   H  N N 335 
TYR HXT  H  N N 336 
VAL N    N  N N 337 
VAL CA   C  N S 338 
VAL C    C  N N 339 
VAL O    O  N N 340 
VAL CB   C  N N 341 
VAL CG1  C  N N 342 
VAL CG2  C  N N 343 
VAL OXT  O  N N 344 
VAL H    H  N N 345 
VAL H2   H  N N 346 
VAL HA   H  N N 347 
VAL HB   H  N N 348 
VAL HG11 H  N N 349 
VAL HG12 H  N N 350 
VAL HG13 H  N N 351 
VAL HG21 H  N N 352 
VAL HG22 H  N N 353 
VAL HG23 H  N N 354 
VAL HXT  H  N N 355 
ZN  ZN   ZN N N 356 
# 
loop_
_chem_comp_bond.comp_id 
_chem_comp_bond.atom_id_1 
_chem_comp_bond.atom_id_2 
_chem_comp_bond.value_order 
_chem_comp_bond.pdbx_aromatic_flag 
_chem_comp_bond.pdbx_stereo_config 
_chem_comp_bond.pdbx_ordinal 
ALA N   CA   sing N N 1   
ALA N   H    sing N N 2   
ALA N   H2   sing N N 3   
ALA CA  C    sing N N 4   
ALA CA  CB   sing N N 5   
ALA CA  HA   sing N N 6   
ALA C   O    doub N N 7   
ALA C   OXT  sing N N 8   
ALA CB  HB1  sing N N 9   
ALA CB  HB2  sing N N 10  
ALA CB  HB3  sing N N 11  
ALA OXT HXT  sing N N 12  
ARG N   CA   sing N N 13  
ARG N   H    sing N N 14  
ARG N   H2   sing N N 15  
ARG CA  C    sing N N 16  
ARG CA  CB   sing N N 17  
ARG CA  HA   sing N N 18  
ARG C   O    doub N N 19  
ARG C   OXT  sing N N 20  
ARG CB  CG   sing N N 21  
ARG CB  HB2  sing N N 22  
ARG CB  HB3  sing N N 23  
ARG CG  CD   sing N N 24  
ARG CG  HG2  sing N N 25  
ARG CG  HG3  sing N N 26  
ARG CD  NE   sing N N 27  
ARG CD  HD2  sing N N 28  
ARG CD  HD3  sing N N 29  
ARG NE  CZ   sing N N 30  
ARG NE  HE   sing N N 31  
ARG CZ  NH1  sing N N 32  
ARG CZ  NH2  doub N N 33  
ARG NH1 HH11 sing N N 34  
ARG NH1 HH12 sing N N 35  
ARG NH2 HH21 sing N N 36  
ARG NH2 HH22 sing N N 37  
ARG OXT HXT  sing N N 38  
ASN N   CA   sing N N 39  
ASN N   H    sing N N 40  
ASN N   H2   sing N N 41  
ASN CA  C    sing N N 42  
ASN CA  CB   sing N N 43  
ASN CA  HA   sing N N 44  
ASN C   O    doub N N 45  
ASN C   OXT  sing N N 46  
ASN CB  CG   sing N N 47  
ASN CB  HB2  sing N N 48  
ASN CB  HB3  sing N N 49  
ASN CG  OD1  doub N N 50  
ASN CG  ND2  sing N N 51  
ASN ND2 HD21 sing N N 52  
ASN ND2 HD22 sing N N 53  
ASN OXT HXT  sing N N 54  
ASP N   CA   sing N N 55  
ASP N   H    sing N N 56  
ASP N   H2   sing N N 57  
ASP CA  C    sing N N 58  
ASP CA  CB   sing N N 59  
ASP CA  HA   sing N N 60  
ASP C   O    doub N N 61  
ASP C   OXT  sing N N 62  
ASP CB  CG   sing N N 63  
ASP CB  HB2  sing N N 64  
ASP CB  HB3  sing N N 65  
ASP CG  OD1  doub N N 66  
ASP CG  OD2  sing N N 67  
ASP OD2 HD2  sing N N 68  
ASP OXT HXT  sing N N 69  
GLN N   CA   sing N N 70  
GLN N   H    sing N N 71  
GLN N   H2   sing N N 72  
GLN CA  C    sing N N 73  
GLN CA  CB   sing N N 74  
GLN CA  HA   sing N N 75  
GLN C   O    doub N N 76  
GLN C   OXT  sing N N 77  
GLN CB  CG   sing N N 78  
GLN CB  HB2  sing N N 79  
GLN CB  HB3  sing N N 80  
GLN CG  CD   sing N N 81  
GLN CG  HG2  sing N N 82  
GLN CG  HG3  sing N N 83  
GLN CD  OE1  doub N N 84  
GLN CD  NE2  sing N N 85  
GLN NE2 HE21 sing N N 86  
GLN NE2 HE22 sing N N 87  
GLN OXT HXT  sing N N 88  
GLU N   CA   sing N N 89  
GLU N   H    sing N N 90  
GLU N   H2   sing N N 91  
GLU CA  C    sing N N 92  
GLU CA  CB   sing N N 93  
GLU CA  HA   sing N N 94  
GLU C   O    doub N N 95  
GLU C   OXT  sing N N 96  
GLU CB  CG   sing N N 97  
GLU CB  HB2  sing N N 98  
GLU CB  HB3  sing N N 99  
GLU CG  CD   sing N N 100 
GLU CG  HG2  sing N N 101 
GLU CG  HG3  sing N N 102 
GLU CD  OE1  doub N N 103 
GLU CD  OE2  sing N N 104 
GLU OE2 HE2  sing N N 105 
GLU OXT HXT  sing N N 106 
GLY N   CA   sing N N 107 
GLY N   H    sing N N 108 
GLY N   H2   sing N N 109 
GLY CA  C    sing N N 110 
GLY CA  HA2  sing N N 111 
GLY CA  HA3  sing N N 112 
GLY C   O    doub N N 113 
GLY C   OXT  sing N N 114 
GLY OXT HXT  sing N N 115 
HOH O   H1   sing N N 116 
HOH O   H2   sing N N 117 
ILE N   CA   sing N N 118 
ILE N   H    sing N N 119 
ILE N   H2   sing N N 120 
ILE CA  C    sing N N 121 
ILE CA  CB   sing N N 122 
ILE CA  HA   sing N N 123 
ILE C   O    doub N N 124 
ILE C   OXT  sing N N 125 
ILE CB  CG1  sing N N 126 
ILE CB  CG2  sing N N 127 
ILE CB  HB   sing N N 128 
ILE CG1 CD1  sing N N 129 
ILE CG1 HG12 sing N N 130 
ILE CG1 HG13 sing N N 131 
ILE CG2 HG21 sing N N 132 
ILE CG2 HG22 sing N N 133 
ILE CG2 HG23 sing N N 134 
ILE CD1 HD11 sing N N 135 
ILE CD1 HD12 sing N N 136 
ILE CD1 HD13 sing N N 137 
ILE OXT HXT  sing N N 138 
LEU N   CA   sing N N 139 
LEU N   H    sing N N 140 
LEU N   H2   sing N N 141 
LEU CA  C    sing N N 142 
LEU CA  CB   sing N N 143 
LEU CA  HA   sing N N 144 
LEU C   O    doub N N 145 
LEU C   OXT  sing N N 146 
LEU CB  CG   sing N N 147 
LEU CB  HB2  sing N N 148 
LEU CB  HB3  sing N N 149 
LEU CG  CD1  sing N N 150 
LEU CG  CD2  sing N N 151 
LEU CG  HG   sing N N 152 
LEU CD1 HD11 sing N N 153 
LEU CD1 HD12 sing N N 154 
LEU CD1 HD13 sing N N 155 
LEU CD2 HD21 sing N N 156 
LEU CD2 HD22 sing N N 157 
LEU CD2 HD23 sing N N 158 
LEU OXT HXT  sing N N 159 
LYS N   CA   sing N N 160 
LYS N   H    sing N N 161 
LYS N   H2   sing N N 162 
LYS CA  C    sing N N 163 
LYS CA  CB   sing N N 164 
LYS CA  HA   sing N N 165 
LYS C   O    doub N N 166 
LYS C   OXT  sing N N 167 
LYS CB  CG   sing N N 168 
LYS CB  HB2  sing N N 169 
LYS CB  HB3  sing N N 170 
LYS CG  CD   sing N N 171 
LYS CG  HG2  sing N N 172 
LYS CG  HG3  sing N N 173 
LYS CD  CE   sing N N 174 
LYS CD  HD2  sing N N 175 
LYS CD  HD3  sing N N 176 
LYS CE  NZ   sing N N 177 
LYS CE  HE2  sing N N 178 
LYS CE  HE3  sing N N 179 
LYS NZ  HZ1  sing N N 180 
LYS NZ  HZ2  sing N N 181 
LYS NZ  HZ3  sing N N 182 
LYS OXT HXT  sing N N 183 
MET N   CA   sing N N 184 
MET N   H    sing N N 185 
MET N   H2   sing N N 186 
MET CA  C    sing N N 187 
MET CA  CB   sing N N 188 
MET CA  HA   sing N N 189 
MET C   O    doub N N 190 
MET C   OXT  sing N N 191 
MET CB  CG   sing N N 192 
MET CB  HB2  sing N N 193 
MET CB  HB3  sing N N 194 
MET CG  SD   sing N N 195 
MET CG  HG2  sing N N 196 
MET CG  HG3  sing N N 197 
MET SD  CE   sing N N 198 
MET CE  HE1  sing N N 199 
MET CE  HE2  sing N N 200 
MET CE  HE3  sing N N 201 
MET OXT HXT  sing N N 202 
PHE N   CA   sing N N 203 
PHE N   H    sing N N 204 
PHE N   H2   sing N N 205 
PHE CA  C    sing N N 206 
PHE CA  CB   sing N N 207 
PHE CA  HA   sing N N 208 
PHE C   O    doub N N 209 
PHE C   OXT  sing N N 210 
PHE CB  CG   sing N N 211 
PHE CB  HB2  sing N N 212 
PHE CB  HB3  sing N N 213 
PHE CG  CD1  doub Y N 214 
PHE CG  CD2  sing Y N 215 
PHE CD1 CE1  sing Y N 216 
PHE CD1 HD1  sing N N 217 
PHE CD2 CE2  doub Y N 218 
PHE CD2 HD2  sing N N 219 
PHE CE1 CZ   doub Y N 220 
PHE CE1 HE1  sing N N 221 
PHE CE2 CZ   sing Y N 222 
PHE CE2 HE2  sing N N 223 
PHE CZ  HZ   sing N N 224 
PHE OXT HXT  sing N N 225 
PRO N   CA   sing N N 226 
PRO N   CD   sing N N 227 
PRO N   H    sing N N 228 
PRO CA  C    sing N N 229 
PRO CA  CB   sing N N 230 
PRO CA  HA   sing N N 231 
PRO C   O    doub N N 232 
PRO C   OXT  sing N N 233 
PRO CB  CG   sing N N 234 
PRO CB  HB2  sing N N 235 
PRO CB  HB3  sing N N 236 
PRO CG  CD   sing N N 237 
PRO CG  HG2  sing N N 238 
PRO CG  HG3  sing N N 239 
PRO CD  HD2  sing N N 240 
PRO CD  HD3  sing N N 241 
PRO OXT HXT  sing N N 242 
SER N   CA   sing N N 243 
SER N   H    sing N N 244 
SER N   H2   sing N N 245 
SER CA  C    sing N N 246 
SER CA  CB   sing N N 247 
SER CA  HA   sing N N 248 
SER C   O    doub N N 249 
SER C   OXT  sing N N 250 
SER CB  OG   sing N N 251 
SER CB  HB2  sing N N 252 
SER CB  HB3  sing N N 253 
SER OG  HG   sing N N 254 
SER OXT HXT  sing N N 255 
THR N   CA   sing N N 256 
THR N   H    sing N N 257 
THR N   H2   sing N N 258 
THR CA  C    sing N N 259 
THR CA  CB   sing N N 260 
THR CA  HA   sing N N 261 
THR C   O    doub N N 262 
THR C   OXT  sing N N 263 
THR CB  OG1  sing N N 264 
THR CB  CG2  sing N N 265 
THR CB  HB   sing N N 266 
THR OG1 HG1  sing N N 267 
THR CG2 HG21 sing N N 268 
THR CG2 HG22 sing N N 269 
THR CG2 HG23 sing N N 270 
THR OXT HXT  sing N N 271 
TRP N   CA   sing N N 272 
TRP N   H    sing N N 273 
TRP N   H2   sing N N 274 
TRP CA  C    sing N N 275 
TRP CA  CB   sing N N 276 
TRP CA  HA   sing N N 277 
TRP C   O    doub N N 278 
TRP C   OXT  sing N N 279 
TRP CB  CG   sing N N 280 
TRP CB  HB2  sing N N 281 
TRP CB  HB3  sing N N 282 
TRP CG  CD1  doub Y N 283 
TRP CG  CD2  sing Y N 284 
TRP CD1 NE1  sing Y N 285 
TRP CD1 HD1  sing N N 286 
TRP CD2 CE2  doub Y N 287 
TRP CD2 CE3  sing Y N 288 
TRP NE1 CE2  sing Y N 289 
TRP NE1 HE1  sing N N 290 
TRP CE2 CZ2  sing Y N 291 
TRP CE3 CZ3  doub Y N 292 
TRP CE3 HE3  sing N N 293 
TRP CZ2 CH2  doub Y N 294 
TRP CZ2 HZ2  sing N N 295 
TRP CZ3 CH2  sing Y N 296 
TRP CZ3 HZ3  sing N N 297 
TRP CH2 HH2  sing N N 298 
TRP OXT HXT  sing N N 299 
TYR N   CA   sing N N 300 
TYR N   H    sing N N 301 
TYR N   H2   sing N N 302 
TYR CA  C    sing N N 303 
TYR CA  CB   sing N N 304 
TYR CA  HA   sing N N 305 
TYR C   O    doub N N 306 
TYR C   OXT  sing N N 307 
TYR CB  CG   sing N N 308 
TYR CB  HB2  sing N N 309 
TYR CB  HB3  sing N N 310 
TYR CG  CD1  doub Y N 311 
TYR CG  CD2  sing Y N 312 
TYR CD1 CE1  sing Y N 313 
TYR CD1 HD1  sing N N 314 
TYR CD2 CE2  doub Y N 315 
TYR CD2 HD2  sing N N 316 
TYR CE1 CZ   doub Y N 317 
TYR CE1 HE1  sing N N 318 
TYR CE2 CZ   sing Y N 319 
TYR CE2 HE2  sing N N 320 
TYR CZ  OH   sing N N 321 
TYR OH  HH   sing N N 322 
TYR OXT HXT  sing N N 323 
VAL N   CA   sing N N 324 
VAL N   H    sing N N 325 
VAL N   H2   sing N N 326 
VAL CA  C    sing N N 327 
VAL CA  CB   sing N N 328 
VAL CA  HA   sing N N 329 
VAL C   O    doub N N 330 
VAL C   OXT  sing N N 331 
VAL CB  CG1  sing N N 332 
VAL CB  CG2  sing N N 333 
VAL CB  HB   sing N N 334 
VAL CG1 HG11 sing N N 335 
VAL CG1 HG12 sing N N 336 
VAL CG1 HG13 sing N N 337 
VAL CG2 HG21 sing N N 338 
VAL CG2 HG22 sing N N 339 
VAL CG2 HG23 sing N N 340 
VAL OXT HXT  sing N N 341 
# 
_pdbx_audit_support.funding_organization   'Japan Society for the Promotion of Science (JSPS)' 
_pdbx_audit_support.country                Japan 
_pdbx_audit_support.grant_number           18H01328 
_pdbx_audit_support.ordinal                1 
# 
_atom_sites.entry_id                    7DG9 
_atom_sites.Cartn_transf_matrix[1][1]   ? 
_atom_sites.Cartn_transf_matrix[1][2]   ? 
_atom_sites.Cartn_transf_matrix[1][3]   ? 
_atom_sites.Cartn_transf_matrix[2][1]   ? 
_atom_sites.Cartn_transf_matrix[2][2]   ? 
_atom_sites.Cartn_transf_matrix[2][3]   ? 
_atom_sites.Cartn_transf_matrix[3][1]   ? 
_atom_sites.Cartn_transf_matrix[3][2]   ? 
_atom_sites.Cartn_transf_matrix[3][3]   ? 
_atom_sites.Cartn_transf_vector[1]      ? 
_atom_sites.Cartn_transf_vector[2]      ? 
_atom_sites.Cartn_transf_vector[3]      ? 
_atom_sites.fract_transf_matrix[1][1]   0.00025249 
_atom_sites.fract_transf_matrix[1][2]   -0.02556480 
_atom_sites.fract_transf_matrix[1][3]   -0.02865468 
_atom_sites.fract_transf_matrix[2][1]   -0.03117584 
_atom_sites.fract_transf_matrix[2][2]   -0.00611631 
_atom_sites.fract_transf_matrix[2][3]   0.00518208 
_atom_sites.fract_transf_matrix[3][1]   -0.00264408 
_atom_sites.fract_transf_matrix[3][2]   0.00766422 
_atom_sites.fract_transf_matrix[3][3]   -0.00686107 
_atom_sites.fract_transf_vector[1]      0.303359 
_atom_sites.fract_transf_vector[2]      0.227494 
_atom_sites.fract_transf_vector[3]      0.375432 
_atom_sites.solution_primary            ? 
_atom_sites.solution_secondary          ? 
_atom_sites.solution_hydrogens          ? 
_atom_sites.special_details             ? 
# 
loop_
_atom_type.symbol 
C  
N  
O  
S  
ZN 
# 
loop_
_atom_site.group_PDB 
_atom_site.id 
_atom_site.type_symbol 
_atom_site.label_atom_id 
_atom_site.label_alt_id 
_atom_site.label_comp_id 
_atom_site.label_asym_id 
_atom_site.label_entity_id 
_atom_site.label_seq_id 
_atom_site.pdbx_PDB_ins_code 
_atom_site.Cartn_x 
_atom_site.Cartn_y 
_atom_site.Cartn_z 
_atom_site.occupancy 
_atom_site.B_iso_or_equiv 
_atom_site.pdbx_formal_charge 
_atom_site.auth_seq_id 
_atom_site.auth_comp_id 
_atom_site.auth_asym_id 
_atom_site.auth_atom_id 
_atom_site.pdbx_PDB_model_num 
ATOM   1   N  N   . MET A 1 3  ? -18.402 11.455  -6.687  1.00 31.75 ?  3   MET A N   1 
ATOM   2   C  CA  . MET A 1 3  ? -17.252 11.763  -5.793  1.00 29.73 ?  3   MET A CA  1 
ATOM   3   C  C   . MET A 1 3  ? -16.061 10.877  -6.164  1.00 31.09 ?  3   MET A C   1 
ATOM   4   O  O   . MET A 1 3  ? -16.244 9.738   -6.506  1.00 35.95 ?  3   MET A O   1 
ATOM   5   C  CB  . MET A 1 3  ? -17.532 11.569  -4.307  1.00 41.64 ?  3   MET A CB  1 
ATOM   6   C  CG  . MET A 1 3  ? -18.212 12.724  -3.627  1.00 38.74 ?  3   MET A CG  1 
ATOM   7   S  SD  . MET A 1 3  ? -18.580 12.566  -1.865  1.00 50.08 ?  3   MET A SD  1 
ATOM   8   C  CE  . MET A 1 3  ? -20.043 13.593  -1.729  1.00 32.15 ?  3   MET A CE  1 
ATOM   9   N  N   . ALA A 1 4  ? -14.870 11.427  -6.019  1.00 28.23 ?  4   ALA A N   1 
ATOM   10  C  CA  . ALA A 1 4  ? -13.653 10.655  -6.283  1.00 21.15 ?  4   ALA A CA  1 
ATOM   11  C  C   . ALA A 1 4  ? -13.461 9.641   -5.150  1.00 17.82 ?  4   ALA A C   1 
ATOM   12  O  O   . ALA A 1 4  ? -13.871 9.862   -4.064  1.00 14.90 ?  4   ALA A O   1 
ATOM   13  C  CB  . ALA A 1 4  ? -12.484 11.582  -6.340  1.00 23.55 ?  4   ALA A CB  1 
ATOM   14  N  N   . ASN A 1 5  ? -12.818 8.521   -5.447  1.00 14.44 ?  5   ASN A N   1 
ATOM   15  C  CA  . ASN A 1 5  ? -12.483 7.603   -4.369  1.00 13.09 ?  5   ASN A CA  1 
ATOM   16  C  C   . ASN A 1 5  ? -11.524 8.270   -3.389  1.00 14.08 ?  5   ASN A C   1 
ATOM   17  O  O   . ASN A 1 5  ? -10.702 9.116   -3.760  1.00 16.17 ?  5   ASN A O   1 
ATOM   18  C  CB  . ASN A 1 5  ? -11.862 6.325   -4.927  1.00 17.56 ?  5   ASN A CB  1 
ATOM   19  C  CG  . ASN A 1 5  ? -12.847 5.508   -5.738  1.00 22.60 ?  5   ASN A CG  1 
ATOM   20  O  OD1 . ASN A 1 5  ? -14.017 5.377   -5.375  1.00 23.96 ?  5   ASN A OD1 1 
ATOM   21  N  ND2 . ASN A 1 5  ? -12.373 4.948   -6.842  1.00 31.29 ?  5   ASN A ND2 1 
ATOM   22  N  N   . SER A 1 6  ? -11.639 7.897   -2.122  1.00 9.79  ?  6   SER A N   1 
ATOM   23  C  CA  A SER A 1 6  ? -10.723 8.416   -1.123  0.57 8.85  ?  6   SER A CA  1 
ATOM   24  C  CA  B SER A 1 6  ? -10.724 8.407   -1.117  0.43 8.88  ?  6   SER A CA  1 
ATOM   25  C  C   . SER A 1 6  ? -9.323  7.853   -1.355  1.00 8.42  ?  6   SER A C   1 
ATOM   26  O  O   . SER A 1 6  ? -9.148  6.785   -1.952  1.00 13.12 ?  6   SER A O   1 
ATOM   27  C  CB  A SER A 1 6  ? -11.216 8.073   0.282   0.57 14.27 ?  6   SER A CB  1 
ATOM   28  C  CB  B SER A 1 6  ? -11.210 8.041   0.284   0.43 14.25 ?  6   SER A CB  1 
ATOM   29  O  OG  A SER A 1 6  ? -12.533 8.567   0.483   0.57 16.67 ?  6   SER A OG  1 
ATOM   30  O  OG  B SER A 1 6  ? -11.514 6.658   0.364   0.43 15.78 ?  6   SER A OG  1 
ATOM   31  N  N   . SER A 1 7  ? -8.323  8.592   -0.898  1.00 7.83  ?  7   SER A N   1 
ATOM   32  C  CA  . SER A 1 7  ? -6.945  8.158   -1.043  1.00 11.16 ?  7   SER A CA  1 
ATOM   33  C  C   . SER A 1 7  ? -6.187  8.591   0.198   1.00 13.42 ?  7   SER A C   1 
ATOM   34  O  O   . SER A 1 7  ? -6.554  9.578   0.852   1.00 13.58 ?  7   SER A O   1 
ATOM   35  C  CB  . SER A 1 7  ? -6.296  8.722   -2.317  1.00 13.54 ?  7   SER A CB  1 
ATOM   36  O  OG  . SER A 1 7  ? -6.271  10.137  -2.301  1.00 15.28 ?  7   SER A OG  1 
ATOM   37  N  N   . VAL A 1 8  ? -5.145  7.833   0.538   1.00 8.45  ?  8   VAL A N   1 
ATOM   38  C  CA  . VAL A 1 8  ? -4.356  8.074   1.740   1.00 9.83  ?  8   VAL A CA  1 
ATOM   39  C  C   . VAL A 1 8  ? -2.879  7.973   1.383   1.00 9.25  ?  8   VAL A C   1 
ATOM   40  O  O   . VAL A 1 8  ? -2.479  7.122   0.581   1.00 13.34 ?  8   VAL A O   1 
ATOM   41  C  CB  . VAL A 1 8  ? -4.729  7.080   2.868   1.00 9.99  ?  8   VAL A CB  1 
ATOM   42  C  CG1 . VAL A 1 8  ? -3.814  7.250   4.092   1.00 15.48 ?  8   VAL A CG1 1 
ATOM   43  C  CG2 . VAL A 1 8  ? -6.190  7.257   3.274   1.00 12.25 ?  8   VAL A CG2 1 
ATOM   44  N  N   . GLU A 1 9  ? -2.071  8.873   1.940   1.00 8.00  ?  9   GLU A N   1 
ATOM   45  C  CA  . GLU A 1 9  ? -0.622  8.825   1.767   1.00 8.83  ?  9   GLU A CA  1 
ATOM   46  C  C   . GLU A 1 9  ? 0.003   8.015   2.900   1.00 8.86  ?  9   GLU A C   1 
ATOM   47  O  O   . GLU A 1 9  ? -0.357  8.194   4.068   1.00 8.71  ?  9   GLU A O   1 
ATOM   48  C  CB  . GLU A 1 9  ? -0.044  10.240  1.727   1.00 14.19 ?  9   GLU A CB  1 
ATOM   49  C  CG  . GLU A 1 9  ? -0.353  10.970  0.427   1.00 14.06 ?  9   GLU A CG  1 
ATOM   50  C  CD  . GLU A 1 9  ? 0.252   12.361  0.361   1.00 33.49 ?  9   GLU A CD  1 
ATOM   51  O  OE1 . GLU A 1 9  ? 1.003   12.737  1.288   1.00 26.68 ?  9   GLU A OE1 1 
ATOM   52  O  OE2 . GLU A 1 9  ? -0.029  13.081  -0.624  1.00 31.56 -1 9   GLU A OE2 1 
ATOM   53  N  N   . LEU A 1 10 ? 0.919   7.101   2.548   1.00 7.23  ?  10  LEU A N   1 
ATOM   54  C  CA  . LEU A 1 10 ? 1.523   6.180   3.507   1.00 8.00  ?  10  LEU A CA  1 
ATOM   55  C  C   . LEU A 1 10 ? 3.018   6.085   3.272   1.00 7.64  ?  10  LEU A C   1 
ATOM   56  O  O   . LEU A 1 10 ? 3.488   6.291   2.149   1.00 8.45  ?  10  LEU A O   1 
ATOM   57  C  CB  . LEU A 1 10 ? 0.904   4.788   3.398   1.00 6.79  ?  10  LEU A CB  1 
ATOM   58  C  CG  . LEU A 1 10 ? -0.581  4.648   3.749   1.00 6.54  ?  10  LEU A CG  1 
ATOM   59  C  CD1 . LEU A 1 10 ? -1.048  3.254   3.398   1.00 6.52  ?  10  LEU A CD1 1 
ATOM   60  C  CD2 . LEU A 1 10 ? -0.843  4.937   5.225   1.00 10.58 ?  10  LEU A CD2 1 
ATOM   61  N  N   . ARG A 1 11 ? 3.753   5.768   4.333   1.00 5.96  ?  11  ARG A N   1 
ATOM   62  C  CA  . ARG A 1 11 ? 5.202   5.639   4.267   1.00 7.03  ?  11  ARG A CA  1 
ATOM   63  C  C   . ARG A 1 11 ? 5.571   4.228   3.838   1.00 8.27  ?  11  ARG A C   1 
ATOM   64  O  O   . ARG A 1 11 ? 5.099   3.256   4.420   1.00 8.57  ?  11  ARG A O   1 
ATOM   65  C  CB  . ARG A 1 11 ? 5.823   5.979   5.620   1.00 11.87 ?  11  ARG A CB  1 
ATOM   66  C  CG  . ARG A 1 11 ? 7.334   5.924   5.653   1.00 18.09 ?  11  ARG A CG  1 
ATOM   67  C  CD  . ARG A 1 11 ? 7.792   6.506   6.985   1.00 29.19 ?  11  ARG A CD  1 
ATOM   68  N  NE  . ARG A 1 11 ? 7.404   5.594   8.063   1.00 37.90 ?  11  ARG A NE  1 
ATOM   69  C  CZ  . ARG A 1 11 ? 6.638   5.928   9.098   1.00 44.34 ?  11  ARG A CZ  1 
ATOM   70  N  NH1 . ARG A 1 11 ? 6.180   7.161   9.209   1.00 49.32 ?  11  ARG A NH1 1 
ATOM   71  N  NH2 . ARG A 1 11 ? 6.319   5.034   10.026  1.00 41.65 ?  11  ARG A NH2 1 
ATOM   72  N  N   . VAL A 1 12 ? 6.409   4.128   2.814   1.00 6.90  ?  12  VAL A N   1 
ATOM   73  C  CA  . VAL A 1 12 ? 6.842   2.846   2.275   1.00 8.82  ?  12  VAL A CA  1 
ATOM   74  C  C   . VAL A 1 12 ? 7.751   2.120   3.267   1.00 9.15  ?  12  VAL A C   1 
ATOM   75  O  O   . VAL A 1 12 ? 8.718   2.693   3.766   1.00 9.43  ?  12  VAL A O   1 
ATOM   76  C  CB  . VAL A 1 12 ? 7.554   3.053   0.933   1.00 6.98  ?  12  VAL A CB  1 
ATOM   77  C  CG1 . VAL A 1 12 ? 8.092   1.751   0.406   1.00 9.58  ?  12  VAL A CG1 1 
ATOM   78  C  CG2 . VAL A 1 12 ? 6.593   3.689   -0.071  1.00 7.66  ?  12  VAL A CG2 1 
ATOM   79  N  N   . SER A 1 13 ? 7.425   0.857   3.536   1.00 8.39  ?  13  SER A N   1 
ATOM   80  C  CA  . SER A 1 13 ? 8.152   0.018   4.478   1.00 6.64  ?  13  SER A CA  1 
ATOM   81  C  C   . SER A 1 13 ? 8.422   -1.329  3.809   1.00 6.14  ?  13  SER A C   1 
ATOM   82  O  O   . SER A 1 13 ? 7.708   -1.717  2.890   1.00 6.99  ?  13  SER A O   1 
ATOM   83  C  CB  . SER A 1 13 ? 7.348   -0.171  5.765   1.00 10.12 ?  13  SER A CB  1 
ATOM   84  O  OG  . SER A 1 13 ? 7.188   1.067   6.443   1.00 14.90 ?  13  SER A OG  1 
ATOM   85  N  N   . GLU A 1 14 ? 9.462   -2.028  4.255   1.00 7.83  ?  14  GLU A N   1 
ATOM   86  C  CA  . GLU A 1 14 ? 9.833   -3.310  3.658   1.00 8.29  ?  14  GLU A CA  1 
ATOM   87  C  C   . GLU A 1 14 ? 8.745   -4.361  3.867   1.00 6.70  ?  14  GLU A C   1 
ATOM   88  O  O   . GLU A 1 14 ? 7.973   -4.294  4.826   1.00 7.01  ?  14  GLU A O   1 
ATOM   89  C  CB  . GLU A 1 14 ? 11.165  -3.792  4.241   1.00 8.43  ?  14  GLU A CB  1 
ATOM   90  C  CG  . GLU A 1 14 ? 11.677  -5.124  3.681   1.00 11.78 ?  14  GLU A CG  1 
ATOM   91  C  CD  . GLU A 1 14 ? 11.974  -5.067  2.197   1.00 15.20 ?  14  GLU A CD  1 
ATOM   92  O  OE1 . GLU A 1 14 ? 11.105  -5.457  1.382   1.00 9.50  ?  14  GLU A OE1 1 
ATOM   93  O  OE2 . GLU A 1 14 ? 13.086  -4.621  1.844   1.00 17.84 -1 14  GLU A OE2 1 
ATOM   94  N  N   . ALA A 1 15 ? 8.671   -5.318  2.950   1.00 4.59  ?  15  ALA A N   1 
ATOM   95  C  CA  . ALA A 1 15 ? 7.747   -6.445  3.073   1.00 5.90  ?  15  ALA A CA  1 
ATOM   96  C  C   . ALA A 1 15 ? 8.100   -7.368  4.237   1.00 7.14  ?  15  ALA A C   1 
ATOM   97  O  O   . ALA A 1 15 ? 9.264   -7.493  4.611   1.00 9.25  ?  15  ALA A O   1 
ATOM   98  C  CB  . ALA A 1 15 ? 7.738   -7.241  1.776   1.00 8.03  ?  15  ALA A CB  1 
ATOM   99  N  N   . TYR A 1 16 ? 7.083   -8.020  4.802   1.00 5.35  ?  16  TYR A N   1 
ATOM   100 C  CA  . TYR A 1 16 ? 7.319   -9.213  5.606   1.00 6.24  ?  16  TYR A CA  1 
ATOM   101 C  C   . TYR A 1 16 ? 7.946   -10.271 4.690   1.00 8.07  ?  16  TYR A C   1 
ATOM   102 O  O   . TYR A 1 16 ? 7.582   -10.361 3.523   1.00 8.01  ?  16  TYR A O   1 
ATOM   103 C  CB  . TYR A 1 16 ? 6.017   -9.751  6.202   1.00 8.98  ?  16  TYR A CB  1 
ATOM   104 C  CG  . TYR A 1 16 ? 5.249   -8.805  7.097   1.00 8.06  ?  16  TYR A CG  1 
ATOM   105 C  CD1 . TYR A 1 16 ? 5.894   -8.006  8.038   1.00 7.31  ?  16  TYR A CD1 1 
ATOM   106 C  CD2 . TYR A 1 16 ? 3.857   -8.752  7.041   1.00 7.93  ?  16  TYR A CD2 1 
ATOM   107 C  CE1 . TYR A 1 16 ? 5.171   -7.152  8.877   1.00 7.27  ?  16  TYR A CE1 1 
ATOM   108 C  CE2 . TYR A 1 16 ? 3.139   -7.912  7.872   1.00 9.73  ?  16  TYR A CE2 1 
ATOM   109 C  CZ  . TYR A 1 16 ? 3.794   -7.120  8.784   1.00 7.05  ?  16  TYR A CZ  1 
ATOM   110 O  OH  . TYR A 1 16 ? 3.060   -6.278  9.607   1.00 7.21  ?  16  TYR A OH  1 
ATOM   111 N  N   . PRO A 1 17 ? 8.882   -11.077 5.216   1.00 7.98  ?  17  PRO A N   1 
ATOM   112 C  CA  . PRO A 1 17 ? 9.607   -12.023 4.343   1.00 11.04 ?  17  PRO A CA  1 
ATOM   113 C  C   . PRO A 1 17 ? 8.674   -12.958 3.548   1.00 10.40 ?  17  PRO A C   1 
ATOM   114 O  O   . PRO A 1 17 ? 8.934   -13.202 2.363   1.00 10.74 ?  17  PRO A O   1 
ATOM   115 C  CB  . PRO A 1 17 ? 10.495  -12.811 5.330   1.00 14.51 ?  17  PRO A CB  1 
ATOM   116 C  CG  . PRO A 1 17 ? 10.090  -12.370 6.722   1.00 15.03 ?  17  PRO A CG  1 
ATOM   117 C  CD  . PRO A 1 17 ? 9.442   -11.019 6.573   1.00 10.59 ?  17  PRO A CD  1 
ATOM   118 N  N   . ARG A 1 18 ? 7.582   -13.408 4.159   1.00 11.06 ?  18  ARG A N   1 
ATOM   119 C  CA  . ARG A 1 18 ? 6.690   -14.317 3.438   1.00 16.95 ?  18  ARG A CA  1 
ATOM   120 C  C   . ARG A 1 18 ? 5.854   -13.648 2.338   1.00 13.80 ?  18  ARG A C   1 
ATOM   121 O  O   . ARG A 1 18 ? 5.235   -14.334 1.525   1.00 21.31 ?  18  ARG A O   1 
ATOM   122 C  CB  . ARG A 1 18 ? 5.767   -15.043 4.423   1.00 21.02 ?  18  ARG A CB  1 
ATOM   123 C  CG  . ARG A 1 18 ? 5.231   -16.370 3.907   1.00 33.22 ?  18  ARG A CG  1 
ATOM   124 C  CD  . ARG A 1 18 ? 4.727   -17.241 5.046   1.00 26.54 ?  18  ARG A CD  1 
ATOM   125 N  NE  . ARG A 1 18 ? 4.013   -18.417 4.561   1.00 31.76 ?  18  ARG A NE  1 
ATOM   126 C  CZ  . ARG A 1 18 ? 3.046   -18.380 3.650   1.00 31.95 ?  18  ARG A CZ  1 
ATOM   127 N  NH1 . ARG A 1 18 ? 2.673   -17.221 3.123   1.00 36.71 ?  18  ARG A NH1 1 
ATOM   128 N  NH2 . ARG A 1 18 ? 2.450   -19.501 3.265   1.00 34.37 ?  18  ARG A NH2 1 
ATOM   129 N  N   . ASP A 1 19 ? 5.921   -12.323 2.234   1.00 9.20  ?  19  ASP A N   1 
ATOM   130 C  CA  . ASP A 1 19 ? 5.210   -11.596 1.189   1.00 8.64  ?  19  ASP A CA  1 
ATOM   131 C  C   . ASP A 1 19 ? 6.077   -11.258 -0.025  1.00 8.27  ?  19  ASP A C   1 
ATOM   132 O  O   . ASP A 1 19 ? 5.568   -10.756 -1.023  1.00 8.84  ?  19  ASP A O   1 
ATOM   133 C  CB  . ASP A 1 19 ? 4.643   -10.285 1.747   1.00 10.16 ?  19  ASP A CB  1 
ATOM   134 C  CG  . ASP A 1 19 ? 3.504   -10.504 2.729   1.00 15.01 ?  19  ASP A CG  1 
ATOM   135 O  OD1 . ASP A 1 19 ? 2.826   -11.554 2.656   1.00 14.37 ?  19  ASP A OD1 1 
ATOM   136 O  OD2 . ASP A 1 19 ? 3.288   -9.609  3.573   1.00 20.07 -1 19  ASP A OD2 1 
ATOM   137 N  N   . VAL A 1 20 ? 7.383   -11.490 0.066   1.00 7.12  ?  20  VAL A N   1 
ATOM   138 C  CA  . VAL A 1 20 ? 8.277   -11.100 -1.016  1.00 5.39  ?  20  VAL A CA  1 
ATOM   139 C  C   . VAL A 1 20 ? 7.944   -11.888 -2.279  1.00 6.80  ?  20  VAL A C   1 
ATOM   140 O  O   . VAL A 1 20 ? 7.823   -13.115 -2.242  1.00 10.09 ?  20  VAL A O   1 
ATOM   141 C  CB  . VAL A 1 20 ? 9.752   -11.287 -0.617  1.00 8.69  ?  20  VAL A CB  1 
ATOM   142 C  CG1 . VAL A 1 20 ? 10.669  -10.955 -1.793  1.00 12.09 ?  20  VAL A CG1 1 
ATOM   143 C  CG2 . VAL A 1 20 ? 10.088  -10.421 0.592   1.00 10.07 ?  20  VAL A CG2 1 
ATOM   144 N  N   . GLY A 1 21 ? 7.780   -11.174 -3.390  1.00 5.70  ?  21  GLY A N   1 
ATOM   145 C  CA  . GLY A 1 21 ? 7.417   -11.795 -4.650  1.00 6.39  ?  21  GLY A CA  1 
ATOM   146 C  C   . GLY A 1 21 ? 5.926   -12.002 -4.848  1.00 9.98  ?  21  GLY A C   1 
ATOM   147 O  O   . GLY A 1 21 ? 5.508   -12.552 -5.871  1.00 10.52 ?  21  GLY A O   1 
ATOM   148 N  N   . ARG A 1 22 ? 5.112   -11.619 -3.879  1.00 6.67  ?  22  ARG A N   1 
ATOM   149 C  CA  . ARG A 1 22 ? 3.668   -11.683 -3.989  1.00 7.30  ?  22  ARG A CA  1 
ATOM   150 C  C   . ARG A 1 22 ? 3.138   -10.304 -4.342  1.00 8.51  ?  22  ARG A C   1 
ATOM   151 O  O   . ARG A 1 22 ? 3.723   -9.278  -3.983  1.00 9.19  ?  22  ARG A O   1 
ATOM   152 C  CB  . ARG A 1 22 ? 3.036   -12.171 -2.679  1.00 8.07  ?  22  ARG A CB  1 
ATOM   153 C  CG  . ARG A 1 22 ? 3.660   -13.473 -2.157  1.00 9.43  ?  22  ARG A CG  1 
ATOM   154 C  CD  . ARG A 1 22 ? 2.925   -13.986 -0.912  1.00 11.38 ?  22  ARG A CD  1 
ATOM   155 N  NE  . ARG A 1 22 ? 3.590   -15.152 -0.330  1.00 11.58 ?  22  ARG A NE  1 
ATOM   156 C  CZ  . ARG A 1 22 ? 3.372   -16.417 -0.684  1.00 12.20 ?  22  ARG A CZ  1 
ATOM   157 N  NH1 . ARG A 1 22 ? 2.485   -16.715 -1.632  1.00 13.08 ?  22  ARG A NH1 1 
ATOM   158 N  NH2 . ARG A 1 22 ? 4.042   -17.387 -0.072  1.00 17.96 ?  22  ARG A NH2 1 
ATOM   159 N  N   . LYS A 1 23 ? 2.034   -10.287 -5.064  1.00 7.15  ?  23  LYS A N   1 
ATOM   160 C  CA  . LYS A 1 23 ? 1.483   -9.012  -5.505  1.00 7.58  ?  23  LYS A CA  1 
ATOM   161 C  C   . LYS A 1 23 ? 0.523   -8.525  -4.421  1.00 9.47  ?  23  LYS A C   1 
ATOM   162 O  O   . LYS A 1 23 ? -0.707  -8.536  -4.544  1.00 11.43 ?  23  LYS A O   1 
ATOM   163 C  CB  . LYS A 1 23 ? 0.850   -9.195  -6.870  1.00 15.88 ?  23  LYS A CB  1 
ATOM   164 C  CG  . LYS A 1 23 ? 1.856   -8.910  -7.971  1.00 32.87 ?  23  LYS A CG  1 
ATOM   165 C  CD  . LYS A 1 23 ? 1.133   -8.795  -9.222  1.00 42.93 ?  23  LYS A CD  1 
ATOM   166 C  CE  . LYS A 1 23 ? 0.270   -7.607  -9.153  1.00 40.75 ?  23  LYS A CE  1 
ATOM   167 N  NZ  . LYS A 1 23 ? -0.784  -7.771  -10.196 1.00 45.49 ?  23  LYS A NZ  1 
ATOM   168 N  N   . ILE A 1 24 ? 1.153   -8.123  -3.318  1.00 7.56  ?  24  ILE A N   1 
ATOM   169 C  CA  . ILE A 1 24 ? 0.515   -7.840  -2.044  1.00 7.14  ?  24  ILE A CA  1 
ATOM   170 C  C   . ILE A 1 24 ? 1.084   -6.537  -1.522  1.00 7.52  ?  24  ILE A C   1 
ATOM   171 O  O   . ILE A 1 24 ? 2.288   -6.289  -1.643  1.00 9.08  ?  24  ILE A O   1 
ATOM   172 C  CB  . ILE A 1 24 ? 0.801   -8.967  -1.035  1.00 11.39 ?  24  ILE A CB  1 
ATOM   173 C  CG1 . ILE A 1 24 ? 0.001   -10.203 -1.411  1.00 10.06 ?  24  ILE A CG1 1 
ATOM   174 C  CG2 . ILE A 1 24 ? 0.540   -8.529  0.399   1.00 14.98 ?  24  ILE A CG2 1 
ATOM   175 C  CD1 . ILE A 1 24 ? 0.297   -11.399 -0.510  1.00 14.42 ?  24  ILE A CD1 1 
ATOM   176 N  N   . VAL A 1 25 ? 0.223   -5.703  -0.941  1.00 7.10  ?  25  VAL A N   1 
ATOM   177 C  CA  . VAL A 1 25 ? 0.689   -4.661  -0.035  1.00 4.76  ?  25  VAL A CA  1 
ATOM   178 C  C   . VAL A 1 25 ? -0.015  -4.858  1.296   1.00 6.24  ?  25  VAL A C   1 
ATOM   179 O  O   . VAL A 1 25 ? -1.153  -5.336  1.345   1.00 7.59  ?  25  VAL A O   1 
ATOM   180 C  CB  . VAL A 1 25 ? 0.445   -3.227  -0.564  1.00 5.24  ?  25  VAL A CB  1 
ATOM   181 C  CG1 . VAL A 1 25 ? 1.275   -2.966  -1.842  1.00 6.41  ?  25  VAL A CG1 1 
ATOM   182 C  CG2 . VAL A 1 25 ? -1.044  -2.966  -0.807  1.00 6.71  ?  25  VAL A CG2 1 
ATOM   183 N  N   . ARG A 1 26 ? 0.635   -4.440  2.375   1.00 6.76  ?  26  ARG A N   1 
ATOM   184 C  CA  . ARG A 1 26 ? 0.042   -4.527  3.705   1.00 5.92  ?  26  ARG A CA  1 
ATOM   185 C  C   . ARG A 1 26 ? -0.257  -3.134  4.234   1.00 7.68  ?  26  ARG A C   1 
ATOM   186 O  O   . ARG A 1 26 ? 0.638   -2.279  4.292   1.00 7.13  ?  26  ARG A O   1 
ATOM   187 C  CB  . ARG A 1 26 ? 0.958   -5.260  4.684   1.00 7.07  ?  26  ARG A CB  1 
ATOM   188 C  CG  . ARG A 1 26 ? 1.280   -6.681  4.275   1.00 10.27 ?  26  ARG A CG  1 
ATOM   189 C  CD  . ARG A 1 26 ? 0.569   -7.711  5.131   1.00 9.98  ?  26  ARG A CD  1 
ATOM   190 N  NE  . ARG A 1 26 ? 0.999   -9.061  4.774   1.00 8.87  ?  26  ARG A NE  1 
ATOM   191 C  CZ  . ARG A 1 26 ? 0.500   -10.164 5.316   1.00 12.04 ?  26  ARG A CZ  1 
ATOM   192 N  NH1 . ARG A 1 26 ? -0.461  -10.087 6.231   1.00 14.23 ?  26  ARG A NH1 1 
ATOM   193 N  NH2 . ARG A 1 26 ? 0.961   -11.351 4.947   1.00 10.77 ?  26  ARG A NH2 1 
ATOM   194 N  N   . ILE A 1 27 ? -1.505  -2.924  4.651   1.00 5.62  ?  27  ILE A N   1 
ATOM   195 C  CA  . ILE A 1 27 ? -1.918  -1.698  5.341   1.00 5.51  ?  27  ILE A CA  1 
ATOM   196 C  C   . ILE A 1 27 ? -2.773  -2.099  6.529   1.00 6.94  ?  27  ILE A C   1 
ATOM   197 O  O   . ILE A 1 27 ? -3.155  -3.270  6.653   1.00 7.79  ?  27  ILE A O   1 
ATOM   198 C  CB  . ILE A 1 27 ? -2.681  -0.734  4.419   1.00 7.12  ?  27  ILE A CB  1 
ATOM   199 C  CG1 . ILE A 1 27 ? -4.004  -1.377  3.974   1.00 8.13  ?  27  ILE A CG1 1 
ATOM   200 C  CG2 . ILE A 1 27 ? -1.783  -0.309  3.234   1.00 6.38  ?  27  ILE A CG2 1 
ATOM   201 C  CD1 . ILE A 1 27 ? -4.950  -0.426  3.218   1.00 8.56  ?  27  ILE A CD1 1 
ATOM   202 N  N   . ASP A 1 28 ? -3.071  -1.144  7.414   1.00 6.68  ?  28  ASP A N   1 
ATOM   203 C  CA  . ASP A 1 28 ? -3.856  -1.503  8.590   1.00 7.00  ?  28  ASP A CA  1 
ATOM   204 C  C   . ASP A 1 28 ? -5.352  -1.350  8.330   1.00 7.08  ?  28  ASP A C   1 
ATOM   205 O  O   . ASP A 1 28 ? -5.776  -0.859  7.281   1.00 7.63  ?  28  ASP A O   1 
ATOM   206 C  CB  . ASP A 1 28 ? -3.407  -0.706  9.825   1.00 9.50  ?  28  ASP A CB  1 
ATOM   207 C  CG  . ASP A 1 28 ? -3.542  0.800   9.670   1.00 9.70  ?  28  ASP A CG  1 
ATOM   208 O  OD1 . ASP A 1 28 ? -4.397  1.283   8.909   1.00 9.80  ?  28  ASP A OD1 1 
ATOM   209 O  OD2 . ASP A 1 28 ? -2.787  1.516   10.362  1.00 11.45 -1 28  ASP A OD2 1 
ATOM   210 N  N   . ARG A 1 29 ? -6.157  -1.812  9.281   1.00 8.91  ?  29  ARG A N   1 
ATOM   211 C  CA  . ARG A 1 29 ? -7.599  -1.861  9.075   1.00 10.44 ?  29  ARG A CA  1 
ATOM   212 C  C   . ARG A 1 29 ? -8.225  -0.484  8.990   1.00 11.15 ?  29  ARG A C   1 
ATOM   213 O  O   . ARG A 1 29 ? -9.166  -0.282  8.216   1.00 11.69 ?  29  ARG A O   1 
ATOM   214 C  CB  . ARG A 1 29 ? -8.262  -2.662  10.190  1.00 12.81 ?  29  ARG A CB  1 
ATOM   215 C  CG  . ARG A 1 29 ? -7.977  -4.134  10.079  1.00 17.38 ?  29  ARG A CG  1 
ATOM   216 C  CD  . ARG A 1 29 ? -8.457  -4.871  11.304  1.00 17.26 ?  29  ARG A CD  1 
ATOM   217 N  NE  . ARG A 1 29 ? -7.710  -4.479  12.486  1.00 14.26 ?  29  ARG A NE  1 
ATOM   218 C  CZ  . ARG A 1 29 ? -8.120  -4.703  13.729  1.00 15.77 ?  29  ARG A CZ  1 
ATOM   219 N  NH1 . ARG A 1 29 ? -9.272  -5.326  13.939  1.00 15.95 ?  29  ARG A NH1 1 
ATOM   220 N  NH2 . ARG A 1 29 ? -7.374  -4.313  14.752  1.00 19.78 ?  29  ARG A NH2 1 
ATOM   221 N  N   . GLN A 1 30 ? -7.711  0.451   9.788   1.00 12.18 ?  30  GLN A N   1 
ATOM   222 C  CA  . GLN A 1 30 ? -8.206  1.820   9.809   1.00 12.83 ?  30  GLN A CA  1 
ATOM   223 C  C   . GLN A 1 30 ? -7.997  2.466   8.449   1.00 13.64 ?  30  GLN A C   1 
ATOM   224 O  O   . GLN A 1 30 ? -8.867  3.170   7.947   1.00 13.25 ?  30  GLN A O   1 
ATOM   225 C  CB  . GLN A 1 30 ? -7.513  2.649   10.899  1.00 16.73 ?  30  GLN A CB  1 
ATOM   226 C  CG  . GLN A 1 30 ? -8.228  3.958   11.242  1.00 31.06 ?  30  GLN A CG  1 
ATOM   227 C  CD  . GLN A 1 30 ? -7.415  4.862   12.158  1.00 42.17 ?  30  GLN A CD  1 
ATOM   228 O  OE1 . GLN A 1 30 ? -6.194  4.975   12.017  1.00 37.27 ?  30  GLN A OE1 1 
ATOM   229 N  NE2 . GLN A 1 30 ? -8.090  5.514   13.099  1.00 37.66 ?  30  GLN A NE2 1 
ATOM   230 N  N   . THR A 1 31 ? -6.848  2.199   7.841   1.00 11.42 ?  31  THR A N   1 
ATOM   231 C  CA  . THR A 1 31 ? -6.565  2.773   6.534   1.00 10.89 ?  31  THR A CA  1 
ATOM   232 C  C   . THR A 1 31 ? -7.451  2.144   5.462   1.00 9.35  ?  31  THR A C   1 
ATOM   233 O  O   . THR A 1 31 ? -7.977  2.838   4.596   1.00 8.51  ?  31  THR A O   1 
ATOM   234 C  CB  . THR A 1 31 ? -5.086  2.602   6.157   1.00 9.40  ?  31  THR A CB  1 
ATOM   235 O  OG1 . THR A 1 31 ? -4.264  3.223   7.160   1.00 10.91 ?  31  THR A OG1 1 
ATOM   236 C  CG2 . THR A 1 31 ? -4.794  3.257   4.806   1.00 11.51 ?  31  THR A CG2 1 
ATOM   237 N  N   . ALA A 1 32 ? -7.629  0.829   5.517   1.00 7.23  ?  32  ALA A N   1 
ATOM   238 C  CA  . ALA A 1 32 ? -8.496  0.167   4.549   1.00 6.41  ?  32  ALA A CA  1 
ATOM   239 C  C   . ALA A 1 32 ? -9.918  0.725   4.645   1.00 8.90  ?  32  ALA A C   1 
ATOM   240 O  O   . ALA A 1 32 ? -10.542 1.015   3.631   1.00 10.20 ?  32  ALA A O   1 
ATOM   241 C  CB  . ALA A 1 32 ? -8.489  -1.351  4.760   1.00 9.25  ?  32  ALA A CB  1 
ATOM   242 N  N   . ALA A 1 33 ? -10.398 0.919   5.865   1.00 11.80 ?  33  ALA A N   1 
ATOM   243 C  CA  . ALA A 1 33 ? -11.738 1.464   6.074   1.00 16.14 ?  33  ALA A CA  1 
ATOM   244 C  C   . ALA A 1 33 ? -11.865 2.866   5.475   1.00 12.16 ?  33  ALA A C   1 
ATOM   245 O  O   . ALA A 1 33 ? -12.877 3.183   4.842   1.00 13.78 ?  33  ALA A O   1 
ATOM   246 C  CB  . ALA A 1 33 ? -12.072 1.481   7.560   1.00 13.45 ?  33  ALA A CB  1 
ATOM   247 N  N   . ARG A 1 34 ? -10.841 3.698   5.663   1.00 10.66 ?  34  ARG A N   1 
ATOM   248 C  CA  . ARG A 1 34 ? -10.843 5.043   5.069   1.00 10.13 ?  34  ARG A CA  1 
ATOM   249 C  C   . ARG A 1 34 ? -10.879 5.000   3.539   1.00 10.14 ?  34  ARG A C   1 
ATOM   250 O  O   . ARG A 1 34 ? -11.423 5.900   2.903   1.00 12.22 ?  34  ARG A O   1 
ATOM   251 C  CB  . ARG A 1 34 ? -9.625  5.845   5.537   1.00 10.85 ?  34  ARG A CB  1 
ATOM   252 C  CG  . ARG A 1 34 ? -9.707  6.265   6.996   1.00 13.98 ?  34  ARG A CG  1 
ATOM   253 C  CD  . ARG A 1 34 ? -8.361  6.724   7.539   1.00 15.99 ?  34  ARG A CD  1 
ATOM   254 N  NE  . ARG A 1 34 ? -7.878  7.925   6.864   1.00 13.37 ?  34  ARG A NE  1 
ATOM   255 C  CZ  . ARG A 1 34 ? -6.660  8.435   7.020   1.00 14.00 ?  34  ARG A CZ  1 
ATOM   256 N  NH1 . ARG A 1 34 ? -5.786  7.843   7.825   1.00 19.38 ?  34  ARG A NH1 1 
ATOM   257 N  NH2 . ARG A 1 34 ? -6.320  9.541   6.373   1.00 17.46 ?  34  ARG A NH2 1 
ATOM   258 N  N   . LEU A 1 35 ? -10.290 3.964   2.952   1.00 9.02  ?  35  LEU A N   1 
ATOM   259 C  CA  . LEU A 1 35 ? -10.247 3.828   1.501   1.00 8.35  ?  35  LEU A CA  1 
ATOM   260 C  C   . LEU A 1 35 ? -11.535 3.247   0.929   1.00 8.90  ?  35  LEU A C   1 
ATOM   261 O  O   . LEU A 1 35 ? -11.747 3.263   -0.285  1.00 10.11 ?  35  LEU A O   1 
ATOM   262 C  CB  . LEU A 1 35 ? -9.067  2.949   1.095   1.00 8.71  ?  35  LEU A CB  1 
ATOM   263 C  CG  . LEU A 1 35 ? -7.683  3.500   1.409   1.00 10.38 ?  35  LEU A CG  1 
ATOM   264 C  CD1 . LEU A 1 35 ? -6.630  2.453   1.003   1.00 9.97  ?  35  LEU A CD1 1 
ATOM   265 C  CD2 . LEU A 1 35 ? -7.440  4.830   0.692   1.00 9.69  ?  35  LEU A CD2 1 
ATOM   266 N  N   . GLY A 1 36 ? -12.375 2.715   1.809   1.00 9.47  ?  36  GLY A N   1 
ATOM   267 C  CA  . GLY A 1 36 ? -13.589 2.049   1.382   1.00 9.68  ?  36  GLY A CA  1 
ATOM   268 C  C   . GLY A 1 36 ? -13.316 0.697   0.761   1.00 11.38 ?  36  GLY A C   1 
ATOM   269 O  O   . GLY A 1 36 ? -14.028 0.251   -0.142  1.00 14.38 ?  36  GLY A O   1 
ATOM   270 N  N   . VAL A 1 37 ? -12.275 0.030   1.245   1.00 8.36  ?  37  VAL A N   1 
ATOM   271 C  CA  . VAL A 1 37 ? -11.966 -1.320  0.798   1.00 10.07 ?  37  VAL A CA  1 
ATOM   272 C  C   . VAL A 1 37 ? -11.887 -2.240  1.999   1.00 10.53 ?  37  VAL A C   1 
ATOM   273 O  O   . VAL A 1 37 ? -11.764 -1.795  3.142   1.00 12.24 ?  37  VAL A O   1 
ATOM   274 C  CB  . VAL A 1 37 ? -10.657 -1.381  -0.002  1.00 11.09 ?  37  VAL A CB  1 
ATOM   275 C  CG1 . VAL A 1 37 ? -10.708 -0.437  -1.203  1.00 11.08 ?  37  VAL A CG1 1 
ATOM   276 C  CG2 . VAL A 1 37 ? -9.477  -1.056  0.897   1.00 9.64  ?  37  VAL A CG2 1 
ATOM   277 N  N   . GLU A 1 38 ? -11.977 -3.531  1.739   1.00 10.69 ?  38  GLU A N   1 
ATOM   278 C  CA  . GLU A 1 38 ? -11.736 -4.502  2.791   1.00 11.17 ?  38  GLU A CA  1 
ATOM   279 C  C   . GLU A 1 38 ? -10.449 -5.220  2.495   1.00 11.60 ?  38  GLU A C   1 
ATOM   280 O  O   . GLU A 1 38 ? -10.038 -5.323  1.345   1.00 10.31 ?  38  GLU A O   1 
ATOM   281 C  CB  . GLU A 1 38 ? -12.892 -5.494  2.919   1.00 15.34 ?  38  GLU A CB  1 
ATOM   282 C  CG  . GLU A 1 38 ? -14.117 -4.847  3.503   1.00 11.16 ?  38  GLU A CG  1 
ATOM   283 C  CD  . GLU A 1 38 ? -15.231 -5.817  3.782   1.00 15.67 ?  38  GLU A CD  1 
ATOM   284 O  OE1 . GLU A 1 38 ? -15.002 -7.043  3.719   1.00 15.92 ?  38  GLU A OE1 1 
ATOM   285 O  OE2 . GLU A 1 38 ? -16.345 -5.332  4.059   1.00 12.77 -1 38  GLU A OE2 1 
ATOM   286 N  N   . VAL A 1 39 ? -9.801  -5.680  3.552   1.00 14.30 ?  39  VAL A N   1 
ATOM   287 C  CA  . VAL A 1 39 ? -8.654  -6.551  3.421   1.00 16.44 ?  39  VAL A CA  1 
ATOM   288 C  C   . VAL A 1 39 ? -8.992  -7.638  2.401   1.00 19.26 ?  39  VAL A C   1 
ATOM   289 O  O   . VAL A 1 39 ? -10.093 -8.202  2.415   1.00 17.01 ?  39  VAL A O   1 
ATOM   290 C  CB  . VAL A 1 39 ? -8.265  -7.132  4.785   1.00 17.18 ?  39  VAL A CB  1 
ATOM   291 C  CG1 . VAL A 1 39 ? -7.126  -8.091  4.633   1.00 23.14 ?  39  VAL A CG1 1 
ATOM   292 C  CG2 . VAL A 1 39 ? -7.894  -6.002  5.759   1.00 19.22 ?  39  VAL A CG2 1 
ATOM   293 N  N   . GLY A 1 40 ? -8.072  -7.899  1.482   1.00 16.26 ?  40  GLY A N   1 
ATOM   294 C  CA  . GLY A 1 40 ? -8.316  -8.842  0.412   1.00 10.62 ?  40  GLY A CA  1 
ATOM   295 C  C   . GLY A 1 40 ? -8.773  -8.231  -0.906  1.00 12.19 ?  40  GLY A C   1 
ATOM   296 O  O   . GLY A 1 40 ? -8.842  -8.920  -1.921  1.00 14.54 ?  40  GLY A O   1 
ATOM   297 N  N   . ASP A 1 41 ? -9.084  -6.932  -0.901  1.00 11.21 ?  41  ASP A N   1 
ATOM   298 C  CA  . ASP A 1 41 ? -9.473  -6.236  -2.125  1.00 13.99 ?  41  ASP A CA  1 
ATOM   299 C  C   . ASP A 1 41 ? -8.241  -5.691  -2.856  1.00 9.33  ?  41  ASP A C   1 
ATOM   300 O  O   . ASP A 1 41 ? -7.155  -5.623  -2.274  1.00 11.61 ?  41  ASP A O   1 
ATOM   301 C  CB  . ASP A 1 41 ? -10.429 -5.073  -1.821  1.00 13.20 ?  41  ASP A CB  1 
ATOM   302 C  CG  . ASP A 1 41 ? -11.791 -5.529  -1.322  1.00 18.96 ?  41  ASP A CG  1 
ATOM   303 O  OD1 . ASP A 1 41 ? -12.134 -6.717  -1.471  1.00 20.06 ?  41  ASP A OD1 1 
ATOM   304 O  OD2 . ASP A 1 41 ? -12.524 -4.672  -0.786  1.00 18.01 -1 41  ASP A OD2 1 
ATOM   305 N  N   . PHE A 1 42 ? -8.425  -5.280  -4.109  1.00 11.50 ?  42  PHE A N   1 
ATOM   306 C  CA  . PHE A 1 42 ? -7.371  -4.636  -4.902  1.00 9.70  ?  42  PHE A CA  1 
ATOM   307 C  C   . PHE A 1 42 ? -7.264  -3.142  -4.577  1.00 12.62 ?  42  PHE A C   1 
ATOM   308 O  O   . PHE A 1 42 ? -8.276  -2.440  -4.485  1.00 10.99 ?  42  PHE A O   1 
ATOM   309 C  CB  . PHE A 1 42 ? -7.645  -4.783  -6.404  1.00 14.51 ?  42  PHE A CB  1 
ATOM   310 C  CG  . PHE A 1 42 ? -7.337  -6.148  -6.962  1.00 14.75 ?  42  PHE A CG  1 
ATOM   311 C  CD1 . PHE A 1 42 ? -6.062  -6.675  -6.885  1.00 19.80 ?  42  PHE A CD1 1 
ATOM   312 C  CD2 . PHE A 1 42 ? -8.321  -6.875  -7.619  1.00 29.60 ?  42  PHE A CD2 1 
ATOM   313 C  CE1 . PHE A 1 42 ? -5.778  -7.923  -7.423  1.00 30.16 ?  42  PHE A CE1 1 
ATOM   314 C  CE2 . PHE A 1 42 ? -8.041  -8.128  -8.150  1.00 33.18 ?  42  PHE A CE2 1 
ATOM   315 C  CZ  . PHE A 1 42 ? -6.768  -8.647  -8.048  1.00 25.12 ?  42  PHE A CZ  1 
ATOM   316 N  N   . VAL A 1 43 ? -6.039  -2.656  -4.409  1.00 8.10  ?  43  VAL A N   1 
ATOM   317 C  CA  . VAL A 1 43 ? -5.793  -1.217  -4.313  1.00 7.99  ?  43  VAL A CA  1 
ATOM   318 C  C   . VAL A 1 43 ? -4.789  -0.795  -5.366  1.00 8.13  ?  43  VAL A C   1 
ATOM   319 O  O   . VAL A 1 43 ? -3.983  -1.598  -5.837  1.00 9.78  ?  43  VAL A O   1 
ATOM   320 C  CB  . VAL A 1 43 ? -5.285  -0.794  -2.924  1.00 7.92  ?  43  VAL A CB  1 
ATOM   321 C  CG1 . VAL A 1 43 ? -6.411  -0.865  -1.886  1.00 8.30  ?  43  VAL A CG1 1 
ATOM   322 C  CG2 . VAL A 1 43 ? -4.049  -1.608  -2.506  1.00 7.37  ?  43  VAL A CG2 1 
ATOM   323 N  N   . LYS A 1 44 ? -4.851  0.485   -5.724  1.00 7.44  ?  44  LYS A N   1 
ATOM   324 C  CA  . LYS A 1 44 ? -3.863  1.108   -6.589  1.00 8.30  ?  44  LYS A CA  1 
ATOM   325 C  C   . LYS A 1 44 ? -2.880  1.893   -5.720  1.00 8.01  ?  44  LYS A C   1 
ATOM   326 O  O   . LYS A 1 44 ? -3.290  2.691   -4.875  1.00 11.45 ?  44  LYS A O   1 
ATOM   327 C  CB  . LYS A 1 44 ? -4.543  2.023   -7.608  1.00 10.86 ?  44  LYS A CB  1 
ATOM   328 C  CG  . LYS A 1 44 ? -3.581  2.653   -8.610  1.00 14.37 ?  44  LYS A CG  1 
ATOM   329 C  CD  . LYS A 1 44 ? -4.298  3.604   -9.558  1.00 21.83 ?  44  LYS A CD  1 
ATOM   330 C  CE  . LYS A 1 44 ? -4.911  4.774   -8.814  1.00 24.56 ?  44  LYS A CE  1 
ATOM   331 N  NZ  . LYS A 1 44 ? -5.088  5.959   -9.707  1.00 40.28 ?  44  LYS A NZ  1 
ATOM   332 N  N   . VAL A 1 45 ? -1.587  1.644   -5.902  1.00 5.48  ?  45  VAL A N   1 
ATOM   333 C  CA  . VAL A 1 45 ? -0.533  2.355   -5.176  1.00 6.18  ?  45  VAL A CA  1 
ATOM   334 C  C   . VAL A 1 45 ? 0.245   3.186   -6.185  1.00 8.14  ?  45  VAL A C   1 
ATOM   335 O  O   . VAL A 1 45 ? 0.715   2.649   -7.189  1.00 9.98  ?  45  VAL A O   1 
ATOM   336 C  CB  . VAL A 1 45 ? 0.411   1.387   -4.440  1.00 7.79  ?  45  VAL A CB  1 
ATOM   337 C  CG1 . VAL A 1 45 ? 1.396   2.175   -3.560  1.00 9.06  ?  45  VAL A CG1 1 
ATOM   338 C  CG2 . VAL A 1 45 ? -0.374  0.386   -3.605  1.00 9.07  ?  45  VAL A CG2 1 
ATOM   339 N  N   . SER A 1 46 ? 0.405   4.481   -5.913  1.00 8.68  ?  46  SER A N   1 
ATOM   340 C  CA  A SER A 1 46 ? 0.956   5.409   -6.896  0.57 7.75  ?  46  SER A CA  1 
ATOM   341 C  CA  B SER A 1 46 ? 0.994   5.369   -6.904  0.43 7.76  ?  46  SER A CA  1 
ATOM   342 C  C   . SER A 1 46 ? 2.065   6.267   -6.304  1.00 8.36  ?  46  SER A C   1 
ATOM   343 O  O   . SER A 1 46 ? 2.055   6.591   -5.110  1.00 8.41  ?  46  SER A O   1 
ATOM   344 C  CB  A SER A 1 46 ? -0.131  6.339   -7.454  0.57 9.55  ?  46  SER A CB  1 
ATOM   345 C  CB  B SER A 1 46 ? -0.078  6.235   -7.579  0.43 9.72  ?  46  SER A CB  1 
ATOM   346 O  OG  A SER A 1 46 ? -1.206  5.608   -8.019  0.57 13.74 ?  46  SER A OG  1 
ATOM   347 O  OG  B SER A 1 46 ? -0.689  7.115   -6.658  0.43 11.79 ?  46  SER A OG  1 
ATOM   348 N  N   . LYS A 1 47 ? 3.008   6.654   -7.171  1.00 8.30  ?  47  LYS A N   1 
ATOM   349 C  CA  . LYS A 1 47 ? 3.984   7.706   -6.907  1.00 5.71  ?  47  LYS A CA  1 
ATOM   350 C  C   . LYS A 1 47 ? 4.043   8.545   -8.171  1.00 9.01  ?  47  LYS A C   1 
ATOM   351 O  O   . LYS A 1 47 ? 4.441   8.045   -9.225  1.00 9.30  ?  47  LYS A O   1 
ATOM   352 C  CB  . LYS A 1 47 ? 5.364   7.145   -6.559  1.00 10.31 ?  47  LYS A CB  1 
ATOM   353 C  CG  . LYS A 1 47 ? 6.386   8.224   -6.216  1.00 11.57 ?  47  LYS A CG  1 
ATOM   354 C  CD  . LYS A 1 47 ? 5.973   9.007   -4.985  1.00 15.32 ?  47  LYS A CD  1 
ATOM   355 C  CE  . LYS A 1 47 ? 7.190   9.633   -4.302  1.00 17.62 ?  47  LYS A CE  1 
ATOM   356 N  NZ  . LYS A 1 47 ? 6.799   10.404  -3.093  1.00 24.02 ?  47  LYS A NZ  1 
ATOM   357 N  N   . GLY A 1 48 ? 3.631   9.797   -8.063  1.00 9.19  ?  48  GLY A N   1 
ATOM   358 C  CA  . GLY A 1 48 ? 3.484   10.620  -9.252  1.00 11.31 ?  48  GLY A CA  1 
ATOM   359 C  C   . GLY A 1 48 ? 2.564   9.931   -10.244 1.00 11.82 ?  48  GLY A C   1 
ATOM   360 O  O   . GLY A 1 48 ? 1.466   9.508   -9.883  1.00 14.37 ?  48  GLY A O   1 
ATOM   361 N  N   . ASP A 1 49 ? 3.041   9.768   -11.475 1.00 11.66 ?  49  ASP A N   1 
ATOM   362 C  CA  . ASP A 1 49 ? 2.242   9.133   -12.517 1.00 12.64 ?  49  ASP A CA  1 
ATOM   363 C  C   . ASP A 1 49 ? 2.510   7.631   -12.660 1.00 13.94 ?  49  ASP A C   1 
ATOM   364 O  O   . ASP A 1 49 ? 2.069   7.013   -13.624 1.00 16.24 ?  49  ASP A O   1 
ATOM   365 C  CB  . ASP A 1 49 ? 2.486   9.826   -13.858 1.00 12.59 ?  49  ASP A CB  1 
ATOM   366 C  CG  . ASP A 1 49 ? 1.847   11.197  -13.925 1.00 13.58 ?  49  ASP A CG  1 
ATOM   367 O  OD1 . ASP A 1 49 ? 0.841   11.413  -13.215 1.00 15.07 ?  49  ASP A OD1 1 
ATOM   368 O  OD2 . ASP A 1 49 ? 2.359   12.054  -14.680 1.00 16.24 -1 49  ASP A OD2 1 
ATOM   369 N  N   . ARG A 1 50 ? 3.235   7.038   -11.714 1.00 8.95  ?  50  ARG A N   1 
ATOM   370 C  CA  . ARG A 1 50 ? 3.474   5.608   -11.761 1.00 8.32  ?  50  ARG A CA  1 
ATOM   371 C  C   . ARG A 1 50 ? 2.569   4.914   -10.763 1.00 10.80 ?  50  ARG A C   1 
ATOM   372 O  O   . ARG A 1 50 ? 2.392   5.393   -9.653  1.00 12.69 ?  50  ARG A O   1 
ATOM   373 C  CB  . ARG A 1 50 ? 4.938   5.291   -11.468 1.00 11.43 ?  50  ARG A CB  1 
ATOM   374 C  CG  . ARG A 1 50 ? 5.863   5.755   -12.584 1.00 14.56 ?  50  ARG A CG  1 
ATOM   375 C  CD  . ARG A 1 50 ? 7.266   5.203   -12.456 1.00 23.31 ?  50  ARG A CD  1 
ATOM   376 N  NE  . ARG A 1 50 ? 7.998   5.344   -13.713 1.00 27.02 ?  50  ARG A NE  1 
ATOM   377 C  CZ  . ARG A 1 50 ? 8.553   6.478   -14.126 1.00 38.38 ?  50  ARG A CZ  1 
ATOM   378 N  NH1 . ARG A 1 50 ? 8.464   7.570   -13.377 1.00 44.61 ?  50  ARG A NH1 1 
ATOM   379 N  NH2 . ARG A 1 50 ? 9.197   6.524   -15.285 1.00 35.46 ?  50  ARG A NH2 1 
ATOM   380 N  N   . SER A 1 51 ? 2.008   3.769   -11.153 1.00 9.50  ?  51  SER A N   1 
ATOM   381 C  CA  A SER A 1 51 ? 1.122   3.054   -10.251 0.60 9.93  ?  51  SER A CA  1 
ATOM   382 C  CA  B SER A 1 51 ? 1.046   3.056   -10.322 0.40 10.05 ?  51  SER A CA  1 
ATOM   383 C  C   . SER A 1 51 ? 1.225   1.545   -10.481 1.00 10.76 ?  51  SER A C   1 
ATOM   384 O  O   . SER A 1 51 ? 1.630   1.077   -11.545 1.00 14.19 ?  51  SER A O   1 
ATOM   385 C  CB  A SER A 1 51 ? -0.330  3.524   -10.398 0.60 13.89 ?  51  SER A CB  1 
ATOM   386 C  CB  B SER A 1 51 ? -0.396  3.418   -10.701 0.40 14.55 ?  51  SER A CB  1 
ATOM   387 O  OG  A SER A 1 51 ? -0.833  3.222   -11.682 0.60 18.44 ?  51  SER A OG  1 
ATOM   388 O  OG  B SER A 1 51 ? -0.627  4.809   -10.582 0.40 12.17 ?  51  SER A OG  1 
ATOM   389 N  N   . VAL A 1 52 ? 0.869   0.808   -9.429  1.00 10.58 ?  52  VAL A N   1 
ATOM   390 C  CA  . VAL A 1 52 ? 0.774   -0.650  -9.437  1.00 11.33 ?  52  VAL A CA  1 
ATOM   391 C  C   . VAL A 1 52 ? -0.528  -1.016  -8.741  1.00 11.49 ?  52  VAL A C   1 
ATOM   392 O  O   . VAL A 1 52 ? -1.080  -0.244  -7.957  1.00 12.48 ?  52  VAL A O   1 
ATOM   393 C  CB  . VAL A 1 52 ? 1.958   -1.349  -8.730  1.00 11.23 ?  52  VAL A CB  1 
ATOM   394 C  CG1 . VAL A 1 52 ? 3.273   -1.074  -9.471  1.00 14.30 ?  52  VAL A CG1 1 
ATOM   395 C  CG2 . VAL A 1 52 ? 2.048   -0.900  -7.274  1.00 15.46 ?  52  VAL A CG2 1 
ATOM   396 N  N   . VAL A 1 53 ? -1.019  -2.214  -9.038  1.00 10.70 ?  53  VAL A N   1 
ATOM   397 C  CA  . VAL A 1 53 ? -2.231  -2.734  -8.416  1.00 12.83 ?  53  VAL A CA  1 
ATOM   398 C  C   . VAL A 1 53 ? -1.840  -3.964  -7.615  1.00 13.83 ?  53  VAL A C   1 
ATOM   399 O  O   . VAL A 1 53 ? -1.075  -4.806  -8.099  1.00 13.92 ?  53  VAL A O   1 
ATOM   400 C  CB  . VAL A 1 53 ? -3.311  -3.056  -9.466  1.00 11.47 ?  53  VAL A CB  1 
ATOM   401 C  CG1 . VAL A 1 53 ? -4.506  -3.767  -8.829  1.00 12.39 ?  53  VAL A CG1 1 
ATOM   402 C  CG2 . VAL A 1 53 ? -3.767  -1.783  -10.135 1.00 14.30 ?  53  VAL A CG2 1 
ATOM   403 N  N   . ALA A 1 54 ? -2.323  -4.050  -6.375  1.00 7.26  ?  54  ALA A N   1 
ATOM   404 C  CA  . ALA A 1 54 ? -1.988  -5.189  -5.530  1.00 6.40  ?  54  ALA A CA  1 
ATOM   405 C  C   . ALA A 1 54 ? -3.136  -5.513  -4.584  1.00 10.22 ?  54  ALA A C   1 
ATOM   406 O  O   . ALA A 1 54 ? -4.035  -4.697  -4.349  1.00 10.35 ?  54  ALA A O   1 
ATOM   407 C  CB  . ALA A 1 54 ? -0.700  -4.943  -4.733  1.00 10.88 ?  54  ALA A CB  1 
ATOM   408 N  N   . VAL A 1 55 ? -3.094  -6.726  -4.045  1.00 7.18  ?  55  VAL A N   1 
ATOM   409 C  CA  . VAL A 1 55 ? -4.091  -7.176  -3.071  1.00 6.97  ?  55  VAL A CA  1 
ATOM   410 C  C   . VAL A 1 55 ? -3.708  -6.716  -1.670  1.00 9.96  ?  55  VAL A C   1 
ATOM   411 O  O   . VAL A 1 55 ? -2.564  -6.881  -1.257  1.00 9.46  ?  55  VAL A O   1 
ATOM   412 C  CB  . VAL A 1 55 ? -4.247  -8.713  -3.101  1.00 7.40  ?  55  VAL A CB  1 
ATOM   413 C  CG1 . VAL A 1 55 ? -5.218  -9.184  -2.017  1.00 11.33 ?  55  VAL A CG1 1 
ATOM   414 C  CG2 . VAL A 1 55 ? -4.702  -9.180  -4.480  1.00 10.54 ?  55  VAL A CG2 1 
ATOM   415 N  N   . VAL A 1 56 ? -4.669  -6.141  -0.942  1.00 9.11  ?  56  VAL A N   1 
ATOM   416 C  CA  . VAL A 1 56 ? -4.450  -5.722  0.440   1.00 7.61  ?  56  VAL A CA  1 
ATOM   417 C  C   . VAL A 1 56 ? -4.448  -6.891  1.400   1.00 9.92  ?  56  VAL A C   1 
ATOM   418 O  O   . VAL A 1 56 ? -5.424  -7.635  1.494   1.00 10.63 ?  56  VAL A O   1 
ATOM   419 C  CB  . VAL A 1 56 ? -5.519  -4.730  0.909   1.00 13.38 ?  56  VAL A CB  1 
ATOM   420 C  CG1 . VAL A 1 56 ? -5.363  -4.460  2.412   1.00 12.02 ?  56  VAL A CG1 1 
ATOM   421 C  CG2 . VAL A 1 56 ? -5.412  -3.470  0.140   1.00 12.54 ?  56  VAL A CG2 1 
ATOM   422 N  N   . TRP A 1 57 ? -3.357  -7.032  2.134   1.00 9.01  ?  57  TRP A N   1 
ATOM   423 C  CA  . TRP A 1 57 ? -3.300  -7.966  3.243   1.00 7.26  ?  57  TRP A CA  1 
ATOM   424 C  C   . TRP A 1 57 ? -3.128  -7.133  4.514   1.00 8.14  ?  57  TRP A C   1 
ATOM   425 O  O   . TRP A 1 57 ? -2.689  -5.985  4.450   1.00 9.14  ?  57  TRP A O   1 
ATOM   426 C  CB  . TRP A 1 57 ? -2.159  -8.971  3.060   1.00 6.87  ?  57  TRP A CB  1 
ATOM   427 C  CG  . TRP A 1 57 ? -2.513  -10.077 2.096   1.00 10.54 ?  57  TRP A CG  1 
ATOM   428 C  CD1 . TRP A 1 57 ? -2.800  -9.948  0.775   1.00 8.97  ?  57  TRP A CD1 1 
ATOM   429 C  CD2 . TRP A 1 57 ? -2.612  -11.477 2.404   1.00 12.50 ?  57  TRP A CD2 1 
ATOM   430 N  NE1 . TRP A 1 57 ? -3.073  -11.188 0.227   1.00 10.04 ?  57  TRP A NE1 1 
ATOM   431 C  CE2 . TRP A 1 57 ? -2.962  -12.140 1.207   1.00 14.60 ?  57  TRP A CE2 1 
ATOM   432 C  CE3 . TRP A 1 57 ? -2.440  -12.234 3.569   1.00 12.94 ?  57  TRP A CE3 1 
ATOM   433 C  CZ2 . TRP A 1 57 ? -3.154  -13.523 1.147   1.00 17.59 ?  57  TRP A CZ2 1 
ATOM   434 C  CZ3 . TRP A 1 57 ? -2.619  -13.611 3.505   1.00 14.81 ?  57  TRP A CZ3 1 
ATOM   435 C  CH2 . TRP A 1 57 ? -2.971  -14.238 2.299   1.00 15.90 ?  57  TRP A CH2 1 
ATOM   436 N  N   . PRO A 1 58 ? -3.490  -7.688  5.669   1.00 5.52  ?  58  PRO A N   1 
ATOM   437 C  CA  . PRO A 1 58 ? -3.479  -6.841  6.860   1.00 7.92  ?  58  PRO A CA  1 
ATOM   438 C  C   . PRO A 1 58 ? -2.116  -6.757  7.534   1.00 7.29  ?  58  PRO A C   1 
ATOM   439 O  O   . PRO A 1 58 ? -1.393  -7.763  7.647   1.00 7.71  ?  58  PRO A O   1 
ATOM   440 C  CB  . PRO A 1 58 ? -4.487  -7.539  7.778   1.00 6.60  ?  58  PRO A CB  1 
ATOM   441 C  CG  . PRO A 1 58 ? -4.316  -9.003  7.428   1.00 7.33  ?  58  PRO A CG  1 
ATOM   442 C  CD  . PRO A 1 58 ? -4.000  -9.049  5.954   1.00 9.20  ?  58  PRO A CD  1 
ATOM   443 N  N   . LEU A 1 59 ? -1.762  -5.561  8.002   1.00 6.53  ?  59  LEU A N   1 
ATOM   444 C  CA  . LEU A 1 59 ? -0.575  -5.420  8.837   1.00 5.39  ?  59  LEU A CA  1 
ATOM   445 C  C   . LEU A 1 59 ? -0.747  -6.171  10.164  1.00 7.51  ?  59  LEU A C   1 
ATOM   446 O  O   . LEU A 1 59 ? -1.865  -6.304  10.681  1.00 10.12 ?  59  LEU A O   1 
ATOM   447 C  CB  . LEU A 1 59 ? -0.267  -3.944  9.105   1.00 8.34  ?  59  LEU A CB  1 
ATOM   448 C  CG  . LEU A 1 59 ? 0.361   -3.138  7.964   1.00 5.83  ?  59  LEU A CG  1 
ATOM   449 C  CD1 . LEU A 1 59 ? 0.319   -1.649  8.294   1.00 7.15  ?  59  LEU A CD1 1 
ATOM   450 C  CD2 . LEU A 1 59 ? 1.806   -3.591  7.660   1.00 10.06 ?  59  LEU A CD2 1 
ATOM   451 N  N   . ARG A 1 60 ? 0.358   -6.674  10.704  1.00 6.14  ?  60  ARG A N   1 
ATOM   452 C  CA  . ARG A 1 60 ? 0.367   -7.247  12.039  1.00 7.00  ?  60  ARG A CA  1 
ATOM   453 C  C   . ARG A 1 60 ? -0.029  -6.182  13.057  1.00 8.73  ?  60  ARG A C   1 
ATOM   454 O  O   . ARG A 1 60 ? 0.144   -4.997  12.790  1.00 8.74  ?  60  ARG A O   1 
ATOM   455 C  CB  . ARG A 1 60 ? 1.745   -7.808  12.371  1.00 7.51  ?  60  ARG A CB  1 
ATOM   456 C  CG  . ARG A 1 60 ? 2.154   -8.958  11.480  1.00 11.98 ?  60  ARG A CG  1 
ATOM   457 C  CD  . ARG A 1 60 ? 3.622   -9.248  11.647  1.00 19.26 ?  60  ARG A CD  1 
ATOM   458 N  NE  . ARG A 1 60 ? 4.101   -10.219 10.671  1.00 15.94 ?  60  ARG A NE  1 
ATOM   459 C  CZ  . ARG A 1 60 ? 5.384   -10.524 10.513  1.00 20.62 ?  60  ARG A CZ  1 
ATOM   460 N  NH1 . ARG A 1 60 ? 6.301   -9.927  11.268  1.00 23.75 ?  60  ARG A NH1 1 
ATOM   461 N  NH2 . ARG A 1 60 ? 5.751   -11.410 9.600   1.00 23.10 ?  60  ARG A NH2 1 
ATOM   462 N  N   . PRO A 1 61 ? -0.556  -6.604  14.223  1.00 8.95  ?  61  PRO A N   1 
ATOM   463 C  CA  . PRO A 1 61 ? -1.082  -5.673  15.229  1.00 10.62 ?  61  PRO A CA  1 
ATOM   464 C  C   . PRO A 1 61 ? -0.161  -4.519  15.563  1.00 10.55 ?  61  PRO A C   1 
ATOM   465 O  O   . PRO A 1 61 ? -0.605  -3.372  15.616  1.00 11.79 ?  61  PRO A O   1 
ATOM   466 C  CB  . PRO A 1 61 ? -1.275  -6.569  16.452  1.00 11.05 ?  61  PRO A CB  1 
ATOM   467 C  CG  . PRO A 1 61 ? -1.630  -7.894  15.870  1.00 14.02 ?  61  PRO A CG  1 
ATOM   468 C  CD  . PRO A 1 61 ? -0.846  -8.008  14.577  1.00 6.87  ?  61  PRO A CD  1 
ATOM   469 N  N   . ASP A 1 62 ? 1.116   -4.800  15.793  1.00 10.13 ?  62  ASP A N   1 
ATOM   470 C  CA  . ASP A 1 62 ? 1.982   -3.723  16.244  1.00 10.86 ?  62  ASP A CA  1 
ATOM   471 C  C   . ASP A 1 62 ? 2.370   -2.770  15.123  1.00 12.26 ?  62  ASP A C   1 
ATOM   472 O  O   . ASP A 1 62 ? 2.939   -1.714  15.382  1.00 13.02 ?  62  ASP A O   1 
ATOM   473 C  CB  . ASP A 1 62 ? 3.243   -4.254  16.910  1.00 16.40 ?  62  ASP A CB  1 
ATOM   474 C  CG  . ASP A 1 62 ? 3.954   -3.169  17.687  1.00 15.17 ?  62  ASP A CG  1 
ATOM   475 O  OD1 . ASP A 1 62 ? 3.332   -2.603  18.610  1.00 16.78 ?  62  ASP A OD1 1 
ATOM   476 O  OD2 . ASP A 1 62 ? 5.104   -2.844  17.347  1.00 24.62 -1 62  ASP A OD2 1 
ATOM   477 N  N   . ASP A 1 63 ? 2.043   -3.129  13.887  1.00 8.41  ?  63  ASP A N   1 
ATOM   478 C  CA  . ASP A 1 63 ? 2.314   -2.245  12.757  1.00 9.11  ?  63  ASP A CA  1 
ATOM   479 C  C   . ASP A 1 63 ? 1.121   -1.349  12.436  1.00 9.01  ?  63  ASP A C   1 
ATOM   480 O  O   . ASP A 1 63 ? 1.237   -0.450  11.610  1.00 9.55  ?  63  ASP A O   1 
ATOM   481 C  CB  . ASP A 1 63 ? 2.679   -3.053  11.508  1.00 4.94  ?  63  ASP A CB  1 
ATOM   482 C  CG  . ASP A 1 63 ? 4.151   -3.415  11.444  1.00 12.68 ?  63  ASP A CG  1 
ATOM   483 O  OD1 . ASP A 1 63 ? 4.972   -2.726  12.084  1.00 12.04 ?  63  ASP A OD1 1 
ATOM   484 O  OD2 . ASP A 1 63 ? 4.487   -4.381  10.723  1.00 10.59 -1 63  ASP A OD2 1 
ATOM   485 N  N   . GLU A 1 64 ? -0.023  -1.595  13.066  1.00 8.78  ?  64  GLU A N   1 
ATOM   486 C  CA  . GLU A 1 64 ? -1.180  -0.736  12.852  1.00 7.20  ?  64  GLU A CA  1 
ATOM   487 C  C   . GLU A 1 64 ? -0.919  0.617   13.506  1.00 11.77 ?  64  GLU A C   1 
ATOM   488 O  O   . GLU A 1 64 ? -0.207  0.716   14.510  1.00 12.39 ?  64  GLU A O   1 
ATOM   489 C  CB  . GLU A 1 64 ? -2.461  -1.359  13.410  1.00 7.75  ?  64  GLU A CB  1 
ATOM   490 C  CG  . GLU A 1 64 ? -2.877  -2.685  12.741  1.00 9.42  ?  64  GLU A CG  1 
ATOM   491 C  CD  . GLU A 1 64 ? -4.369  -2.974  12.894  1.00 14.34 ?  64  GLU A CD  1 
ATOM   492 O  OE1 . GLU A 1 64 ? -4.874  -2.912  14.039  1.00 19.75 ?  64  GLU A OE1 1 
ATOM   493 O  OE2 . GLU A 1 64 ? -5.044  -3.239  11.868  1.00 14.16 -1 64  GLU A OE2 1 
ATOM   494 N  N   . GLY A 1 65 ? -1.477  1.656   12.901  1.00 8.01  ?  65  GLY A N   1 
ATOM   495 C  CA  . GLY A 1 65 ? -1.393  2.997   13.451  1.00 9.45  ?  65  GLY A CA  1 
ATOM   496 C  C   . GLY A 1 65 ? -0.085  3.711   13.194  1.00 9.48  ?  65  GLY A C   1 
ATOM   497 O  O   . GLY A 1 65 ? 0.169   4.768   13.779  1.00 8.78  ?  65  GLY A O   1 
ATOM   498 N  N   . ARG A 1 66 ? 0.746   3.142   12.321  1.00 6.82  ?  66  ARG A N   1 
ATOM   499 C  CA  . ARG A 1 66 ? 2.060   3.714   11.981  1.00 6.52  ?  66  ARG A CA  1 
ATOM   500 C  C   . ARG A 1 66 ? 2.071   4.512   10.675  1.00 6.51  ?  66  ARG A C   1 
ATOM   501 O  O   . ARG A 1 66 ? 3.060   5.122   10.291  1.00 8.13  ?  66  ARG A O   1 
ATOM   502 C  CB  . ARG A 1 66 ? 3.094   2.593   11.888  1.00 6.68  ?  66  ARG A CB  1 
ATOM   503 C  CG  . ARG A 1 66 ? 3.362   1.892   13.229  1.00 10.76 ?  66  ARG A CG  1 
ATOM   504 C  CD  . ARG A 1 66 ? 4.556   0.954   13.157  1.00 8.64  ?  66  ARG A CD  1 
ATOM   505 N  NE  . ARG A 1 66 ? 4.763   0.345   14.468  1.00 8.00  ?  66  ARG A NE  1 
ATOM   506 C  CZ  . ARG A 1 66 ? 5.562   0.847   15.403  1.00 13.43 ?  66  ARG A CZ  1 
ATOM   507 N  NH1 . ARG A 1 66 ? 6.240   1.965   15.179  1.00 10.77 ?  66  ARG A NH1 1 
ATOM   508 N  NH2 . ARG A 1 66 ? 5.672   0.230   16.573  1.00 16.47 ?  66  ARG A NH2 1 
ATOM   509 N  N   . GLY A 1 67 ? 0.945   4.503   9.979   1.00 6.72  ?  67  GLY A N   1 
ATOM   510 C  CA  . GLY A 1 67 ? 0.851   5.131   8.681   1.00 7.87  ?  67  GLY A CA  1 
ATOM   511 C  C   . GLY A 1 67 ? 1.779   4.569   7.625   1.00 7.98  ?  67  GLY A C   1 
ATOM   512 O  O   . GLY A 1 67 ? 2.326   5.307   6.813   1.00 9.13  ?  67  GLY A O   1 
ATOM   513 N  N   . ILE A 1 68 ? 1.969   3.250   7.640   1.00 6.20  ?  68  ILE A N   1 
ATOM   514 C  CA  . ILE A 1 68 ? 2.901   2.619   6.726   1.00 4.23  ?  68  ILE A CA  1 
ATOM   515 C  C   . ILE A 1 68 ? 2.161   1.730   5.747   1.00 5.03  ?  68  ILE A C   1 
ATOM   516 O  O   . ILE A 1 68 ? 1.014   1.321   5.962   1.00 7.64  ?  68  ILE A O   1 
ATOM   517 C  CB  . ILE A 1 68 ? 3.994   1.812   7.455   1.00 6.37  ?  68  ILE A CB  1 
ATOM   518 C  CG1 . ILE A 1 68 ? 3.402   0.612   8.209   1.00 5.59  ?  68  ILE A CG1 1 
ATOM   519 C  CG2 . ILE A 1 68 ? 4.797   2.715   8.370   1.00 6.78  ?  68  ILE A CG2 1 
ATOM   520 C  CD1 . ILE A 1 68 ? 4.483   -0.272  8.799   1.00 7.59  ?  68  ILE A CD1 1 
ATOM   521 N  N   . ILE A 1 69 ? 2.850   1.426   4.654   1.00 4.81  ?  69  ILE A N   1 
ATOM   522 C  CA  . ILE A 1 69 ? 2.422   0.410   3.703   1.00 5.86  ?  69  ILE A CA  1 
ATOM   523 C  C   . ILE A 1 69 ? 3.633   -0.466  3.425   1.00 6.78  ?  69  ILE A C   1 
ATOM   524 O  O   . ILE A 1 69 ? 4.699   0.041   3.064   1.00 7.80  ?  69  ILE A O   1 
ATOM   525 C  CB  . ILE A 1 69 ? 1.848   1.026   2.404   1.00 6.14  ?  69  ILE A CB  1 
ATOM   526 C  CG1 . ILE A 1 69 ? 1.459   -0.084  1.422   1.00 7.01  ?  69  ILE A CG1 1 
ATOM   527 C  CG2 . ILE A 1 69 ? 2.835   2.002   1.723   1.00 7.50  ?  69  ILE A CG2 1 
ATOM   528 C  CD1 . ILE A 1 69 ? 0.725   0.421   0.192   1.00 7.37  ?  69  ILE A CD1 1 
ATOM   529 N  N   . ARG A 1 70 ? 3.491   -1.773  3.634   1.00 5.06  ?  70  ARG A N   1 
ATOM   530 C  CA  . ARG A 1 70 ? 4.597   -2.690  3.383   1.00 5.77  ?  70  ARG A CA  1 
ATOM   531 C  C   . ARG A 1 70 ? 4.463   -3.252  1.979   1.00 5.35  ?  70  ARG A C   1 
ATOM   532 O  O   . ARG A 1 70 ? 3.390   -3.736  1.591   1.00 7.19  ?  70  ARG A O   1 
ATOM   533 C  CB  . ARG A 1 70 ? 4.651   -3.821  4.412   1.00 5.74  ?  70  ARG A CB  1 
ATOM   534 C  CG  . ARG A 1 70 ? 5.074   -3.328  5.776   1.00 6.90  ?  70  ARG A CG  1 
ATOM   535 C  CD  . ARG A 1 70 ? 5.389   -4.481  6.718   1.00 7.35  ?  70  ARG A CD  1 
ATOM   536 N  NE  . ARG A 1 70 ? 5.737   -3.993  8.057   1.00 7.85  ?  70  ARG A NE  1 
ATOM   537 C  CZ  . ARG A 1 70 ? 6.946   -3.574  8.413   1.00 12.90 ?  70  ARG A CZ  1 
ATOM   538 N  NH1 . ARG A 1 70 ? 7.940   -3.549  7.523   1.00 11.47 ?  70  ARG A NH1 1 
ATOM   539 N  NH2 . ARG A 1 70 ? 7.157   -3.152  9.653   1.00 16.74 ?  70  ARG A NH2 1 
ATOM   540 N  N   . MET A 1 71 ? 5.562   -3.173  1.230   1.00 5.72  ?  71  MET A N   1 
ATOM   541 C  CA  A MET A 1 71 ? 5.599   -3.601  -0.165  0.59 7.77  ?  71  MET A CA  1 
ATOM   542 C  CA  B MET A 1 71 ? 5.593   -3.646  -0.147  0.41 7.79  ?  71  MET A CA  1 
ATOM   543 C  C   . MET A 1 71 ? 7.012   -4.063  -0.475  1.00 7.39  ?  71  MET A C   1 
ATOM   544 O  O   . MET A 1 71 ? 7.978   -3.471  0.021   1.00 9.67  ?  71  MET A O   1 
ATOM   545 C  CB  A MET A 1 71 ? 5.168   -2.465  -1.113  0.59 10.63 ?  71  MET A CB  1 
ATOM   546 C  CB  B MET A 1 71 ? 5.121   -2.564  -1.121  0.41 10.54 ?  71  MET A CB  1 
ATOM   547 C  CG  A MET A 1 71 ? 5.560   -1.039  -0.656  0.59 13.48 ?  71  MET A CG  1 
ATOM   548 C  CG  B MET A 1 71 ? 6.116   -1.436  -1.264  0.41 5.24  ?  71  MET A CG  1 
ATOM   549 S  SD  A MET A 1 71 ? 4.759   0.306   -1.600  0.59 9.93  ?  71  MET A SD  1 
ATOM   550 S  SD  B MET A 1 71 ? 5.715   -0.280  -2.580  0.41 8.73  ?  71  MET A SD  1 
ATOM   551 C  CE  A MET A 1 71 ? 5.204   -0.232  -3.243  0.59 8.20  ?  71  MET A CE  1 
ATOM   552 C  CE  B MET A 1 71 ? 4.095   -0.852  -3.098  0.41 10.25 ?  71  MET A CE  1 
ATOM   553 N  N   . ASP A 1 72 ? 7.140   -5.102  -1.312  1.00 5.77  ?  72  ASP A N   1 
ATOM   554 C  CA  . ASP A 1 72 ? 8.470   -5.654  -1.539  1.00 6.43  ?  72  ASP A CA  1 
ATOM   555 C  C   . ASP A 1 72 ? 9.265   -4.805  -2.531  1.00 10.21 ?  72  ASP A C   1 
ATOM   556 O  O   . ASP A 1 72 ? 8.789   -3.801  -3.074  1.00 8.24  ?  72  ASP A O   1 
ATOM   557 C  CB  . ASP A 1 72 ? 8.400   -7.128  -1.966  1.00 7.66  ?  72  ASP A CB  1 
ATOM   558 C  CG  . ASP A 1 72 ? 7.859   -7.341  -3.381  1.00 9.25  ?  72  ASP A CG  1 
ATOM   559 O  OD1 . ASP A 1 72 ? 7.827   -6.416  -4.222  1.00 10.25 ?  72  ASP A OD1 1 
ATOM   560 O  OD2 . ASP A 1 72 ? 7.467   -8.494  -3.674  1.00 13.10 -1 72  ASP A OD2 1 
ATOM   561 N  N   . GLY A 1 73 ? 10.520  -5.215  -2.744  1.00 8.22  ?  73  GLY A N   1 
ATOM   562 C  CA  . GLY A 1 73 ? 11.423  -4.430  -3.569  1.00 10.30 ?  73  GLY A CA  1 
ATOM   563 C  C   . GLY A 1 73 ? 11.018  -4.376  -5.029  1.00 9.51  ?  73  GLY A C   1 
ATOM   564 O  O   . GLY A 1 73 ? 11.367  -3.421  -5.735  1.00 9.41  ?  73  GLY A O   1 
ATOM   565 N  N   . TYR A 1 74 ? 10.274  -5.383  -5.500  1.00 7.49  ?  74  TYR A N   1 
ATOM   566 C  CA  . TYR A 1 74 ? 9.791   -5.375  -6.873  1.00 10.52 ?  74  TYR A CA  1 
ATOM   567 C  C   . TYR A 1 74 ? 8.765   -4.270  -7.068  1.00 11.66 ?  74  TYR A C   1 
ATOM   568 O  O   . TYR A 1 74 ? 8.818   -3.536  -8.056  1.00 12.39 ?  74  TYR A O   1 
ATOM   569 C  CB  . TYR A 1 74 ? 9.182   -6.724  -7.242  1.00 13.27 ?  74  TYR A CB  1 
ATOM   570 C  CG  . TYR A 1 74 ? 10.151  -7.875  -7.159  1.00 11.87 ?  74  TYR A CG  1 
ATOM   571 C  CD1 . TYR A 1 74 ? 11.223  -7.973  -8.039  1.00 17.64 ?  74  TYR A CD1 1 
ATOM   572 C  CD2 . TYR A 1 74 ? 9.992   -8.870  -6.202  1.00 12.36 ?  74  TYR A CD2 1 
ATOM   573 C  CE1 . TYR A 1 74 ? 12.112  -9.031  -7.967  1.00 16.25 ?  74  TYR A CE1 1 
ATOM   574 C  CE2 . TYR A 1 74 ? 10.881  -9.930  -6.121  1.00 12.91 ?  74  TYR A CE2 1 
ATOM   575 C  CZ  . TYR A 1 74 ? 11.932  -10.004 -7.010  1.00 17.74 ?  74  TYR A CZ  1 
ATOM   576 O  OH  . TYR A 1 74 ? 12.815  -11.062 -6.934  1.00 14.53 ?  74  TYR A OH  1 
ATOM   577 N  N   . LEU A 1 75 ? 7.828   -4.147  -6.129  1.00 8.57  ?  75  LEU A N   1 
ATOM   578 C  CA  . LEU A 1 75 ? 6.844   -3.075  -6.228  1.00 9.16  ?  75  LEU A CA  1 
ATOM   579 C  C   . LEU A 1 75 ? 7.477   -1.715  -5.982  1.00 7.61  ?  75  LEU A C   1 
ATOM   580 O  O   . LEU A 1 75 ? 7.090   -0.731  -6.615  1.00 9.63  ?  75  LEU A O   1 
ATOM   581 C  CB  . LEU A 1 75 ? 5.672   -3.285  -5.267  1.00 7.80  ?  75  LEU A CB  1 
ATOM   582 C  CG  . LEU A 1 75 ? 4.822   -4.521  -5.539  1.00 10.11 ?  75  LEU A CG  1 
ATOM   583 C  CD1 . LEU A 1 75 ? 3.670   -4.604  -4.541  1.00 16.14 ?  75  LEU A CD1 1 
ATOM   584 C  CD2 . LEU A 1 75 ? 4.296   -4.498  -6.950  1.00 15.98 ?  75  LEU A CD2 1 
ATOM   585 N  N   . ARG A 1 76 ? 8.450   -1.643  -5.073  1.00 7.88  ?  76  ARG A N   1 
ATOM   586 C  CA  . ARG A 1 76 ? 9.116   -0.365  -4.846  1.00 7.75  ?  76  ARG A CA  1 
ATOM   587 C  C   . ARG A 1 76 ? 9.808   0.069   -6.128  1.00 7.94  ?  76  ARG A C   1 
ATOM   588 O  O   . ARG A 1 76 ? 9.691   1.220   -6.537  1.00 10.89 ?  76  ARG A O   1 
ATOM   589 C  CB  . ARG A 1 76 ? 10.125  -0.460  -3.704  1.00 7.82  ?  76  ARG A CB  1 
ATOM   590 C  CG  . ARG A 1 76 ? 9.473   -0.761  -2.345  1.00 7.21  ?  76  ARG A CG  1 
ATOM   591 C  CD  . ARG A 1 76 ? 10.353  -0.381  -1.159  1.00 5.88  ?  76  ARG A CD  1 
ATOM   592 N  NE  . ARG A 1 76 ? 11.613  -1.118  -1.088  1.00 8.16  ?  76  ARG A NE  1 
ATOM   593 C  CZ  . ARG A 1 76 ? 11.739  -2.341  -0.566  1.00 10.17 ?  76  ARG A CZ  1 
ATOM   594 N  NH1 . ARG A 1 76 ? 10.678  -2.992  -0.097  1.00 9.65  ?  76  ARG A NH1 1 
ATOM   595 N  NH2 . ARG A 1 76 ? 12.936  -2.917  -0.505  1.00 9.27  ?  76  ARG A NH2 1 
ATOM   596 N  N   . ALA A 1 77 ? 10.516  -0.862  -6.759  1.00 9.99  ?  77  ALA A N   1 
ATOM   597 C  CA  . ALA A 1 77 ? 11.234  -0.553  -7.998  1.00 12.85 ?  77  ALA A CA  1 
ATOM   598 C  C   . ALA A 1 77 ? 10.278  -0.101  -9.101  1.00 10.17 ?  77  ALA A C   1 
ATOM   599 O  O   . ALA A 1 77 ? 10.582  0.822   -9.853  1.00 12.85 ?  77  ALA A O   1 
ATOM   600 C  CB  . ALA A 1 77 ? 12.032  -1.753  -8.459  1.00 9.83  ?  77  ALA A CB  1 
ATOM   601 N  N   . ALA A 1 78 ? 9.121   -0.750  -9.187  1.00 10.06 ?  78  ALA A N   1 
ATOM   602 C  CA  . ALA A 1 78 ? 8.131   -0.409  -10.206 1.00 8.61  ?  78  ALA A CA  1 
ATOM   603 C  C   . ALA A 1 78 ? 7.680   1.048   -10.089 1.00 14.19 ?  78  ALA A C   1 
ATOM   604 O  O   . ALA A 1 78 ? 7.428   1.715   -11.094 1.00 13.79 ?  78  ALA A O   1 
ATOM   605 C  CB  . ALA A 1 78 ? 6.935   -1.344  -10.101 1.00 11.65 ?  78  ALA A CB  1 
ATOM   606 N  N   . LEU A 1 79 ? 7.590   1.538   -8.855  1.00 10.39 ?  79  LEU A N   1 
ATOM   607 C  CA  . LEU A 1 79 ? 7.143   2.904   -8.597  1.00 9.90  ?  79  LEU A CA  1 
ATOM   608 C  C   . LEU A 1 79 ? 8.288   3.916   -8.537  1.00 14.11 ?  79  LEU A C   1 
ATOM   609 O  O   . LEU A 1 79 ? 8.058   5.124   -8.471  1.00 17.33 ?  79  LEU A O   1 
ATOM   610 C  CB  . LEU A 1 79 ? 6.352   2.954   -7.288  1.00 10.14 ?  79  LEU A CB  1 
ATOM   611 C  CG  . LEU A 1 79 ? 5.077   2.117   -7.259  1.00 11.46 ?  79  LEU A CG  1 
ATOM   612 C  CD1 . LEU A 1 79 ? 4.475   2.138   -5.873  1.00 13.46 ?  79  LEU A CD1 1 
ATOM   613 C  CD2 . LEU A 1 79 ? 4.095   2.660   -8.288  1.00 13.73 ?  79  LEU A CD2 1 
ATOM   614 N  N   . GLY A 1 80 ? 9.524   3.424   -8.539  1.00 11.32 ?  80  GLY A N   1 
ATOM   615 C  CA  . GLY A 1 80 ? 10.669  4.293   -8.381  1.00 14.06 ?  80  GLY A CA  1 
ATOM   616 C  C   . GLY A 1 80 ? 10.793  4.880   -6.989  1.00 15.59 ?  80  GLY A C   1 
ATOM   617 O  O   . GLY A 1 80 ? 11.271  6.002   -6.825  1.00 18.06 ?  80  GLY A O   1 
ATOM   618 N  N   . VAL A 1 81 ? 10.359  4.130   -5.976  1.00 10.11 ?  81  VAL A N   1 
ATOM   619 C  CA  . VAL A 1 81 ? 10.450  4.597   -4.597  1.00 7.61  ?  81  VAL A CA  1 
ATOM   620 C  C   . VAL A 1 81 ? 11.379  3.724   -3.760  1.00 8.55  ?  81  VAL A C   1 
ATOM   621 O  O   . VAL A 1 81 ? 11.733  2.607   -4.148  1.00 12.82 ?  81  VAL A O   1 
ATOM   622 C  CB  . VAL A 1 81 ? 9.069   4.646   -3.918  1.00 11.18 ?  81  VAL A CB  1 
ATOM   623 C  CG1 . VAL A 1 81 ? 8.161   5.621   -4.627  1.00 14.61 ?  81  VAL A CG1 1 
ATOM   624 C  CG2 . VAL A 1 81 ? 8.457   3.250   -3.878  1.00 11.59 ?  81  VAL A CG2 1 
ATOM   625 N  N   . THR A 1 82 ? 11.783  4.259   -2.621  1.00 8.16  ?  82  THR A N   1 
ATOM   626 C  CA  . THR A 1 82 ? 12.551  3.506   -1.642  1.00 9.85  ?  82  THR A CA  1 
ATOM   627 C  C   . THR A 1 82 ? 11.777  3.435   -0.341  1.00 10.37 ?  82  THR A C   1 
ATOM   628 O  O   . THR A 1 82 ? 10.827  4.184   -0.111  1.00 10.30 ?  82  THR A O   1 
ATOM   629 C  CB  . THR A 1 82 ? 13.918  4.139   -1.358  1.00 14.31 ?  82  THR A CB  1 
ATOM   630 O  OG1 . THR A 1 82 ? 13.737  5.357   -0.617  1.00 17.31 ?  82  THR A OG1 1 
ATOM   631 C  CG2 . THR A 1 82 ? 14.643  4.436   -2.650  1.00 13.67 ?  82  THR A CG2 1 
ATOM   632 N  N   . VAL A 1 83 ? 12.221  2.527   0.526   1.00 9.45  ?  83  VAL A N   1 
ATOM   633 C  CA  . VAL A 1 83 ? 11.734  2.529   1.896   1.00 9.25  ?  83  VAL A CA  1 
ATOM   634 C  C   . VAL A 1 83 ? 11.914  3.921   2.480   1.00 8.54  ?  83  VAL A C   1 
ATOM   635 O  O   . VAL A 1 83 ? 12.947  4.572   2.272   1.00 11.42 ?  83  VAL A O   1 
ATOM   636 C  CB  . VAL A 1 83 ? 12.480  1.463   2.719   1.00 13.45 ?  83  VAL A CB  1 
ATOM   637 C  CG1 . VAL A 1 83 ? 12.248  1.689   4.169   1.00 17.29 ?  83  VAL A CG1 1 
ATOM   638 C  CG2 . VAL A 1 83 ? 12.048  0.058   2.309   1.00 10.13 ?  83  VAL A CG2 1 
ATOM   639 N  N   . GLY A 1 84 ? 10.885  4.406   3.179   1.00 9.65  ?  84  GLY A N   1 
ATOM   640 C  CA  . GLY A 1 84 ? 10.894  5.728   3.769   1.00 10.29 ?  84  GLY A CA  1 
ATOM   641 C  C   . GLY A 1 84 ? 10.252  6.800   2.913   1.00 13.22 ?  84  GLY A C   1 
ATOM   642 O  O   . GLY A 1 84 ? 9.961   7.893   3.432   1.00 12.92 ?  84  GLY A O   1 
ATOM   643 N  N   . ASP A 1 85 ? 10.032  6.520   1.628   1.00 9.55  ?  85  ASP A N   1 
ATOM   644 C  CA  . ASP A 1 85 ? 9.288   7.412   0.732   1.00 10.01 ?  85  ASP A CA  1 
ATOM   645 C  C   . ASP A 1 85 ? 7.806   7.364   1.057   1.00 10.03 ?  85  ASP A C   1 
ATOM   646 O  O   . ASP A 1 85 ? 7.358   6.490   1.799   1.00 12.43 ?  85  ASP A O   1 
ATOM   647 C  CB  . ASP A 1 85 ? 9.487   7.021   -0.737  1.00 12.35 ?  85  ASP A CB  1 
ATOM   648 C  CG  . ASP A 1 85 ? 10.779  7.540   -1.315  1.00 15.20 ?  85  ASP A CG  1 
ATOM   649 O  OD1 . ASP A 1 85 ? 11.422  8.389   -0.668  1.00 18.33 ?  85  ASP A OD1 1 
ATOM   650 O  OD2 . ASP A 1 85 ? 11.148  7.101   -2.425  1.00 16.24 -1 85  ASP A OD2 1 
ATOM   651 N  N   . THR A 1 86 ? 7.042   8.288   0.479   1.00 8.62  ?  86  THR A N   1 
ATOM   652 C  CA  . THR A 1 86 ? 5.587   8.258   0.608   1.00 8.18  ?  86  THR A CA  1 
ATOM   653 C  C   . THR A 1 86 ? 4.936   7.864   -0.713  1.00 11.71 ?  86  THR A C   1 
ATOM   654 O  O   . THR A 1 86 ? 5.395   8.271   -1.781  1.00 12.79 ?  86  THR A O   1 
ATOM   655 C  CB  . THR A 1 86 ? 5.027   9.620   1.043   1.00 15.66 ?  86  THR A CB  1 
ATOM   656 O  OG1 . THR A 1 86 ? 5.439   10.618  0.113   1.00 24.65 ?  86  THR A OG1 1 
ATOM   657 C  CG2 . THR A 1 86 ? 5.530   9.979   2.423   1.00 13.04 ?  86  THR A CG2 1 
ATOM   658 N  N   . VAL A 1 87 ? 3.867   7.073   -0.639  1.00 8.41  ?  87  VAL A N   1 
ATOM   659 C  CA  . VAL A 1 87 ? 3.052   6.769   -1.808  1.00 5.85  ?  87  VAL A CA  1 
ATOM   660 C  C   . VAL A 1 87 ? 1.592   7.057   -1.480  1.00 7.53  ?  87  VAL A C   1 
ATOM   661 O  O   . VAL A 1 87 ? 1.250   7.193   -0.310  1.00 8.41  ?  87  VAL A O   1 
ATOM   662 C  CB  . VAL A 1 87 ? 3.234   5.313   -2.265  1.00 6.09  ?  87  VAL A CB  1 
ATOM   663 C  CG1 . VAL A 1 87 ? 4.629   5.121   -2.830  1.00 9.81  ?  87  VAL A CG1 1 
ATOM   664 C  CG2 . VAL A 1 87 ? 2.978   4.350   -1.099  1.00 9.09  ?  87  VAL A CG2 1 
ATOM   665 N  N   . THR A 1 88 ? 0.757   7.078   -2.513  1.00 8.40  ?  88  THR A N   1 
ATOM   666 C  CA  A THR A 1 88 ? -0.678  7.243   -2.349  0.82 8.38  ?  88  THR A CA  1 
ATOM   667 C  CA  B THR A 1 88 ? -0.688  7.254   -2.389  0.18 8.49  ?  88  THR A CA  1 
ATOM   668 C  C   . THR A 1 88 ? -1.385  5.935   -2.669  1.00 8.56  ?  88  THR A C   1 
ATOM   669 O  O   . THR A 1 88 ? -1.043  5.243   -3.630  1.00 10.94 ?  88  THR A O   1 
ATOM   670 C  CB  A THR A 1 88 ? -1.186  8.370   -3.241  0.82 12.09 ?  88  THR A CB  1 
ATOM   671 C  CB  B THR A 1 88 ? -1.234  8.276   -3.387  0.18 11.74 ?  88  THR A CB  1 
ATOM   672 O  OG1 A THR A 1 88 ? -0.500  9.574   -2.878  0.82 10.81 ?  88  THR A OG1 1 
ATOM   673 O  OG1 B THR A 1 88 ? -1.216  7.709   -4.700  0.18 14.37 ?  88  THR A OG1 1 
ATOM   674 C  CG2 A THR A 1 88 ? -2.678  8.573   -3.034  0.82 13.01 ?  88  THR A CG2 1 
ATOM   675 C  CG2 B THR A 1 88 ? -0.384  9.470   -3.418  0.18 12.77 ?  88  THR A CG2 1 
ATOM   676 N  N   . VAL A 1 89 ? -2.374  5.597   -1.853  1.00 8.13  ?  89  VAL A N   1 
ATOM   677 C  CA  A VAL A 1 89 ? -3.117  4.350   -1.990  0.66 5.91  ?  89  VAL A CA  1 
ATOM   678 C  CA  B VAL A 1 89 ? -3.114  4.353   -2.022  0.34 6.00  ?  89  VAL A CA  1 
ATOM   679 C  C   . VAL A 1 89 ? -4.595  4.685   -2.147  1.00 11.62 ?  89  VAL A C   1 
ATOM   680 O  O   . VAL A 1 89 ? -5.111  5.570   -1.463  1.00 10.14 ?  89  VAL A O   1 
ATOM   681 C  CB  A VAL A 1 89 ? -2.881  3.436   -0.770  0.66 8.92  ?  89  VAL A CB  1 
ATOM   682 C  CB  B VAL A 1 89 ? -2.849  3.361   -0.867  0.34 9.06  ?  89  VAL A CB  1 
ATOM   683 C  CG1 A VAL A 1 89 ? -3.451  2.054   -1.022  0.66 10.99 ?  89  VAL A CG1 1 
ATOM   684 C  CG1 B VAL A 1 89 ? -3.311  3.921   0.456   0.34 6.79  ?  89  VAL A CG1 1 
ATOM   685 C  CG2 A VAL A 1 89 ? -1.387  3.349   -0.465  0.66 8.43  ?  89  VAL A CG2 1 
ATOM   686 C  CG2 B VAL A 1 89 ? -3.512  2.021   -1.152  0.34 11.02 ?  89  VAL A CG2 1 
ATOM   687 N  N   . GLU A 1 90 ? -5.266  3.969   -3.054  1.00 9.23  ?  90  GLU A N   1 
ATOM   688 C  CA  . GLU A 1 90 ? -6.666  4.214   -3.372  1.00 12.75 ?  90  GLU A CA  1 
ATOM   689 C  C   . GLU A 1 90 ? -7.276  2.882   -3.786  1.00 11.09 ?  90  GLU A C   1 
ATOM   690 O  O   . GLU A 1 90 ? -6.560  1.974   -4.209  1.00 10.02 ?  90  GLU A O   1 
ATOM   691 C  CB  . GLU A 1 90 ? -6.769  5.259   -4.495  1.00 16.98 ?  90  GLU A CB  1 
ATOM   692 C  CG  . GLU A 1 90 ? -8.124  5.813   -4.820  1.00 29.15 ?  90  GLU A CG  1 
ATOM   693 C  CD  . GLU A 1 90 ? -8.119  6.533   -6.170  1.00 18.75 ?  90  GLU A CD  1 
ATOM   694 O  OE1 . GLU A 1 90 ? -7.039  6.936   -6.636  1.00 25.27 ?  90  GLU A OE1 1 
ATOM   695 O  OE2 . GLU A 1 90 ? -9.199  6.652   -6.787  1.00 28.39 ?  90  GLU A OE2 1 
ATOM   696 N  N   . LYS A 1 91 ? -8.600  2.770   -3.669  1.00 8.61  ?  91  LYS A N   1 
ATOM   697 C  CA  . LYS A 1 91 ? -9.282  1.598   -4.206  1.00 10.27 ?  91  LYS A CA  1 
ATOM   698 C  C   . LYS A 1 91 ? -8.998  1.444   -5.698  1.00 10.24 ?  91  LYS A C   1 
ATOM   699 O  O   . LYS A 1 91 ? -8.937  2.422   -6.440  1.00 11.30 ?  91  LYS A O   1 
ATOM   700 C  CB  . LYS A 1 91 ? -10.782 1.715   -3.957  1.00 13.11 ?  91  LYS A CB  1 
ATOM   701 C  CG  . LYS A 1 91 ? -11.634 0.637   -4.598  1.00 16.66 ?  91  LYS A CG  1 
ATOM   702 C  CD  . LYS A 1 91 ? -13.107 0.976   -4.383  1.00 20.41 ?  91  LYS A CD  1 
ATOM   703 C  CE  . LYS A 1 91 ? -14.007 -0.060  -5.011  1.00 30.63 ?  91  LYS A CE  1 
ATOM   704 N  NZ  . LYS A 1 91 ? -15.072 -0.438  -4.047  1.00 46.77 ?  91  LYS A NZ  1 
ATOM   705 N  N   . ALA A 1 92 ? -8.792  0.206   -6.144  1.00 11.90 ?  92  ALA A N   1 
ATOM   706 C  CA  . ALA A 1 92 ? -8.519  -0.020  -7.560  1.00 12.68 ?  92  ALA A CA  1 
ATOM   707 C  C   . ALA A 1 92 ? -9.799  -0.083  -8.369  1.00 17.25 ?  92  ALA A C   1 
ATOM   708 O  O   . ALA A 1 92 ? -10.799 -0.648  -7.921  1.00 24.42 ?  92  ALA A O   1 
ATOM   709 C  CB  . ALA A 1 92 ? -7.712  -1.300  -7.755  1.00 12.69 ?  92  ALA A CB  1 
HETATM 710 ZN ZN  L ZN  B 2 .  ? 2.425   16.386  1.936   0.31 20.31 ?  101 ZN  A ZN  1 
HETATM 711 ZN ZN  L ZN  C 2 .  ? 0.812   15.186  0.936   0.31 39.53 ?  102 ZN  A ZN  1 
HETATM 712 ZN ZN  L ZN  D 2 .  ? -14.885 -4.421  -4.976  0.21 24.45 ?  103 ZN  A ZN  1 
HETATM 713 ZN ZN  L ZN  E 2 .  ? 13.263  9.558   -1.079  0.51 18.29 ?  104 ZN  A ZN  1 
HETATM 714 ZN ZN  L ZN  F 2 .  ? 12.831  8.462   -3.198  0.19 27.20 ?  105 ZN  A ZN  1 
HETATM 715 O  O   . HOH G 3 .  ? -2.477  -6.910  -9.618  1.00 37.99 ?  201 HOH A O   1 
HETATM 716 O  O   . HOH G 3 .  ? -9.893  4.642   -6.942  1.00 32.62 ?  202 HOH A O   1 
HETATM 717 O  O   . HOH G 3 .  ? -0.807  6.151   -12.393 1.00 22.20 ?  203 HOH A O   1 
HETATM 718 O  O   . HOH G 3 .  ? -15.141 -1.320  -1.912  1.00 26.11 ?  204 HOH A O   1 
HETATM 719 O  O   . HOH G 3 .  ? 7.872   6.970   10.794  1.00 35.88 ?  205 HOH A O   1 
HETATM 720 O  O   . HOH G 3 .  ? 8.068   3.430   10.193  1.00 30.76 ?  206 HOH A O   1 
HETATM 721 O  O   . HOH G 3 .  ? 2.777   -4.688  19.636  1.00 36.51 ?  207 HOH A O   1 
HETATM 722 O  O   . HOH G 3 .  ? 8.145   -11.408 9.410   1.00 32.39 ?  208 HOH A O   1 
HETATM 723 O  O   . HOH G 3 .  ? -14.445 -7.306  -1.926  1.00 39.24 ?  209 HOH A O   1 
HETATM 724 O  O   . HOH G 3 .  ? 7.311   -15.037 -0.830  1.00 25.42 ?  210 HOH A O   1 
HETATM 725 O  O   . HOH G 3 .  ? -13.525 9.448   2.559   1.00 24.35 ?  211 HOH A O   1 
HETATM 726 O  O   . HOH G 3 .  ? -4.134  -4.745  10.121  1.00 11.81 ?  212 HOH A O   1 
HETATM 727 O  O   . HOH G 3 .  ? 8.492   7.308   -9.574  1.00 39.42 ?  213 HOH A O   1 
HETATM 728 O  O   . HOH G 3 .  ? 4.467   -7.421  3.695   1.00 12.52 ?  214 HOH A O   1 
HETATM 729 O  O   . HOH G 3 .  ? -14.577 -8.901  2.093   1.00 23.71 ?  215 HOH A O   1 
HETATM 730 O  O   . HOH G 3 .  ? -2.761  -9.162  -9.390  1.00 38.87 ?  216 HOH A O   1 
HETATM 731 O  O   . HOH G 3 .  ? 9.902   -4.054  -10.315 1.00 25.98 ?  217 HOH A O   1 
HETATM 732 O  O   . HOH G 3 .  ? 2.095   -1.034  -12.935 1.00 29.24 ?  218 HOH A O   1 
HETATM 733 O  O   . HOH G 3 .  ? -12.975 -2.787  -2.508  1.00 31.39 ?  219 HOH A O   1 
HETATM 734 O  O   . HOH G 3 .  ? 0.709   2.335   16.327  1.00 14.43 ?  220 HOH A O   1 
HETATM 735 O  O   . HOH G 3 .  ? -8.810  10.911  -3.592  1.00 14.82 ?  221 HOH A O   1 
HETATM 736 O  O   . HOH G 3 .  ? -1.794  11.829  -2.600  1.00 24.45 ?  222 HOH A O   1 
HETATM 737 O  O   . HOH G 3 .  ? -2.379  1.131   -11.986 1.00 32.36 ?  223 HOH A O   1 
HETATM 738 O  O   . HOH G 3 .  ? 8.770   1.815   8.393   1.00 36.78 ?  224 HOH A O   1 
HETATM 739 O  O   . HOH G 3 .  ? 4.658   11.441  -15.793 1.00 15.90 ?  225 HOH A O   1 
HETATM 740 O  O   . HOH G 3 .  ? -3.451  -3.444  16.205  1.00 25.92 ?  226 HOH A O   1 
HETATM 741 O  O   . HOH G 3 .  ? 5.866   -8.452  -5.781  1.00 19.09 ?  227 HOH A O   1 
HETATM 742 O  O   . HOH G 3 .  ? -8.141  3.852   -8.546  1.00 33.01 ?  228 HOH A O   1 
HETATM 743 O  O   . HOH G 3 .  ? -11.983 7.989   -7.925  1.00 27.93 ?  229 HOH A O   1 
HETATM 744 O  O   . HOH G 3 .  ? -10.419 4.454   -2.339  1.00 9.30  ?  230 HOH A O   1 
HETATM 745 O  O   . HOH G 3 .  ? 6.453   -17.003 1.048   1.00 28.65 ?  231 HOH A O   1 
HETATM 746 O  O   . HOH G 3 .  ? -12.613 -1.975  5.691   1.00 23.95 ?  232 HOH A O   1 
HETATM 747 O  O   . HOH G 3 .  ? -9.496  9.287   -6.313  1.00 31.55 ?  233 HOH A O   1 
HETATM 748 O  O   . HOH G 3 .  ? 10.812  8.534   -5.998  1.00 34.15 ?  234 HOH A O   1 
HETATM 749 O  O   . HOH G 3 .  ? 14.474  7.924   -0.188  1.00 25.91 ?  235 HOH A O   1 
HETATM 750 O  O   . HOH G 3 .  ? 6.646   -5.760  11.642  1.00 24.10 ?  236 HOH A O   1 
HETATM 751 O  O   . HOH G 3 .  ? -0.219  -0.947  16.801  1.00 21.42 ?  237 HOH A O   1 
HETATM 752 O  O   . HOH G 3 .  ? -1.367  9.817   -13.078 1.00 20.72 ?  238 HOH A O   1 
HETATM 753 O  O   . HOH G 3 .  ? -2.014  4.142   10.291  1.00 14.39 ?  239 HOH A O   1 
HETATM 754 O  O   . HOH G 3 .  ? 6.819   8.191   -10.587 1.00 31.33 ?  240 HOH A O   1 
HETATM 755 O  O   . HOH G 3 .  ? -11.002 -2.518  -4.820  1.00 22.18 ?  241 HOH A O   1 
HETATM 756 O  O   . HOH G 3 .  ? -10.949 4.042   9.520   1.00 21.05 ?  242 HOH A O   1 
HETATM 757 O  O   . HOH G 3 .  ? 13.048  2.026   -9.649  1.00 22.59 ?  243 HOH A O   1 
HETATM 758 O  O   . HOH G 3 .  ? 0.390   1.476   9.827   1.00 6.64  ?  244 HOH A O   1 
HETATM 759 O  O   . HOH G 3 .  ? 1.380   -15.289 4.608   1.00 35.61 ?  245 HOH A O   1 
HETATM 760 O  O   . HOH G 3 .  ? 0.186   9.668   -7.442  1.00 30.60 ?  246 HOH A O   1 
HETATM 761 O  O   . HOH G 3 .  ? 12.002  -12.845 -4.984  1.00 20.39 ?  247 HOH A O   1 
HETATM 762 O  O   . HOH G 3 .  ? -8.309  -11.522 -2.700  1.00 31.69 ?  248 HOH A O   1 
HETATM 763 O  O   . HOH G 3 .  ? 10.305  -6.955  7.139   1.00 19.95 ?  249 HOH A O   1 
HETATM 764 O  O   . HOH G 3 .  ? 11.827  -7.090  -0.759  1.00 18.63 ?  250 HOH A O   1 
HETATM 765 O  O   . HOH G 3 .  ? -3.061  5.499   -5.925  1.00 11.46 ?  251 HOH A O   1 
HETATM 766 O  O   . HOH G 3 .  ? -1.492  1.377   7.221   1.00 9.05  ?  252 HOH A O   1 
HETATM 767 O  O   . HOH G 3 .  ? -1.877  -11.079 -4.771  1.00 10.21 ?  253 HOH A O   1 
HETATM 768 O  O   . HOH G 3 .  ? -5.235  10.641  -4.864  1.00 32.28 ?  254 HOH A O   1 
HETATM 769 O  O   . HOH G 3 .  ? 9.492   3.301   6.400   1.00 27.57 ?  255 HOH A O   1 
HETATM 770 O  O   . HOH G 3 .  ? -12.176 -8.778  0.602   1.00 25.20 ?  256 HOH A O   1 
HETATM 771 O  O   . HOH G 3 .  ? -15.885 1.641   -1.767  1.00 37.31 ?  257 HOH A O   1 
HETATM 772 O  O   . HOH G 3 .  ? -10.031 5.875   11.056  1.00 37.87 ?  258 HOH A O   1 
HETATM 773 O  O   . HOH G 3 .  ? 5.602   10.772  -12.188 1.00 22.90 ?  259 HOH A O   1 
HETATM 774 O  O   . HOH G 3 .  ? 0.913   -3.008  20.053  1.00 25.26 ?  260 HOH A O   1 
HETATM 775 O  O   . HOH G 3 .  ? -3.601  -6.452  12.936  1.00 30.19 ?  261 HOH A O   1 
HETATM 776 O  O   . HOH G 3 .  ? -16.183 7.205   -5.081  1.00 33.04 ?  262 HOH A O   1 
HETATM 777 O  O   . HOH G 3 .  ? 1.722   -14.170 2.410   1.00 35.65 ?  263 HOH A O   1 
HETATM 778 O  O   . HOH G 3 .  ? 14.308  -11.719 -9.274  1.00 20.19 ?  264 HOH A O   1 
HETATM 779 O  O   . HOH G 3 .  ? -5.642  5.335   9.184   1.00 27.25 ?  265 HOH A O   1 
HETATM 780 O  O   . HOH G 3 .  ? -0.863  8.046   -10.663 1.00 26.44 ?  266 HOH A O   1 
HETATM 781 O  O   . HOH G 3 .  ? 2.716   10.934  -5.602  1.00 28.31 ?  267 HOH A O   1 
HETATM 782 O  O   . HOH G 3 .  ? -15.099 -5.840  -1.259  1.00 33.39 ?  268 HOH A O   1 
HETATM 783 O  O   . HOH G 3 .  ? 2.291   10.293  -2.979  1.00 30.31 ?  269 HOH A O   1 
HETATM 784 O  O   . HOH G 3 .  ? -11.552 0.815   -10.303 1.00 39.48 ?  270 HOH A O   1 
HETATM 785 O  O   . HOH G 3 .  ? 13.260  2.316   -6.597  1.00 20.07 ?  271 HOH A O   1 
HETATM 786 O  O   . HOH G 3 .  ? 2.947   14.520  -13.260 1.00 31.34 ?  272 HOH A O   1 
HETATM 787 O  O   . HOH G 3 .  ? -11.064 -2.383  7.554   1.00 19.34 ?  273 HOH A O   1 
HETATM 788 O  O   . HOH G 3 .  ? 7.807   2.527   12.788  1.00 19.74 ?  274 HOH A O   1 
HETATM 789 O  O   . HOH G 3 .  ? 13.869  -2.035  -5.159  1.00 22.72 ?  275 HOH A O   1 
HETATM 790 O  O   . HOH G 3 .  ? 0.028   -3.567  -11.403 1.00 24.01 ?  276 HOH A O   1 
HETATM 791 O  O   . HOH G 3 .  ? -3.250  10.995  3.563   1.00 17.48 ?  277 HOH A O   1 
HETATM 792 O  O   . HOH G 3 .  ? -2.991  -12.233 -2.516  1.00 11.14 ?  278 HOH A O   1 
HETATM 793 O  O   . HOH G 3 .  ? 8.705   10.496  -0.854  1.00 21.10 ?  279 HOH A O   1 
HETATM 794 O  O   . HOH G 3 .  ? 4.954   -7.497  -1.232  1.00 15.16 ?  280 HOH A O   1 
HETATM 795 O  O   . HOH G 3 .  ? -5.840  0.210   12.075  1.00 16.59 ?  281 HOH A O   1 
HETATM 796 O  O   . HOH G 3 .  ? -11.074 -5.388  -5.436  1.00 28.09 ?  282 HOH A O   1 
HETATM 797 O  O   . HOH G 3 .  ? 3.360   -12.278 6.436   1.00 31.56 ?  283 HOH A O   1 
HETATM 798 O  O   . HOH G 3 .  ? 6.742   -13.075 6.995   1.00 18.38 ?  284 HOH A O   1 
HETATM 799 O  O   . HOH G 3 .  ? 4.211   -6.583  1.210   1.00 16.35 ?  285 HOH A O   1 
HETATM 800 O  O   . HOH G 3 .  ? 11.172  -0.833  6.402   1.00 20.57 ?  286 HOH A O   1 
HETATM 801 O  O   . HOH G 3 .  ? -0.803  -9.912  9.650   1.00 17.94 ?  287 HOH A O   1 
HETATM 802 O  O   . HOH G 3 .  ? -4.016  11.525  -0.888  1.00 32.67 ?  288 HOH A O   1 
HETATM 803 O  O   . HOH G 3 .  ? 9.410   -1.529  10.809  1.00 30.36 ?  289 HOH A O   1 
HETATM 804 O  O   . HOH G 3 .  ? 0.520   1.098   -14.356 1.00 28.17 ?  290 HOH A O   1 
HETATM 805 O  O   . HOH G 3 .  ? 2.425   -7.531  16.008  1.00 14.55 ?  291 HOH A O   1 
HETATM 806 O  O   . HOH G 3 .  ? 10.739  -2.580  8.192   1.00 24.61 ?  292 HOH A O   1 
HETATM 807 O  O   . HOH G 3 .  ? -13.864 5.936   -1.422  1.00 31.03 ?  293 HOH A O   1 
HETATM 808 O  O   . HOH G 3 .  ? -6.675  -6.964  16.079  1.00 32.76 ?  294 HOH A O   1 
HETATM 809 O  O   . HOH G 3 .  ? -11.342 -5.438  6.202   1.00 23.05 ?  295 HOH A O   1 
HETATM 810 O  O   . HOH G 3 .  ? 12.236  11.186  -1.707  1.00 29.42 ?  296 HOH A O   1 
HETATM 811 O  O   . HOH G 3 .  ? -4.764  2.404   12.991  1.00 18.66 ?  297 HOH A O   1 
HETATM 812 O  O   . HOH G 3 .  ? 6.561   -1.720  19.839  1.00 21.63 ?  298 HOH A O   1 
HETATM 813 O  O   . HOH G 3 .  ? -15.002 4.937   3.422   1.00 23.63 ?  299 HOH A O   1 
HETATM 814 O  O   . HOH G 3 .  ? 1.853   -11.507 8.958   1.00 32.89 ?  300 HOH A O   1 
HETATM 815 O  O   . HOH G 3 .  ? -0.258  -13.363 7.017   1.00 20.82 ?  301 HOH A O   1 
HETATM 816 O  O   . HOH G 3 .  ? 8.292   0.779   9.381   1.00 27.98 ?  302 HOH A O   1 
HETATM 817 O  O   . HOH G 3 .  ? 4.494   7.529   11.942  1.00 40.82 ?  303 HOH A O   1 
HETATM 818 O  O   . HOH G 3 .  ? -2.473  5.848   7.910   1.00 28.45 ?  304 HOH A O   1 
HETATM 819 O  O   . HOH G 3 .  ? -5.891  -6.850  11.167  1.00 21.89 ?  305 HOH A O   1 
HETATM 820 O  O   . HOH G 3 .  ? -3.105  6.037   11.981  1.00 24.17 ?  306 HOH A O   1 
HETATM 821 O  O   . HOH G 3 .  ? 8.163   -0.172  18.661  1.00 26.35 ?  307 HOH A O   1 
HETATM 822 O  O   . HOH G 3 .  ? 8.923   -5.909  9.856   1.00 39.39 ?  308 HOH A O   1 
HETATM 823 O  O   . HOH G 3 .  ? 6.062   -5.598  18.969  1.00 31.85 ?  309 HOH A O   1 
HETATM 824 O  O   . HOH G 3 .  ? 13.477  10.744  0.712   1.00 31.84 ?  310 HOH A O   1 
HETATM 825 O  O   . HOH G 3 .  ? 8.667   -7.462  11.307  1.00 43.91 ?  311 HOH A O   1 
HETATM 826 O  O   . HOH G 3 .  ? -5.505  -7.067  13.801  1.00 29.39 ?  312 HOH A O   1 
HETATM 827 O  O   . HOH G 3 .  ? -0.565  -17.663 -0.258  1.00 36.99 ?  313 HOH A O   1 
HETATM 828 O  O   . HOH G 3 .  ? 9.914   -12.242 -8.443  1.00 24.80 ?  314 HOH A O   1 
HETATM 829 O  O   . HOH G 3 .  ? 6.728   -14.720 8.807   1.00 28.64 ?  315 HOH A O   1 
HETATM 830 O  O   . HOH G 3 .  ? -14.520 -6.605  -4.149  1.00 40.70 ?  316 HOH A O   1 
HETATM 831 O  O   . HOH G 3 .  ? -4.069  1.380   15.508  1.00 26.44 ?  317 HOH A O   1 
HETATM 832 O  O   . HOH G 3 .  ? 10.021  -13.283 -5.990  1.00 22.82 ?  318 HOH A O   1 
HETATM 833 O  O   . HOH G 3 .  ? 10.908  1.086   6.673   1.00 34.89 ?  319 HOH A O   1 
HETATM 834 O  O   . HOH G 3 .  ? 11.673  4.281   6.842   1.00 26.82 ?  320 HOH A O   1 
HETATM 835 O  O   . HOH G 3 .  ? 11.765  -11.847 -10.474 1.00 26.13 ?  321 HOH A O   1 
HETATM 836 O  O   . HOH G 3 .  ? -0.245  -15.146 0.506   1.00 25.03 ?  322 HOH A O   1 
HETATM 837 O  O   . HOH G 3 .  ? 1.943   -7.232  18.621  1.00 22.96 ?  323 HOH A O   1 
HETATM 838 O  O   . HOH G 3 .  ? -1.864  2.899   17.237  1.00 20.31 ?  324 HOH A O   1 
HETATM 839 O  O   . HOH G 3 .  ? 15.125  -5.477  -2.435  1.00 28.75 ?  325 HOH A O   1 
HETATM 840 O  O   . HOH G 3 .  ? 12.896  -8.263  -3.517  1.00 33.63 ?  326 HOH A O   1 
HETATM 841 O  O   . HOH G 3 .  ? 9.491   -8.561  9.372   1.00 24.98 ?  327 HOH A O   1 
HETATM 842 O  O   . HOH G 3 .  ? 14.107  -6.278  -5.082  1.00 32.22 ?  328 HOH A O   1 
HETATM 843 O  O   . HOH G 3 .  ? -5.942  4.482   16.396  1.00 27.30 ?  329 HOH A O   1 
HETATM 844 O  O   . HOH G 3 .  ? -21.726 13.853  -6.963  1.00 39.95 ?  330 HOH A O   1 
HETATM 845 O  O   . HOH G 3 .  ? 4.359   -11.294 14.730  1.00 35.51 ?  331 HOH A O   1 
HETATM 846 O  O   . HOH G 3 .  ? -12.120 -2.219  14.322  1.00 32.82 ?  332 HOH A O   1 
HETATM 847 O  O   . HOH G 3 .  ? -2.243  12.716  -5.145  1.00 28.52 ?  333 HOH A O   1 
HETATM 848 O  O   . HOH G 3 .  ? 3.293   13.400  -5.745  1.00 39.69 ?  334 HOH A O   1 
HETATM 849 O  O   . HOH G 3 .  ? -16.554 3.844   -0.413  1.00 27.72 ?  335 HOH A O   1 
HETATM 850 O  O   . HOH G 3 .  ? -11.769 2.658   11.465  1.00 39.92 ?  336 HOH A O   1 
HETATM 851 O  O   . HOH G 3 .  ? 12.823  -5.161  -10.111 1.00 39.43 ?  337 HOH A O   1 
HETATM 852 O  O   . HOH G 3 .  ? -0.452  14.676  -5.223  1.00 36.67 ?  338 HOH A O   1 
# 
